data_3CNU
# 
_entry.id   3CNU 
# 
_audit_conform.dict_name       mmcif_pdbx.dic 
_audit_conform.dict_version    5.387 
_audit_conform.dict_location   http://mmcif.pdb.org/dictionaries/ascii/mmcif_pdbx.dic 
# 
loop_
_database_2.database_id 
_database_2.database_code 
_database_2.pdbx_database_accession 
_database_2.pdbx_DOI 
PDB   3CNU         pdb_00003cnu 10.2210/pdb3cnu/pdb 
RCSB  RCSB047000   ?            ?                   
WWPDB D_1000047000 ?            ?                   
# 
loop_
_pdbx_audit_revision_history.ordinal 
_pdbx_audit_revision_history.data_content_type 
_pdbx_audit_revision_history.major_revision 
_pdbx_audit_revision_history.minor_revision 
_pdbx_audit_revision_history.revision_date 
1 'Structure model' 1 0 2008-04-15 
2 'Structure model' 1 1 2011-07-13 
3 'Structure model' 1 2 2024-02-21 
# 
_pdbx_audit_revision_details.ordinal             1 
_pdbx_audit_revision_details.revision_ordinal    1 
_pdbx_audit_revision_details.data_content_type   'Structure model' 
_pdbx_audit_revision_details.provider            repository 
_pdbx_audit_revision_details.type                'Initial release' 
_pdbx_audit_revision_details.description         ? 
_pdbx_audit_revision_details.details             ? 
# 
loop_
_pdbx_audit_revision_group.ordinal 
_pdbx_audit_revision_group.revision_ordinal 
_pdbx_audit_revision_group.data_content_type 
_pdbx_audit_revision_group.group 
1 2 'Structure model' Advisory                    
2 2 'Structure model' 'Version format compliance' 
3 3 'Structure model' 'Data collection'           
4 3 'Structure model' 'Database references'       
# 
loop_
_pdbx_audit_revision_category.ordinal 
_pdbx_audit_revision_category.revision_ordinal 
_pdbx_audit_revision_category.data_content_type 
_pdbx_audit_revision_category.category 
1 3 'Structure model' chem_comp_atom 
2 3 'Structure model' chem_comp_bond 
3 3 'Structure model' database_2     
# 
loop_
_pdbx_audit_revision_item.ordinal 
_pdbx_audit_revision_item.revision_ordinal 
_pdbx_audit_revision_item.data_content_type 
_pdbx_audit_revision_item.item 
1 3 'Structure model' '_database_2.pdbx_DOI'                
2 3 'Structure model' '_database_2.pdbx_database_accession' 
# 
_pdbx_database_status.status_code                     REL 
_pdbx_database_status.entry_id                        3CNU 
_pdbx_database_status.recvd_initial_deposition_date   2008-03-26 
_pdbx_database_status.deposit_site                    RCSB 
_pdbx_database_status.process_site                    RCSB 
_pdbx_database_status.status_code_sf                  REL 
_pdbx_database_status.status_code_mr                  ? 
_pdbx_database_status.SG_entry                        Y 
_pdbx_database_status.pdb_format_compatible           Y 
_pdbx_database_status.status_code_cs                  ? 
_pdbx_database_status.status_code_nmr_data            ? 
_pdbx_database_status.methods_development_category    ? 
# 
_pdbx_database_related.db_name        TargetDB 
_pdbx_database_related.db_id          APC7557 
_pdbx_database_related.details        . 
_pdbx_database_related.content_type   unspecified 
# 
loop_
_audit_author.name 
_audit_author.pdbx_ordinal 
'Zhang, R.'                                     1 
'Evdokimova, E.'                                2 
'Kudritska, M.'                                 3 
'Savchenko, A.'                                 4 
'Edwards, A.M.'                                 5 
'Joachimiak, A.'                                6 
'Midwest Center for Structural Genomics (MCSG)' 7 
# 
_citation.id                        primary 
_citation.title                     'The crystal structure of the predicted coding region AF_1534 from Archaeoglobus fulgidus.' 
_citation.journal_abbrev            'To be Published' 
_citation.journal_volume            ? 
_citation.page_first                ? 
_citation.page_last                 ? 
_citation.year                      ? 
_citation.journal_id_ASTM           ? 
_citation.country                   ? 
_citation.journal_id_ISSN           ? 
_citation.journal_id_CSD            0353 
_citation.book_publisher            ? 
_citation.pdbx_database_id_PubMed   ? 
_citation.pdbx_database_id_DOI      ? 
# 
loop_
_citation_author.citation_id 
_citation_author.name 
_citation_author.ordinal 
_citation_author.identifier_ORCID 
primary 'Zhang, R.'      1 ? 
primary 'Evdokimova, E.' 2 ? 
primary 'Kudritska, M.'  3 ? 
primary 'Savchenko, A.'  4 ? 
primary 'Edwards, A.M.'  5 ? 
primary 'Joachimiak, A.' 6 ? 
# 
loop_
_entity.id 
_entity.type 
_entity.src_method 
_entity.pdbx_description 
_entity.formula_weight 
_entity.pdbx_number_of_molecules 
_entity.pdbx_ec 
_entity.pdbx_mutation 
_entity.pdbx_fragment 
_entity.details 
1 polymer man 'Predicted coding region AF_1534' 13169.036 1  ? ? ? ? 
2 water   nat water                             18.015    89 ? ? ? ? 
# 
_entity_poly.entity_id                      1 
_entity_poly.type                           'polypeptide(L)' 
_entity_poly.nstd_linkage                   no 
_entity_poly.nstd_monomer                   no 
_entity_poly.pdbx_seq_one_letter_code       
;MSEAKELIKKMCDLQNSNEEIQKEMAGWSGVVQYKLDGEEFYVEYKSDGTCEFKEGVHSSPTFTVVAPPDFWLAVLKGQE
DPVSGFMMGKYRIEGNIMEAQRLAGVIKKFQGKFEL
;
_entity_poly.pdbx_seq_one_letter_code_can   
;MSEAKELIKKMCDLQNSNEEIQKEMAGWSGVVQYKLDGEEFYVEYKSDGTCEFKEGVHSSPTFTVVAPPDFWLAVLKGQE
DPVSGFMMGKYRIEGNIMEAQRLAGVIKKFQGKFEL
;
_entity_poly.pdbx_strand_id                 A 
_entity_poly.pdbx_target_identifier         APC7557 
# 
_pdbx_entity_nonpoly.entity_id   2 
_pdbx_entity_nonpoly.name        water 
_pdbx_entity_nonpoly.comp_id     HOH 
# 
loop_
_entity_poly_seq.entity_id 
_entity_poly_seq.num 
_entity_poly_seq.mon_id 
_entity_poly_seq.hetero 
1 1   MET n 
1 2   SER n 
1 3   GLU n 
1 4   ALA n 
1 5   LYS n 
1 6   GLU n 
1 7   LEU n 
1 8   ILE n 
1 9   LYS n 
1 10  LYS n 
1 11  MET n 
1 12  CYS n 
1 13  ASP n 
1 14  LEU n 
1 15  GLN n 
1 16  ASN n 
1 17  SER n 
1 18  ASN n 
1 19  GLU n 
1 20  GLU n 
1 21  ILE n 
1 22  GLN n 
1 23  LYS n 
1 24  GLU n 
1 25  MET n 
1 26  ALA n 
1 27  GLY n 
1 28  TRP n 
1 29  SER n 
1 30  GLY n 
1 31  VAL n 
1 32  VAL n 
1 33  GLN n 
1 34  TYR n 
1 35  LYS n 
1 36  LEU n 
1 37  ASP n 
1 38  GLY n 
1 39  GLU n 
1 40  GLU n 
1 41  PHE n 
1 42  TYR n 
1 43  VAL n 
1 44  GLU n 
1 45  TYR n 
1 46  LYS n 
1 47  SER n 
1 48  ASP n 
1 49  GLY n 
1 50  THR n 
1 51  CYS n 
1 52  GLU n 
1 53  PHE n 
1 54  LYS n 
1 55  GLU n 
1 56  GLY n 
1 57  VAL n 
1 58  HIS n 
1 59  SER n 
1 60  SER n 
1 61  PRO n 
1 62  THR n 
1 63  PHE n 
1 64  THR n 
1 65  VAL n 
1 66  VAL n 
1 67  ALA n 
1 68  PRO n 
1 69  PRO n 
1 70  ASP n 
1 71  PHE n 
1 72  TRP n 
1 73  LEU n 
1 74  ALA n 
1 75  VAL n 
1 76  LEU n 
1 77  LYS n 
1 78  GLY n 
1 79  GLN n 
1 80  GLU n 
1 81  ASP n 
1 82  PRO n 
1 83  VAL n 
1 84  SER n 
1 85  GLY n 
1 86  PHE n 
1 87  MET n 
1 88  MET n 
1 89  GLY n 
1 90  LYS n 
1 91  TYR n 
1 92  ARG n 
1 93  ILE n 
1 94  GLU n 
1 95  GLY n 
1 96  ASN n 
1 97  ILE n 
1 98  MET n 
1 99  GLU n 
1 100 ALA n 
1 101 GLN n 
1 102 ARG n 
1 103 LEU n 
1 104 ALA n 
1 105 GLY n 
1 106 VAL n 
1 107 ILE n 
1 108 LYS n 
1 109 LYS n 
1 110 PHE n 
1 111 GLN n 
1 112 GLY n 
1 113 LYS n 
1 114 PHE n 
1 115 GLU n 
1 116 LEU n 
# 
_entity_src_gen.entity_id                          1 
_entity_src_gen.pdbx_src_id                        1 
_entity_src_gen.pdbx_alt_source_flag               sample 
_entity_src_gen.pdbx_seq_type                      ? 
_entity_src_gen.pdbx_beg_seq_num                   ? 
_entity_src_gen.pdbx_end_seq_num                   ? 
_entity_src_gen.gene_src_common_name               ? 
_entity_src_gen.gene_src_genus                     Archaeoglobus 
_entity_src_gen.pdbx_gene_src_gene                 'GI:2649030, AF_1534' 
_entity_src_gen.gene_src_species                   'Archaeoglobus fulgidus' 
_entity_src_gen.gene_src_strain                    'DSM 4304 / VC-16 / JCM 9628 / NBRC 100126' 
_entity_src_gen.gene_src_tissue                    ? 
_entity_src_gen.gene_src_tissue_fraction           ? 
_entity_src_gen.gene_src_details                   ? 
_entity_src_gen.pdbx_gene_src_fragment             ? 
_entity_src_gen.pdbx_gene_src_scientific_name      'Archaeoglobus fulgidus DSM 4304' 
_entity_src_gen.pdbx_gene_src_ncbi_taxonomy_id     224325 
_entity_src_gen.pdbx_gene_src_variant              ? 
_entity_src_gen.pdbx_gene_src_cell_line            ? 
_entity_src_gen.pdbx_gene_src_atcc                 49558 
_entity_src_gen.pdbx_gene_src_organ                ? 
_entity_src_gen.pdbx_gene_src_organelle            ? 
_entity_src_gen.pdbx_gene_src_cell                 ? 
_entity_src_gen.pdbx_gene_src_cellular_location    ? 
_entity_src_gen.host_org_common_name               ? 
_entity_src_gen.pdbx_host_org_scientific_name      'Escherichia coli BL21' 
_entity_src_gen.pdbx_host_org_ncbi_taxonomy_id     511693 
_entity_src_gen.host_org_genus                     Escherichia 
_entity_src_gen.pdbx_host_org_gene                 ? 
_entity_src_gen.pdbx_host_org_organ                ? 
_entity_src_gen.host_org_species                   'Escherichia coli' 
_entity_src_gen.pdbx_host_org_tissue               ? 
_entity_src_gen.pdbx_host_org_tissue_fraction      ? 
_entity_src_gen.pdbx_host_org_strain               BL21 
_entity_src_gen.pdbx_host_org_variant              ? 
_entity_src_gen.pdbx_host_org_cell_line            ? 
_entity_src_gen.pdbx_host_org_atcc                 ? 
_entity_src_gen.pdbx_host_org_culture_collection   ? 
_entity_src_gen.pdbx_host_org_cell                 ? 
_entity_src_gen.pdbx_host_org_organelle            ? 
_entity_src_gen.pdbx_host_org_cellular_location    ? 
_entity_src_gen.pdbx_host_org_vector_type          Plasmid 
_entity_src_gen.pdbx_host_org_vector               ? 
_entity_src_gen.host_org_details                   ? 
_entity_src_gen.expression_system_id               ? 
_entity_src_gen.plasmid_name                       pET15b 
_entity_src_gen.plasmid_details                    ? 
_entity_src_gen.pdbx_description                   ? 
# 
loop_
_chem_comp.id 
_chem_comp.type 
_chem_comp.mon_nstd_flag 
_chem_comp.name 
_chem_comp.pdbx_synonyms 
_chem_comp.formula 
_chem_comp.formula_weight 
ALA 'L-peptide linking' y ALANINE         ? 'C3 H7 N O2'     89.093  
ARG 'L-peptide linking' y ARGININE        ? 'C6 H15 N4 O2 1' 175.209 
ASN 'L-peptide linking' y ASPARAGINE      ? 'C4 H8 N2 O3'    132.118 
ASP 'L-peptide linking' y 'ASPARTIC ACID' ? 'C4 H7 N O4'     133.103 
CYS 'L-peptide linking' y CYSTEINE        ? 'C3 H7 N O2 S'   121.158 
GLN 'L-peptide linking' y GLUTAMINE       ? 'C5 H10 N2 O3'   146.144 
GLU 'L-peptide linking' y 'GLUTAMIC ACID' ? 'C5 H9 N O4'     147.129 
GLY 'peptide linking'   y GLYCINE         ? 'C2 H5 N O2'     75.067  
HIS 'L-peptide linking' y HISTIDINE       ? 'C6 H10 N3 O2 1' 156.162 
HOH non-polymer         . WATER           ? 'H2 O'           18.015  
ILE 'L-peptide linking' y ISOLEUCINE      ? 'C6 H13 N O2'    131.173 
LEU 'L-peptide linking' y LEUCINE         ? 'C6 H13 N O2'    131.173 
LYS 'L-peptide linking' y LYSINE          ? 'C6 H15 N2 O2 1' 147.195 
MET 'L-peptide linking' y METHIONINE      ? 'C5 H11 N O2 S'  149.211 
PHE 'L-peptide linking' y PHENYLALANINE   ? 'C9 H11 N O2'    165.189 
PRO 'L-peptide linking' y PROLINE         ? 'C5 H9 N O2'     115.130 
SER 'L-peptide linking' y SERINE          ? 'C3 H7 N O3'     105.093 
THR 'L-peptide linking' y THREONINE       ? 'C4 H9 N O3'     119.119 
TRP 'L-peptide linking' y TRYPTOPHAN      ? 'C11 H12 N2 O2'  204.225 
TYR 'L-peptide linking' y TYROSINE        ? 'C9 H11 N O3'    181.189 
VAL 'L-peptide linking' y VALINE          ? 'C5 H11 N O2'    117.146 
# 
loop_
_pdbx_poly_seq_scheme.asym_id 
_pdbx_poly_seq_scheme.entity_id 
_pdbx_poly_seq_scheme.seq_id 
_pdbx_poly_seq_scheme.mon_id 
_pdbx_poly_seq_scheme.ndb_seq_num 
_pdbx_poly_seq_scheme.pdb_seq_num 
_pdbx_poly_seq_scheme.auth_seq_num 
_pdbx_poly_seq_scheme.pdb_mon_id 
_pdbx_poly_seq_scheme.auth_mon_id 
_pdbx_poly_seq_scheme.pdb_strand_id 
_pdbx_poly_seq_scheme.pdb_ins_code 
_pdbx_poly_seq_scheme.hetero 
A 1 1   MET 1   1   1   MET MET A . n 
A 1 2   SER 2   2   2   SER SER A . n 
A 1 3   GLU 3   3   3   GLU GLU A . n 
A 1 4   ALA 4   4   4   ALA ALA A . n 
A 1 5   LYS 5   5   5   LYS LYS A . n 
A 1 6   GLU 6   6   6   GLU GLU A . n 
A 1 7   LEU 7   7   7   LEU LEU A . n 
A 1 8   ILE 8   8   8   ILE ILE A . n 
A 1 9   LYS 9   9   9   LYS LYS A . n 
A 1 10  LYS 10  10  10  LYS LYS A . n 
A 1 11  MET 11  11  11  MET MET A . n 
A 1 12  CYS 12  12  12  CYS CYS A . n 
A 1 13  ASP 13  13  13  ASP ASP A . n 
A 1 14  LEU 14  14  14  LEU LEU A . n 
A 1 15  GLN 15  15  15  GLN GLN A . n 
A 1 16  ASN 16  16  16  ASN ASN A . n 
A 1 17  SER 17  17  17  SER SER A . n 
A 1 18  ASN 18  18  18  ASN ASN A . n 
A 1 19  GLU 19  19  19  GLU GLU A . n 
A 1 20  GLU 20  20  20  GLU GLU A . n 
A 1 21  ILE 21  21  21  ILE ILE A . n 
A 1 22  GLN 22  22  22  GLN GLN A . n 
A 1 23  LYS 23  23  23  LYS LYS A . n 
A 1 24  GLU 24  24  24  GLU GLU A . n 
A 1 25  MET 25  25  25  MET MET A . n 
A 1 26  ALA 26  26  26  ALA ALA A . n 
A 1 27  GLY 27  27  27  GLY GLY A . n 
A 1 28  TRP 28  28  28  TRP TRP A . n 
A 1 29  SER 29  29  29  SER SER A . n 
A 1 30  GLY 30  30  30  GLY GLY A . n 
A 1 31  VAL 31  31  31  VAL VAL A . n 
A 1 32  VAL 32  32  32  VAL VAL A . n 
A 1 33  GLN 33  33  33  GLN GLN A . n 
A 1 34  TYR 34  34  34  TYR TYR A . n 
A 1 35  LYS 35  35  35  LYS LYS A . n 
A 1 36  LEU 36  36  36  LEU LEU A . n 
A 1 37  ASP 37  37  37  ASP ASP A . n 
A 1 38  GLY 38  38  38  GLY GLY A . n 
A 1 39  GLU 39  39  39  GLU GLU A . n 
A 1 40  GLU 40  40  40  GLU GLU A . n 
A 1 41  PHE 41  41  41  PHE PHE A . n 
A 1 42  TYR 42  42  42  TYR TYR A . n 
A 1 43  VAL 43  43  43  VAL VAL A . n 
A 1 44  GLU 44  44  44  GLU GLU A . n 
A 1 45  TYR 45  45  45  TYR TYR A . n 
A 1 46  LYS 46  46  46  LYS LYS A . n 
A 1 47  SER 47  47  47  SER SER A . n 
A 1 48  ASP 48  48  48  ASP ASP A . n 
A 1 49  GLY 49  49  49  GLY GLY A . n 
A 1 50  THR 50  50  50  THR THR A . n 
A 1 51  CYS 51  51  51  CYS CYS A . n 
A 1 52  GLU 52  52  52  GLU GLU A . n 
A 1 53  PHE 53  53  53  PHE PHE A . n 
A 1 54  LYS 54  54  54  LYS LYS A . n 
A 1 55  GLU 55  55  55  GLU GLU A . n 
A 1 56  GLY 56  56  56  GLY GLY A . n 
A 1 57  VAL 57  57  57  VAL VAL A . n 
A 1 58  HIS 58  58  58  HIS HIS A . n 
A 1 59  SER 59  59  59  SER SER A . n 
A 1 60  SER 60  60  60  SER SER A . n 
A 1 61  PRO 61  61  61  PRO PRO A . n 
A 1 62  THR 62  62  62  THR THR A . n 
A 1 63  PHE 63  63  63  PHE PHE A . n 
A 1 64  THR 64  64  64  THR THR A . n 
A 1 65  VAL 65  65  65  VAL VAL A . n 
A 1 66  VAL 66  66  66  VAL VAL A . n 
A 1 67  ALA 67  67  67  ALA ALA A . n 
A 1 68  PRO 68  68  68  PRO PRO A . n 
A 1 69  PRO 69  69  69  PRO PRO A . n 
A 1 70  ASP 70  70  70  ASP ASP A . n 
A 1 71  PHE 71  71  71  PHE PHE A . n 
A 1 72  TRP 72  72  72  TRP TRP A . n 
A 1 73  LEU 73  73  73  LEU LEU A . n 
A 1 74  ALA 74  74  74  ALA ALA A . n 
A 1 75  VAL 75  75  75  VAL VAL A . n 
A 1 76  LEU 76  76  76  LEU LEU A . n 
A 1 77  LYS 77  77  77  LYS LYS A . n 
A 1 78  GLY 78  78  78  GLY GLY A . n 
A 1 79  GLN 79  79  79  GLN GLN A . n 
A 1 80  GLU 80  80  80  GLU GLU A . n 
A 1 81  ASP 81  81  81  ASP ASP A . n 
A 1 82  PRO 82  82  82  PRO PRO A . n 
A 1 83  VAL 83  83  83  VAL VAL A . n 
A 1 84  SER 84  84  84  SER SER A . n 
A 1 85  GLY 85  85  85  GLY GLY A . n 
A 1 86  PHE 86  86  86  PHE PHE A . n 
A 1 87  MET 87  87  87  MET MET A . n 
A 1 88  MET 88  88  88  MET MET A . n 
A 1 89  GLY 89  89  89  GLY GLY A . n 
A 1 90  LYS 90  90  90  LYS LYS A . n 
A 1 91  TYR 91  91  91  TYR TYR A . n 
A 1 92  ARG 92  92  92  ARG ARG A . n 
A 1 93  ILE 93  93  93  ILE ILE A . n 
A 1 94  GLU 94  94  94  GLU GLU A . n 
A 1 95  GLY 95  95  95  GLY GLY A . n 
A 1 96  ASN 96  96  96  ASN ASN A . n 
A 1 97  ILE 97  97  97  ILE ILE A . n 
A 1 98  MET 98  98  98  MET MET A . n 
A 1 99  GLU 99  99  99  GLU GLU A . n 
A 1 100 ALA 100 100 100 ALA ALA A . n 
A 1 101 GLN 101 101 101 GLN GLN A . n 
A 1 102 ARG 102 102 102 ARG ARG A . n 
A 1 103 LEU 103 103 103 LEU LEU A . n 
A 1 104 ALA 104 104 104 ALA ALA A . n 
A 1 105 GLY 105 105 105 GLY GLY A . n 
A 1 106 VAL 106 106 106 VAL VAL A . n 
A 1 107 ILE 107 107 107 ILE ILE A . n 
A 1 108 LYS 108 108 108 LYS LYS A . n 
A 1 109 LYS 109 109 109 LYS LYS A . n 
A 1 110 PHE 110 110 110 PHE PHE A . n 
A 1 111 GLN 111 111 ?   ?   ?   A . n 
A 1 112 GLY 112 112 ?   ?   ?   A . n 
A 1 113 LYS 113 113 ?   ?   ?   A . n 
A 1 114 PHE 114 114 ?   ?   ?   A . n 
A 1 115 GLU 115 115 ?   ?   ?   A . n 
A 1 116 LEU 116 116 ?   ?   ?   A . n 
# 
loop_
_pdbx_nonpoly_scheme.asym_id 
_pdbx_nonpoly_scheme.entity_id 
_pdbx_nonpoly_scheme.mon_id 
_pdbx_nonpoly_scheme.ndb_seq_num 
_pdbx_nonpoly_scheme.pdb_seq_num 
_pdbx_nonpoly_scheme.auth_seq_num 
_pdbx_nonpoly_scheme.pdb_mon_id 
_pdbx_nonpoly_scheme.auth_mon_id 
_pdbx_nonpoly_scheme.pdb_strand_id 
_pdbx_nonpoly_scheme.pdb_ins_code 
B 2 HOH 1  117 1  HOH HOH A . 
B 2 HOH 2  118 2  HOH HOH A . 
B 2 HOH 3  119 3  HOH HOH A . 
B 2 HOH 4  120 4  HOH HOH A . 
B 2 HOH 5  121 5  HOH HOH A . 
B 2 HOH 6  122 7  HOH HOH A . 
B 2 HOH 7  123 10 HOH HOH A . 
B 2 HOH 8  124 12 HOH HOH A . 
B 2 HOH 9  125 14 HOH HOH A . 
B 2 HOH 10 126 15 HOH HOH A . 
B 2 HOH 11 127 17 HOH HOH A . 
B 2 HOH 12 128 18 HOH HOH A . 
B 2 HOH 13 129 19 HOH HOH A . 
B 2 HOH 14 130 20 HOH HOH A . 
B 2 HOH 15 131 21 HOH HOH A . 
B 2 HOH 16 132 22 HOH HOH A . 
B 2 HOH 17 133 23 HOH HOH A . 
B 2 HOH 18 134 24 HOH HOH A . 
B 2 HOH 19 135 25 HOH HOH A . 
B 2 HOH 20 136 26 HOH HOH A . 
B 2 HOH 21 137 27 HOH HOH A . 
B 2 HOH 22 138 28 HOH HOH A . 
B 2 HOH 23 139 29 HOH HOH A . 
B 2 HOH 24 140 30 HOH HOH A . 
B 2 HOH 25 141 31 HOH HOH A . 
B 2 HOH 26 142 32 HOH HOH A . 
B 2 HOH 27 143 33 HOH HOH A . 
B 2 HOH 28 144 34 HOH HOH A . 
B 2 HOH 29 145 36 HOH HOH A . 
B 2 HOH 30 146 37 HOH HOH A . 
B 2 HOH 31 147 38 HOH HOH A . 
B 2 HOH 32 148 39 HOH HOH A . 
B 2 HOH 33 149 40 HOH HOH A . 
B 2 HOH 34 150 41 HOH HOH A . 
B 2 HOH 35 151 43 HOH HOH A . 
B 2 HOH 36 152 44 HOH HOH A . 
B 2 HOH 37 153 45 HOH HOH A . 
B 2 HOH 38 154 46 HOH HOH A . 
B 2 HOH 39 155 48 HOH HOH A . 
B 2 HOH 40 156 49 HOH HOH A . 
B 2 HOH 41 157 50 HOH HOH A . 
B 2 HOH 42 158 51 HOH HOH A . 
B 2 HOH 43 159 52 HOH HOH A . 
B 2 HOH 44 160 53 HOH HOH A . 
B 2 HOH 45 161 57 HOH HOH A . 
B 2 HOH 46 162 58 HOH HOH A . 
B 2 HOH 47 163 59 HOH HOH A . 
B 2 HOH 48 164 60 HOH HOH A . 
B 2 HOH 49 165 61 HOH HOH A . 
B 2 HOH 50 166 62 HOH HOH A . 
B 2 HOH 51 167 63 HOH HOH A . 
B 2 HOH 52 168 64 HOH HOH A . 
B 2 HOH 53 169 65 HOH HOH A . 
B 2 HOH 54 170 66 HOH HOH A . 
B 2 HOH 55 171 67 HOH HOH A . 
B 2 HOH 56 172 69 HOH HOH A . 
B 2 HOH 57 173 70 HOH HOH A . 
B 2 HOH 58 174 71 HOH HOH A . 
B 2 HOH 59 175 72 HOH HOH A . 
B 2 HOH 60 176 73 HOH HOH A . 
B 2 HOH 61 177 74 HOH HOH A . 
B 2 HOH 62 178 75 HOH HOH A . 
B 2 HOH 63 179 76 HOH HOH A . 
B 2 HOH 64 180 77 HOH HOH A . 
B 2 HOH 65 181 78 HOH HOH A . 
B 2 HOH 66 182 79 HOH HOH A . 
B 2 HOH 67 183 80 HOH HOH A . 
B 2 HOH 68 184 81 HOH HOH A . 
B 2 HOH 69 185 82 HOH HOH A . 
B 2 HOH 70 186 83 HOH HOH A . 
B 2 HOH 71 187 84 HOH HOH A . 
B 2 HOH 72 188 86 HOH HOH A . 
B 2 HOH 73 189 89 HOH HOH A . 
B 2 HOH 74 190 90 HOH HOH A . 
B 2 HOH 75 191 91 HOH HOH A . 
B 2 HOH 76 192 92 HOH HOH A . 
B 2 HOH 77 193 94 HOH HOH A . 
B 2 HOH 78 194 95 HOH HOH A . 
B 2 HOH 79 195 96 HOH HOH A . 
B 2 HOH 80 196 97 HOH HOH A . 
B 2 HOH 81 197 1  HOH HOH A . 
B 2 HOH 82 198 2  HOH HOH A . 
B 2 HOH 83 199 3  HOH HOH A . 
B 2 HOH 84 200 4  HOH HOH A . 
B 2 HOH 85 201 5  HOH HOH A . 
B 2 HOH 86 202 6  HOH HOH A . 
B 2 HOH 87 203 7  HOH HOH A . 
B 2 HOH 88 204 8  HOH HOH A . 
B 2 HOH 89 205 9  HOH HOH A . 
# 
loop_
_software.name 
_software.classification 
_software.version 
_software.citation_id 
_software.pdbx_ordinal 
REFMAC      refinement        5.2.0019 ? 1 
SBC-Collect 'data collection' .        ? 2 
HKL-3000    'data reduction'  .        ? 3 
HKL-3000    'data scaling'    .        ? 4 
HKL-3000    phasing           .        ? 5 
# 
_cell.entry_id           3CNU 
_cell.length_a           55.734 
_cell.length_b           57.614 
_cell.length_c           68.687 
_cell.angle_alpha        90.00 
_cell.angle_beta         90.00 
_cell.angle_gamma        90.00 
_cell.Z_PDB              8 
_cell.pdbx_unique_axis   ? 
_cell.length_a_esd       ? 
_cell.length_b_esd       ? 
_cell.length_c_esd       ? 
_cell.angle_alpha_esd    ? 
_cell.angle_beta_esd     ? 
_cell.angle_gamma_esd    ? 
# 
_symmetry.entry_id                         3CNU 
_symmetry.space_group_name_H-M             'I 2 2 2' 
_symmetry.pdbx_full_space_group_name_H-M   ? 
_symmetry.cell_setting                     ? 
_symmetry.Int_Tables_number                23 
_symmetry.space_group_name_Hall            ? 
# 
_exptl.entry_id          3CNU 
_exptl.method            'X-RAY DIFFRACTION' 
_exptl.crystals_number   1 
# 
_exptl_crystal.id                    1 
_exptl_crystal.density_meas          ? 
_exptl_crystal.density_Matthews      2.09 
_exptl_crystal.density_percent_sol   41.25 
_exptl_crystal.description           ? 
_exptl_crystal.F_000                 ? 
_exptl_crystal.preparation           ? 
# 
_exptl_crystal_grow.crystal_id      1 
_exptl_crystal_grow.method          'VAPOR DIFFUSION, SITTING DROP' 
_exptl_crystal_grow.temp            289 
_exptl_crystal_grow.temp_details    ? 
_exptl_crystal_grow.pH              3.5 
_exptl_crystal_grow.pdbx_details    '0.1M Citric acid, 25% PEG 3350, pH 3.5, VAPOR DIFFUSION, SITTING DROP, temperature 289K' 
_exptl_crystal_grow.pdbx_pH_range   . 
# 
_diffrn.id                     1 
_diffrn.ambient_temp           100 
_diffrn.ambient_temp_details   ? 
_diffrn.crystal_id             1 
# 
_diffrn_detector.diffrn_id              1 
_diffrn_detector.detector               CCD 
_diffrn_detector.type                   SBC-2 
_diffrn_detector.pdbx_collection_date   2007-11-26 
_diffrn_detector.details                Mirrors 
# 
_diffrn_radiation.diffrn_id                        1 
_diffrn_radiation.wavelength_id                    1 
_diffrn_radiation.pdbx_monochromatic_or_laue_m_l   M 
_diffrn_radiation.monochromator                    'Si 111 channel' 
_diffrn_radiation.pdbx_diffrn_protocol             'SINGLE WAVELENGTH' 
_diffrn_radiation.pdbx_scattering_type             x-ray 
# 
_diffrn_radiation_wavelength.id           1 
_diffrn_radiation_wavelength.wavelength   0.9794 
_diffrn_radiation_wavelength.wt           1.0 
# 
_diffrn_source.diffrn_id                   1 
_diffrn_source.source                      SYNCHROTRON 
_diffrn_source.type                        'APS BEAMLINE 19-BM' 
_diffrn_source.pdbx_synchrotron_site       APS 
_diffrn_source.pdbx_synchrotron_beamline   19-BM 
_diffrn_source.pdbx_wavelength             ? 
_diffrn_source.pdbx_wavelength_list        0.9794 
# 
_reflns.entry_id                     3CNU 
_reflns.observed_criterion_sigma_F   ? 
_reflns.observed_criterion_sigma_I   2.0 
_reflns.d_resolution_high            1.90 
_reflns.d_resolution_low             44.15 
_reflns.number_all                   8588 
_reflns.number_obs                   8550 
_reflns.percent_possible_obs         99.55 
_reflns.pdbx_Rmerge_I_obs            0.090 
_reflns.pdbx_Rsym_value              ? 
_reflns.pdbx_netI_over_sigmaI        22.17 
_reflns.B_iso_Wilson_estimate        21.0 
_reflns.pdbx_redundancy              7.8 
_reflns.R_free_details               ? 
_reflns.limit_h_max                  ? 
_reflns.limit_h_min                  ? 
_reflns.limit_k_max                  ? 
_reflns.limit_k_min                  ? 
_reflns.limit_l_max                  ? 
_reflns.limit_l_min                  ? 
_reflns.observed_criterion_F_max     ? 
_reflns.observed_criterion_F_min     ? 
_reflns.pdbx_chi_squared             ? 
_reflns.pdbx_scaling_rejects         ? 
_reflns.pdbx_ordinal                 1 
_reflns.pdbx_diffrn_id               1 
# 
_reflns_shell.d_res_high             1.900 
_reflns_shell.d_res_low              1.949 
_reflns_shell.percent_possible_all   96.49 
_reflns_shell.Rmerge_I_obs           0.481 
_reflns_shell.pdbx_Rsym_value        ? 
_reflns_shell.meanI_over_sigI_obs    2.0 
_reflns_shell.pdbx_redundancy        4.6 
_reflns_shell.percent_possible_obs   ? 
_reflns_shell.number_unique_all      655 
_reflns_shell.number_measured_all    ? 
_reflns_shell.number_measured_obs    ? 
_reflns_shell.number_unique_obs      ? 
_reflns_shell.pdbx_chi_squared       ? 
_reflns_shell.pdbx_ordinal           1 
_reflns_shell.pdbx_diffrn_id         1 
# 
_refine.entry_id                                 3CNU 
_refine.ls_number_reflns_obs                     8550 
_refine.ls_number_reflns_all                     8550 
_refine.pdbx_ls_sigma_I                          0 
_refine.pdbx_ls_sigma_F                          0 
_refine.pdbx_data_cutoff_high_absF               ? 
_refine.pdbx_data_cutoff_low_absF                ? 
_refine.pdbx_data_cutoff_high_rms_absF           ? 
_refine.ls_d_res_low                             44.15 
_refine.ls_d_res_high                            1.90 
_refine.ls_percent_reflns_obs                    99.55 
_refine.ls_R_factor_obs                          0.18501 
_refine.ls_R_factor_all                          0.18501 
_refine.ls_R_factor_R_work                       0.18304 
_refine.ls_R_factor_R_free                       0.22195 
_refine.ls_R_factor_R_free_error                 ? 
_refine.ls_R_factor_R_free_error_details         ? 
_refine.ls_percent_reflns_R_free                 4.8 
_refine.ls_number_reflns_R_free                  433 
_refine.ls_number_parameters                     ? 
_refine.ls_number_restraints                     ? 
_refine.occupancy_min                            ? 
_refine.occupancy_max                            ? 
_refine.correlation_coeff_Fo_to_Fc               0.954 
_refine.correlation_coeff_Fo_to_Fc_free          0.942 
_refine.B_iso_mean                               20.551 
_refine.aniso_B[1][1]                            0.63 
_refine.aniso_B[2][2]                            0.40 
_refine.aniso_B[3][3]                            -1.02 
_refine.aniso_B[1][2]                            0.00 
_refine.aniso_B[1][3]                            0.00 
_refine.aniso_B[2][3]                            0.00 
_refine.solvent_model_details                    MASK 
_refine.solvent_model_param_ksol                 ? 
_refine.solvent_model_param_bsol                 ? 
_refine.pdbx_solvent_vdw_probe_radii             1.20 
_refine.pdbx_solvent_ion_probe_radii             0.80 
_refine.pdbx_solvent_shrinkage_radii             0.80 
_refine.pdbx_ls_cross_valid_method               THROUGHOUT 
_refine.details                                  'HYDROGENS HAVE BEEN ADDED IN THE RIDING POSITIONS' 
_refine.pdbx_starting_model                      ? 
_refine.pdbx_method_to_determine_struct          SAD 
_refine.pdbx_isotropic_thermal_model             ? 
_refine.pdbx_stereochemistry_target_values       'MAXIMUM LIKELIHOOD WITH PHASES' 
_refine.pdbx_stereochem_target_val_spec_case     ? 
_refine.pdbx_R_Free_selection_details            RANDOM 
_refine.pdbx_overall_ESU_R                       0.160 
_refine.pdbx_overall_ESU_R_Free                  0.144 
_refine.overall_SU_ML                            0.100 
_refine.overall_SU_B                             7.512 
_refine.ls_redundancy_reflns_obs                 ? 
_refine.B_iso_min                                ? 
_refine.B_iso_max                                ? 
_refine.overall_SU_R_Cruickshank_DPI             ? 
_refine.overall_SU_R_free                        ? 
_refine.ls_wR_factor_R_free                      ? 
_refine.ls_wR_factor_R_work                      ? 
_refine.overall_FOM_free_R_set                   ? 
_refine.overall_FOM_work_R_set                   ? 
_refine.pdbx_overall_phase_error                 ? 
_refine.pdbx_refine_id                           'X-RAY DIFFRACTION' 
_refine.pdbx_TLS_residual_ADP_flag               'LIKELY RESIDUAL' 
_refine.pdbx_diffrn_id                           1 
_refine.pdbx_overall_SU_R_free_Cruickshank_DPI   ? 
_refine.pdbx_overall_SU_R_Blow_DPI               ? 
_refine.pdbx_overall_SU_R_free_Blow_DPI          ? 
# 
_refine_hist.pdbx_refine_id                   'X-RAY DIFFRACTION' 
_refine_hist.cycle_id                         LAST 
_refine_hist.pdbx_number_atoms_protein        871 
_refine_hist.pdbx_number_atoms_nucleic_acid   0 
_refine_hist.pdbx_number_atoms_ligand         0 
_refine_hist.number_atoms_solvent             89 
_refine_hist.number_atoms_total               960 
_refine_hist.d_res_high                       1.90 
_refine_hist.d_res_low                        44.15 
# 
loop_
_refine_ls_restr.type 
_refine_ls_restr.dev_ideal 
_refine_ls_restr.dev_ideal_target 
_refine_ls_restr.weight 
_refine_ls_restr.number 
_refine_ls_restr.pdbx_refine_id 
_refine_ls_restr.pdbx_restraint_function 
r_bond_refined_d         0.014  0.022  ? 889  'X-RAY DIFFRACTION' ? 
r_bond_other_d           0.001  0.020  ? 620  'X-RAY DIFFRACTION' ? 
r_angle_refined_deg      1.310  1.962  ? 1192 'X-RAY DIFFRACTION' ? 
r_angle_other_deg        0.831  3.000  ? 1520 'X-RAY DIFFRACTION' ? 
r_dihedral_angle_1_deg   5.464  5.000  ? 109  'X-RAY DIFFRACTION' ? 
r_dihedral_angle_2_deg   30.331 25.854 ? 41   'X-RAY DIFFRACTION' ? 
r_dihedral_angle_3_deg   13.827 15.000 ? 168  'X-RAY DIFFRACTION' ? 
r_dihedral_angle_4_deg   13.622 15.000 ? 2    'X-RAY DIFFRACTION' ? 
r_chiral_restr           0.082  0.200  ? 123  'X-RAY DIFFRACTION' ? 
r_gen_planes_refined     0.005  0.020  ? 981  'X-RAY DIFFRACTION' ? 
r_gen_planes_other       0.001  0.020  ? 171  'X-RAY DIFFRACTION' ? 
r_nbd_refined            0.214  0.200  ? 178  'X-RAY DIFFRACTION' ? 
r_nbd_other              0.184  0.200  ? 605  'X-RAY DIFFRACTION' ? 
r_nbtor_refined          0.183  0.200  ? 414  'X-RAY DIFFRACTION' ? 
r_nbtor_other            0.085  0.200  ? 435  'X-RAY DIFFRACTION' ? 
r_xyhbond_nbd_refined    0.161  0.200  ? 52   'X-RAY DIFFRACTION' ? 
r_symmetry_vdw_refined   0.150  0.200  ? 20   'X-RAY DIFFRACTION' ? 
r_symmetry_vdw_other     0.207  0.200  ? 31   'X-RAY DIFFRACTION' ? 
r_symmetry_hbond_refined 0.130  0.200  ? 10   'X-RAY DIFFRACTION' ? 
r_mcbond_it              1.193  1.500  ? 713  'X-RAY DIFFRACTION' ? 
r_mcbond_other           0.202  1.500  ? 225  'X-RAY DIFFRACTION' ? 
r_mcangle_it             1.290  2.000  ? 870  'X-RAY DIFFRACTION' ? 
r_scbond_it              2.487  3.000  ? 420  'X-RAY DIFFRACTION' ? 
r_scangle_it             3.643  4.500  ? 322  'X-RAY DIFFRACTION' ? 
# 
_refine_ls_shell.pdbx_total_number_of_bins_used   20 
_refine_ls_shell.d_res_high                       1.900 
_refine_ls_shell.d_res_low                        1.949 
_refine_ls_shell.number_reflns_R_work             613 
_refine_ls_shell.R_factor_R_work                  0.23 
_refine_ls_shell.percent_reflns_obs               96.49 
_refine_ls_shell.R_factor_R_free                  0.267 
_refine_ls_shell.R_factor_R_free_error            ? 
_refine_ls_shell.percent_reflns_R_free            ? 
_refine_ls_shell.number_reflns_R_free             19 
_refine_ls_shell.number_reflns_all                ? 
_refine_ls_shell.R_factor_all                     ? 
_refine_ls_shell.number_reflns_obs                632 
_refine_ls_shell.redundancy_reflns_obs            ? 
_refine_ls_shell.pdbx_refine_id                   'X-RAY DIFFRACTION' 
# 
_struct.entry_id                  3CNU 
_struct.title                     'Crystal structure of the predicted coding region AF_1534 from Archaeoglobus fulgidus' 
_struct.pdbx_model_details        ? 
_struct.pdbx_CASP_flag            ? 
_struct.pdbx_model_type_details   ? 
# 
_struct_keywords.entry_id        3CNU 
_struct_keywords.pdbx_keywords   'STRUCTURAL GENOMICS, UNKNOWN FUNCTION' 
_struct_keywords.text            
;coding region AF_1534, Archaeoglobus fulgidus, Structural genomics, MCSG, PSI-2, Protein Structure Initiative, Midwest Center for Structural Genomics, UNKNOWN FUNCTION
;
# 
loop_
_struct_asym.id 
_struct_asym.pdbx_blank_PDB_chainid_flag 
_struct_asym.pdbx_modified 
_struct_asym.entity_id 
_struct_asym.details 
A N N 1 ? 
B N N 2 ? 
# 
_struct_ref.id                         1 
_struct_ref.db_name                    UNP 
_struct_ref.db_code                    O28738_ARCFU 
_struct_ref.pdbx_db_accession          O28738 
_struct_ref.entity_id                  1 
_struct_ref.pdbx_seq_one_letter_code   
;MSEAKELIKKMCDLQNSNEEIQKEMAGWSGVVQYKLDGEEFYVEYKSDGTCEFKEGVHSSPTFTVVAPPDFWLAVLKGQE
DPVSGFMMGKYRIEGNIMEAQRLAGVIKKFQGKFEL
;
_struct_ref.pdbx_align_begin           1 
_struct_ref.pdbx_db_isoform            ? 
# 
_struct_ref_seq.align_id                      1 
_struct_ref_seq.ref_id                        1 
_struct_ref_seq.pdbx_PDB_id_code              3CNU 
_struct_ref_seq.pdbx_strand_id                A 
_struct_ref_seq.seq_align_beg                 1 
_struct_ref_seq.pdbx_seq_align_beg_ins_code   ? 
_struct_ref_seq.seq_align_end                 116 
_struct_ref_seq.pdbx_seq_align_end_ins_code   ? 
_struct_ref_seq.pdbx_db_accession             O28738 
_struct_ref_seq.db_align_beg                  1 
_struct_ref_seq.pdbx_db_align_beg_ins_code    ? 
_struct_ref_seq.db_align_end                  116 
_struct_ref_seq.pdbx_db_align_end_ins_code    ? 
_struct_ref_seq.pdbx_auth_seq_align_beg       1 
_struct_ref_seq.pdbx_auth_seq_align_end       116 
# 
_pdbx_struct_assembly.id                   1 
_pdbx_struct_assembly.details              author_and_software_defined_assembly 
_pdbx_struct_assembly.method_details       PISA 
_pdbx_struct_assembly.oligomeric_details   dimeric 
_pdbx_struct_assembly.oligomeric_count     2 
# 
loop_
_pdbx_struct_assembly_prop.biol_id 
_pdbx_struct_assembly_prop.type 
_pdbx_struct_assembly_prop.value 
_pdbx_struct_assembly_prop.details 
1 'ABSA (A^2)' 3350  ? 
1 MORE         -36.5 ? 
1 'SSA (A^2)'  10720 ? 
# 
_pdbx_struct_assembly_gen.assembly_id       1 
_pdbx_struct_assembly_gen.oper_expression   1,2 
_pdbx_struct_assembly_gen.asym_id_list      A,B 
# 
loop_
_pdbx_struct_oper_list.id 
_pdbx_struct_oper_list.type 
_pdbx_struct_oper_list.name 
_pdbx_struct_oper_list.symmetry_operation 
_pdbx_struct_oper_list.matrix[1][1] 
_pdbx_struct_oper_list.matrix[1][2] 
_pdbx_struct_oper_list.matrix[1][3] 
_pdbx_struct_oper_list.vector[1] 
_pdbx_struct_oper_list.matrix[2][1] 
_pdbx_struct_oper_list.matrix[2][2] 
_pdbx_struct_oper_list.matrix[2][3] 
_pdbx_struct_oper_list.vector[2] 
_pdbx_struct_oper_list.matrix[3][1] 
_pdbx_struct_oper_list.matrix[3][2] 
_pdbx_struct_oper_list.matrix[3][3] 
_pdbx_struct_oper_list.vector[3] 
1 'identity operation'         1_555 x,y,z   1.0000000000  0.0000000000 0.0000000000  0.0000000000 0.0000000000 1.0000000000  0.0000000000  0.0000000000   0.0000000000  0.0000000000  1.0000000000 0.0000000000  
2 'crystal symmetry operation' 2_555 -x,-y,z -0.8037664113 0.1755426650 -0.5684578515 6.6061029705 0.1755426650 -0.8429666020 -0.5085194988 -21.0808796160 -0.5684578515 -0.5085194988 0.6467330133 -4.2294331735 
# 
_struct_biol.id        1 
_struct_biol.details   ? 
# 
loop_
_struct_conf.conf_type_id 
_struct_conf.id 
_struct_conf.pdbx_PDB_helix_id 
_struct_conf.beg_label_comp_id 
_struct_conf.beg_label_asym_id 
_struct_conf.beg_label_seq_id 
_struct_conf.pdbx_beg_PDB_ins_code 
_struct_conf.end_label_comp_id 
_struct_conf.end_label_asym_id 
_struct_conf.end_label_seq_id 
_struct_conf.pdbx_end_PDB_ins_code 
_struct_conf.beg_auth_comp_id 
_struct_conf.beg_auth_asym_id 
_struct_conf.beg_auth_seq_id 
_struct_conf.end_auth_comp_id 
_struct_conf.end_auth_asym_id 
_struct_conf.end_auth_seq_id 
_struct_conf.pdbx_PDB_helix_class 
_struct_conf.details 
_struct_conf.pdbx_PDB_helix_length 
HELX_P HELX_P1 1 SER A 2  ? ASN A 18  ? SER A 2  ASN A 18  1 ? 17 
HELX_P HELX_P2 2 ASN A 18 ? ALA A 26  ? ASN A 18 ALA A 26  1 ? 9  
HELX_P HELX_P3 3 PRO A 68 ? LYS A 77  ? PRO A 68 LYS A 77  1 ? 10 
HELX_P HELX_P4 4 ASP A 81 ? GLY A 89  ? ASP A 81 GLY A 89  1 ? 9  
HELX_P HELX_P5 5 ASN A 96 ? PHE A 110 ? ASN A 96 PHE A 110 1 ? 15 
# 
_struct_conf_type.id          HELX_P 
_struct_conf_type.criteria    ? 
_struct_conf_type.reference   ? 
# 
_struct_sheet.id               A 
_struct_sheet.type             ? 
_struct_sheet.number_strands   5 
_struct_sheet.details          ? 
# 
loop_
_struct_sheet_order.sheet_id 
_struct_sheet_order.range_id_1 
_struct_sheet_order.range_id_2 
_struct_sheet_order.offset 
_struct_sheet_order.sense 
A 1 2 ? anti-parallel 
A 2 3 ? anti-parallel 
A 3 4 ? parallel      
A 4 5 ? anti-parallel 
# 
loop_
_struct_sheet_range.sheet_id 
_struct_sheet_range.id 
_struct_sheet_range.beg_label_comp_id 
_struct_sheet_range.beg_label_asym_id 
_struct_sheet_range.beg_label_seq_id 
_struct_sheet_range.pdbx_beg_PDB_ins_code 
_struct_sheet_range.end_label_comp_id 
_struct_sheet_range.end_label_asym_id 
_struct_sheet_range.end_label_seq_id 
_struct_sheet_range.pdbx_end_PDB_ins_code 
_struct_sheet_range.beg_auth_comp_id 
_struct_sheet_range.beg_auth_asym_id 
_struct_sheet_range.beg_auth_seq_id 
_struct_sheet_range.end_auth_comp_id 
_struct_sheet_range.end_auth_asym_id 
_struct_sheet_range.end_auth_seq_id 
A 1 CYS A 51 ? GLU A 55 ? CYS A 51 GLU A 55 
A 2 GLU A 39 ? TYR A 45 ? GLU A 39 TYR A 45 
A 3 GLY A 30 ? LEU A 36 ? GLY A 30 LEU A 36 
A 4 PHE A 63 ? VAL A 66 ? PHE A 63 VAL A 66 
A 5 ARG A 92 ? GLU A 94 ? ARG A 92 GLU A 94 
# 
loop_
_pdbx_struct_sheet_hbond.sheet_id 
_pdbx_struct_sheet_hbond.range_id_1 
_pdbx_struct_sheet_hbond.range_id_2 
_pdbx_struct_sheet_hbond.range_1_label_atom_id 
_pdbx_struct_sheet_hbond.range_1_label_comp_id 
_pdbx_struct_sheet_hbond.range_1_label_asym_id 
_pdbx_struct_sheet_hbond.range_1_label_seq_id 
_pdbx_struct_sheet_hbond.range_1_PDB_ins_code 
_pdbx_struct_sheet_hbond.range_1_auth_atom_id 
_pdbx_struct_sheet_hbond.range_1_auth_comp_id 
_pdbx_struct_sheet_hbond.range_1_auth_asym_id 
_pdbx_struct_sheet_hbond.range_1_auth_seq_id 
_pdbx_struct_sheet_hbond.range_2_label_atom_id 
_pdbx_struct_sheet_hbond.range_2_label_comp_id 
_pdbx_struct_sheet_hbond.range_2_label_asym_id 
_pdbx_struct_sheet_hbond.range_2_label_seq_id 
_pdbx_struct_sheet_hbond.range_2_PDB_ins_code 
_pdbx_struct_sheet_hbond.range_2_auth_atom_id 
_pdbx_struct_sheet_hbond.range_2_auth_comp_id 
_pdbx_struct_sheet_hbond.range_2_auth_asym_id 
_pdbx_struct_sheet_hbond.range_2_auth_seq_id 
A 1 2 O LYS A 54 ? O LYS A 54 N TYR A 42 ? N TYR A 42 
A 2 3 O TYR A 45 ? O TYR A 45 N GLY A 30 ? N GLY A 30 
A 3 4 N GLN A 33 ? N GLN A 33 O VAL A 65 ? O VAL A 65 
A 4 5 N VAL A 66 ? N VAL A 66 O ARG A 92 ? O ARG A 92 
# 
_pdbx_SG_project.id                    1 
_pdbx_SG_project.project_name          'PSI, Protein Structure Initiative' 
_pdbx_SG_project.full_name_of_center   'Midwest Center for Structural Genomics' 
_pdbx_SG_project.initial_of_center     MCSG 
# 
_pdbx_refine_tls.id               1 
_pdbx_refine_tls.details          ? 
_pdbx_refine_tls.method           refined 
_pdbx_refine_tls.origin_x         -0.1691 
_pdbx_refine_tls.origin_y         0.3124 
_pdbx_refine_tls.origin_z         -0.1168 
_pdbx_refine_tls.T[1][1]          -0.0354 
_pdbx_refine_tls.T[2][2]          -0.0221 
_pdbx_refine_tls.T[3][3]          -0.0366 
_pdbx_refine_tls.T[1][2]          0.0232 
_pdbx_refine_tls.T[1][3]          0.0177 
_pdbx_refine_tls.T[2][3]          -0.0054 
_pdbx_refine_tls.L[1][1]          0.3031 
_pdbx_refine_tls.L[2][2]          1.2777 
_pdbx_refine_tls.L[3][3]          1.1588 
_pdbx_refine_tls.L[1][2]          -0.1357 
_pdbx_refine_tls.L[1][3]          -0.2703 
_pdbx_refine_tls.L[2][3]          0.3675 
_pdbx_refine_tls.S[1][1]          -0.0226 
_pdbx_refine_tls.S[1][2]          -0.0497 
_pdbx_refine_tls.S[1][3]          0.0442 
_pdbx_refine_tls.S[2][1]          0.1135 
_pdbx_refine_tls.S[2][2]          0.0638 
_pdbx_refine_tls.S[2][3]          -0.0162 
_pdbx_refine_tls.S[3][1]          -0.0893 
_pdbx_refine_tls.S[3][2]          -0.0749 
_pdbx_refine_tls.S[3][3]          -0.0413 
_pdbx_refine_tls.pdbx_refine_id   'X-RAY DIFFRACTION' 
# 
loop_
_pdbx_refine_tls_group.id 
_pdbx_refine_tls_group.refine_tls_id 
_pdbx_refine_tls_group.beg_auth_asym_id 
_pdbx_refine_tls_group.beg_auth_seq_id 
_pdbx_refine_tls_group.beg_label_asym_id 
_pdbx_refine_tls_group.beg_label_seq_id 
_pdbx_refine_tls_group.end_auth_asym_id 
_pdbx_refine_tls_group.end_auth_seq_id 
_pdbx_refine_tls_group.end_label_asym_id 
_pdbx_refine_tls_group.end_label_seq_id 
_pdbx_refine_tls_group.selection 
_pdbx_refine_tls_group.pdbx_refine_id 
_pdbx_refine_tls_group.selection_details 
1 1 A 1   A 1  A 30  A 30  ? 'X-RAY DIFFRACTION' ? 
2 1 A 31  A 31 A 60  A 60  ? 'X-RAY DIFFRACTION' ? 
3 1 A 61  A 61 A 90  A 90  ? 'X-RAY DIFFRACTION' ? 
4 1 A 91  A 91 A 110 A 110 ? 'X-RAY DIFFRACTION' ? 
5 1 A 117 B 1  A 196 B 80  ? 'X-RAY DIFFRACTION' ? 
6 1 A 197 B 81 A 205 B 89  ? 'X-RAY DIFFRACTION' ? 
# 
loop_
_pdbx_unobs_or_zero_occ_residues.id 
_pdbx_unobs_or_zero_occ_residues.PDB_model_num 
_pdbx_unobs_or_zero_occ_residues.polymer_flag 
_pdbx_unobs_or_zero_occ_residues.occupancy_flag 
_pdbx_unobs_or_zero_occ_residues.auth_asym_id 
_pdbx_unobs_or_zero_occ_residues.auth_comp_id 
_pdbx_unobs_or_zero_occ_residues.auth_seq_id 
_pdbx_unobs_or_zero_occ_residues.PDB_ins_code 
_pdbx_unobs_or_zero_occ_residues.label_asym_id 
_pdbx_unobs_or_zero_occ_residues.label_comp_id 
_pdbx_unobs_or_zero_occ_residues.label_seq_id 
1 1 Y 1 A GLN 111 ? A GLN 111 
2 1 Y 1 A GLY 112 ? A GLY 112 
3 1 Y 1 A LYS 113 ? A LYS 113 
4 1 Y 1 A PHE 114 ? A PHE 114 
5 1 Y 1 A GLU 115 ? A GLU 115 
6 1 Y 1 A LEU 116 ? A LEU 116 
# 
loop_
_chem_comp_atom.comp_id 
_chem_comp_atom.atom_id 
_chem_comp_atom.type_symbol 
_chem_comp_atom.pdbx_aromatic_flag 
_chem_comp_atom.pdbx_stereo_config 
_chem_comp_atom.pdbx_ordinal 
ALA N    N N N 1   
ALA CA   C N S 2   
ALA C    C N N 3   
ALA O    O N N 4   
ALA CB   C N N 5   
ALA OXT  O N N 6   
ALA H    H N N 7   
ALA H2   H N N 8   
ALA HA   H N N 9   
ALA HB1  H N N 10  
ALA HB2  H N N 11  
ALA HB3  H N N 12  
ALA HXT  H N N 13  
ARG N    N N N 14  
ARG CA   C N S 15  
ARG C    C N N 16  
ARG O    O N N 17  
ARG CB   C N N 18  
ARG CG   C N N 19  
ARG CD   C N N 20  
ARG NE   N N N 21  
ARG CZ   C N N 22  
ARG NH1  N N N 23  
ARG NH2  N N N 24  
ARG OXT  O N N 25  
ARG H    H N N 26  
ARG H2   H N N 27  
ARG HA   H N N 28  
ARG HB2  H N N 29  
ARG HB3  H N N 30  
ARG HG2  H N N 31  
ARG HG3  H N N 32  
ARG HD2  H N N 33  
ARG HD3  H N N 34  
ARG HE   H N N 35  
ARG HH11 H N N 36  
ARG HH12 H N N 37  
ARG HH21 H N N 38  
ARG HH22 H N N 39  
ARG HXT  H N N 40  
ASN N    N N N 41  
ASN CA   C N S 42  
ASN C    C N N 43  
ASN O    O N N 44  
ASN CB   C N N 45  
ASN CG   C N N 46  
ASN OD1  O N N 47  
ASN ND2  N N N 48  
ASN OXT  O N N 49  
ASN H    H N N 50  
ASN H2   H N N 51  
ASN HA   H N N 52  
ASN HB2  H N N 53  
ASN HB3  H N N 54  
ASN HD21 H N N 55  
ASN HD22 H N N 56  
ASN HXT  H N N 57  
ASP N    N N N 58  
ASP CA   C N S 59  
ASP C    C N N 60  
ASP O    O N N 61  
ASP CB   C N N 62  
ASP CG   C N N 63  
ASP OD1  O N N 64  
ASP OD2  O N N 65  
ASP OXT  O N N 66  
ASP H    H N N 67  
ASP H2   H N N 68  
ASP HA   H N N 69  
ASP HB2  H N N 70  
ASP HB3  H N N 71  
ASP HD2  H N N 72  
ASP HXT  H N N 73  
CYS N    N N N 74  
CYS CA   C N R 75  
CYS C    C N N 76  
CYS O    O N N 77  
CYS CB   C N N 78  
CYS SG   S N N 79  
CYS OXT  O N N 80  
CYS H    H N N 81  
CYS H2   H N N 82  
CYS HA   H N N 83  
CYS HB2  H N N 84  
CYS HB3  H N N 85  
CYS HG   H N N 86  
CYS HXT  H N N 87  
GLN N    N N N 88  
GLN CA   C N S 89  
GLN C    C N N 90  
GLN O    O N N 91  
GLN CB   C N N 92  
GLN CG   C N N 93  
GLN CD   C N N 94  
GLN OE1  O N N 95  
GLN NE2  N N N 96  
GLN OXT  O N N 97  
GLN H    H N N 98  
GLN H2   H N N 99  
GLN HA   H N N 100 
GLN HB2  H N N 101 
GLN HB3  H N N 102 
GLN HG2  H N N 103 
GLN HG3  H N N 104 
GLN HE21 H N N 105 
GLN HE22 H N N 106 
GLN HXT  H N N 107 
GLU N    N N N 108 
GLU CA   C N S 109 
GLU C    C N N 110 
GLU O    O N N 111 
GLU CB   C N N 112 
GLU CG   C N N 113 
GLU CD   C N N 114 
GLU OE1  O N N 115 
GLU OE2  O N N 116 
GLU OXT  O N N 117 
GLU H    H N N 118 
GLU H2   H N N 119 
GLU HA   H N N 120 
GLU HB2  H N N 121 
GLU HB3  H N N 122 
GLU HG2  H N N 123 
GLU HG3  H N N 124 
GLU HE2  H N N 125 
GLU HXT  H N N 126 
GLY N    N N N 127 
GLY CA   C N N 128 
GLY C    C N N 129 
GLY O    O N N 130 
GLY OXT  O N N 131 
GLY H    H N N 132 
GLY H2   H N N 133 
GLY HA2  H N N 134 
GLY HA3  H N N 135 
GLY HXT  H N N 136 
HIS N    N N N 137 
HIS CA   C N S 138 
HIS C    C N N 139 
HIS O    O N N 140 
HIS CB   C N N 141 
HIS CG   C Y N 142 
HIS ND1  N Y N 143 
HIS CD2  C Y N 144 
HIS CE1  C Y N 145 
HIS NE2  N Y N 146 
HIS OXT  O N N 147 
HIS H    H N N 148 
HIS H2   H N N 149 
HIS HA   H N N 150 
HIS HB2  H N N 151 
HIS HB3  H N N 152 
HIS HD1  H N N 153 
HIS HD2  H N N 154 
HIS HE1  H N N 155 
HIS HE2  H N N 156 
HIS HXT  H N N 157 
HOH O    O N N 158 
HOH H1   H N N 159 
HOH H2   H N N 160 
ILE N    N N N 161 
ILE CA   C N S 162 
ILE C    C N N 163 
ILE O    O N N 164 
ILE CB   C N S 165 
ILE CG1  C N N 166 
ILE CG2  C N N 167 
ILE CD1  C N N 168 
ILE OXT  O N N 169 
ILE H    H N N 170 
ILE H2   H N N 171 
ILE HA   H N N 172 
ILE HB   H N N 173 
ILE HG12 H N N 174 
ILE HG13 H N N 175 
ILE HG21 H N N 176 
ILE HG22 H N N 177 
ILE HG23 H N N 178 
ILE HD11 H N N 179 
ILE HD12 H N N 180 
ILE HD13 H N N 181 
ILE HXT  H N N 182 
LEU N    N N N 183 
LEU CA   C N S 184 
LEU C    C N N 185 
LEU O    O N N 186 
LEU CB   C N N 187 
LEU CG   C N N 188 
LEU CD1  C N N 189 
LEU CD2  C N N 190 
LEU OXT  O N N 191 
LEU H    H N N 192 
LEU H2   H N N 193 
LEU HA   H N N 194 
LEU HB2  H N N 195 
LEU HB3  H N N 196 
LEU HG   H N N 197 
LEU HD11 H N N 198 
LEU HD12 H N N 199 
LEU HD13 H N N 200 
LEU HD21 H N N 201 
LEU HD22 H N N 202 
LEU HD23 H N N 203 
LEU HXT  H N N 204 
LYS N    N N N 205 
LYS CA   C N S 206 
LYS C    C N N 207 
LYS O    O N N 208 
LYS CB   C N N 209 
LYS CG   C N N 210 
LYS CD   C N N 211 
LYS CE   C N N 212 
LYS NZ   N N N 213 
LYS OXT  O N N 214 
LYS H    H N N 215 
LYS H2   H N N 216 
LYS HA   H N N 217 
LYS HB2  H N N 218 
LYS HB3  H N N 219 
LYS HG2  H N N 220 
LYS HG3  H N N 221 
LYS HD2  H N N 222 
LYS HD3  H N N 223 
LYS HE2  H N N 224 
LYS HE3  H N N 225 
LYS HZ1  H N N 226 
LYS HZ2  H N N 227 
LYS HZ3  H N N 228 
LYS HXT  H N N 229 
MET N    N N N 230 
MET CA   C N S 231 
MET C    C N N 232 
MET O    O N N 233 
MET CB   C N N 234 
MET CG   C N N 235 
MET SD   S N N 236 
MET CE   C N N 237 
MET OXT  O N N 238 
MET H    H N N 239 
MET H2   H N N 240 
MET HA   H N N 241 
MET HB2  H N N 242 
MET HB3  H N N 243 
MET HG2  H N N 244 
MET HG3  H N N 245 
MET HE1  H N N 246 
MET HE2  H N N 247 
MET HE3  H N N 248 
MET HXT  H N N 249 
PHE N    N N N 250 
PHE CA   C N S 251 
PHE C    C N N 252 
PHE O    O N N 253 
PHE CB   C N N 254 
PHE CG   C Y N 255 
PHE CD1  C Y N 256 
PHE CD2  C Y N 257 
PHE CE1  C Y N 258 
PHE CE2  C Y N 259 
PHE CZ   C Y N 260 
PHE OXT  O N N 261 
PHE H    H N N 262 
PHE H2   H N N 263 
PHE HA   H N N 264 
PHE HB2  H N N 265 
PHE HB3  H N N 266 
PHE HD1  H N N 267 
PHE HD2  H N N 268 
PHE HE1  H N N 269 
PHE HE2  H N N 270 
PHE HZ   H N N 271 
PHE HXT  H N N 272 
PRO N    N N N 273 
PRO CA   C N S 274 
PRO C    C N N 275 
PRO O    O N N 276 
PRO CB   C N N 277 
PRO CG   C N N 278 
PRO CD   C N N 279 
PRO OXT  O N N 280 
PRO H    H N N 281 
PRO HA   H N N 282 
PRO HB2  H N N 283 
PRO HB3  H N N 284 
PRO HG2  H N N 285 
PRO HG3  H N N 286 
PRO HD2  H N N 287 
PRO HD3  H N N 288 
PRO HXT  H N N 289 
SER N    N N N 290 
SER CA   C N S 291 
SER C    C N N 292 
SER O    O N N 293 
SER CB   C N N 294 
SER OG   O N N 295 
SER OXT  O N N 296 
SER H    H N N 297 
SER H2   H N N 298 
SER HA   H N N 299 
SER HB2  H N N 300 
SER HB3  H N N 301 
SER HG   H N N 302 
SER HXT  H N N 303 
THR N    N N N 304 
THR CA   C N S 305 
THR C    C N N 306 
THR O    O N N 307 
THR CB   C N R 308 
THR OG1  O N N 309 
THR CG2  C N N 310 
THR OXT  O N N 311 
THR H    H N N 312 
THR H2   H N N 313 
THR HA   H N N 314 
THR HB   H N N 315 
THR HG1  H N N 316 
THR HG21 H N N 317 
THR HG22 H N N 318 
THR HG23 H N N 319 
THR HXT  H N N 320 
TRP N    N N N 321 
TRP CA   C N S 322 
TRP C    C N N 323 
TRP O    O N N 324 
TRP CB   C N N 325 
TRP CG   C Y N 326 
TRP CD1  C Y N 327 
TRP CD2  C Y N 328 
TRP NE1  N Y N 329 
TRP CE2  C Y N 330 
TRP CE3  C Y N 331 
TRP CZ2  C Y N 332 
TRP CZ3  C Y N 333 
TRP CH2  C Y N 334 
TRP OXT  O N N 335 
TRP H    H N N 336 
TRP H2   H N N 337 
TRP HA   H N N 338 
TRP HB2  H N N 339 
TRP HB3  H N N 340 
TRP HD1  H N N 341 
TRP HE1  H N N 342 
TRP HE3  H N N 343 
TRP HZ2  H N N 344 
TRP HZ3  H N N 345 
TRP HH2  H N N 346 
TRP HXT  H N N 347 
TYR N    N N N 348 
TYR CA   C N S 349 
TYR C    C N N 350 
TYR O    O N N 351 
TYR CB   C N N 352 
TYR CG   C Y N 353 
TYR CD1  C Y N 354 
TYR CD2  C Y N 355 
TYR CE1  C Y N 356 
TYR CE2  C Y N 357 
TYR CZ   C Y N 358 
TYR OH   O N N 359 
TYR OXT  O N N 360 
TYR H    H N N 361 
TYR H2   H N N 362 
TYR HA   H N N 363 
TYR HB2  H N N 364 
TYR HB3  H N N 365 
TYR HD1  H N N 366 
TYR HD2  H N N 367 
TYR HE1  H N N 368 
TYR HE2  H N N 369 
TYR HH   H N N 370 
TYR HXT  H N N 371 
VAL N    N N N 372 
VAL CA   C N S 373 
VAL C    C N N 374 
VAL O    O N N 375 
VAL CB   C N N 376 
VAL CG1  C N N 377 
VAL CG2  C N N 378 
VAL OXT  O N N 379 
VAL H    H N N 380 
VAL H2   H N N 381 
VAL HA   H N N 382 
VAL HB   H N N 383 
VAL HG11 H N N 384 
VAL HG12 H N N 385 
VAL HG13 H N N 386 
VAL HG21 H N N 387 
VAL HG22 H N N 388 
VAL HG23 H N N 389 
VAL HXT  H N N 390 
# 
loop_
_chem_comp_bond.comp_id 
_chem_comp_bond.atom_id_1 
_chem_comp_bond.atom_id_2 
_chem_comp_bond.value_order 
_chem_comp_bond.pdbx_aromatic_flag 
_chem_comp_bond.pdbx_stereo_config 
_chem_comp_bond.pdbx_ordinal 
ALA N   CA   sing N N 1   
ALA N   H    sing N N 2   
ALA N   H2   sing N N 3   
ALA CA  C    sing N N 4   
ALA CA  CB   sing N N 5   
ALA CA  HA   sing N N 6   
ALA C   O    doub N N 7   
ALA C   OXT  sing N N 8   
ALA CB  HB1  sing N N 9   
ALA CB  HB2  sing N N 10  
ALA CB  HB3  sing N N 11  
ALA OXT HXT  sing N N 12  
ARG N   CA   sing N N 13  
ARG N   H    sing N N 14  
ARG N   H2   sing N N 15  
ARG CA  C    sing N N 16  
ARG CA  CB   sing N N 17  
ARG CA  HA   sing N N 18  
ARG C   O    doub N N 19  
ARG C   OXT  sing N N 20  
ARG CB  CG   sing N N 21  
ARG CB  HB2  sing N N 22  
ARG CB  HB3  sing N N 23  
ARG CG  CD   sing N N 24  
ARG CG  HG2  sing N N 25  
ARG CG  HG3  sing N N 26  
ARG CD  NE   sing N N 27  
ARG CD  HD2  sing N N 28  
ARG CD  HD3  sing N N 29  
ARG NE  CZ   sing N N 30  
ARG NE  HE   sing N N 31  
ARG CZ  NH1  sing N N 32  
ARG CZ  NH2  doub N N 33  
ARG NH1 HH11 sing N N 34  
ARG NH1 HH12 sing N N 35  
ARG NH2 HH21 sing N N 36  
ARG NH2 HH22 sing N N 37  
ARG OXT HXT  sing N N 38  
ASN N   CA   sing N N 39  
ASN N   H    sing N N 40  
ASN N   H2   sing N N 41  
ASN CA  C    sing N N 42  
ASN CA  CB   sing N N 43  
ASN CA  HA   sing N N 44  
ASN C   O    doub N N 45  
ASN C   OXT  sing N N 46  
ASN CB  CG   sing N N 47  
ASN CB  HB2  sing N N 48  
ASN CB  HB3  sing N N 49  
ASN CG  OD1  doub N N 50  
ASN CG  ND2  sing N N 51  
ASN ND2 HD21 sing N N 52  
ASN ND2 HD22 sing N N 53  
ASN OXT HXT  sing N N 54  
ASP N   CA   sing N N 55  
ASP N   H    sing N N 56  
ASP N   H2   sing N N 57  
ASP CA  C    sing N N 58  
ASP CA  CB   sing N N 59  
ASP CA  HA   sing N N 60  
ASP C   O    doub N N 61  
ASP C   OXT  sing N N 62  
ASP CB  CG   sing N N 63  
ASP CB  HB2  sing N N 64  
ASP CB  HB3  sing N N 65  
ASP CG  OD1  doub N N 66  
ASP CG  OD2  sing N N 67  
ASP OD2 HD2  sing N N 68  
ASP OXT HXT  sing N N 69  
CYS N   CA   sing N N 70  
CYS N   H    sing N N 71  
CYS N   H2   sing N N 72  
CYS CA  C    sing N N 73  
CYS CA  CB   sing N N 74  
CYS CA  HA   sing N N 75  
CYS C   O    doub N N 76  
CYS C   OXT  sing N N 77  
CYS CB  SG   sing N N 78  
CYS CB  HB2  sing N N 79  
CYS CB  HB3  sing N N 80  
CYS SG  HG   sing N N 81  
CYS OXT HXT  sing N N 82  
GLN N   CA   sing N N 83  
GLN N   H    sing N N 84  
GLN N   H2   sing N N 85  
GLN CA  C    sing N N 86  
GLN CA  CB   sing N N 87  
GLN CA  HA   sing N N 88  
GLN C   O    doub N N 89  
GLN C   OXT  sing N N 90  
GLN CB  CG   sing N N 91  
GLN CB  HB2  sing N N 92  
GLN CB  HB3  sing N N 93  
GLN CG  CD   sing N N 94  
GLN CG  HG2  sing N N 95  
GLN CG  HG3  sing N N 96  
GLN CD  OE1  doub N N 97  
GLN CD  NE2  sing N N 98  
GLN NE2 HE21 sing N N 99  
GLN NE2 HE22 sing N N 100 
GLN OXT HXT  sing N N 101 
GLU N   CA   sing N N 102 
GLU N   H    sing N N 103 
GLU N   H2   sing N N 104 
GLU CA  C    sing N N 105 
GLU CA  CB   sing N N 106 
GLU CA  HA   sing N N 107 
GLU C   O    doub N N 108 
GLU C   OXT  sing N N 109 
GLU CB  CG   sing N N 110 
GLU CB  HB2  sing N N 111 
GLU CB  HB3  sing N N 112 
GLU CG  CD   sing N N 113 
GLU CG  HG2  sing N N 114 
GLU CG  HG3  sing N N 115 
GLU CD  OE1  doub N N 116 
GLU CD  OE2  sing N N 117 
GLU OE2 HE2  sing N N 118 
GLU OXT HXT  sing N N 119 
GLY N   CA   sing N N 120 
GLY N   H    sing N N 121 
GLY N   H2   sing N N 122 
GLY CA  C    sing N N 123 
GLY CA  HA2  sing N N 124 
GLY CA  HA3  sing N N 125 
GLY C   O    doub N N 126 
GLY C   OXT  sing N N 127 
GLY OXT HXT  sing N N 128 
HIS N   CA   sing N N 129 
HIS N   H    sing N N 130 
HIS N   H2   sing N N 131 
HIS CA  C    sing N N 132 
HIS CA  CB   sing N N 133 
HIS CA  HA   sing N N 134 
HIS C   O    doub N N 135 
HIS C   OXT  sing N N 136 
HIS CB  CG   sing N N 137 
HIS CB  HB2  sing N N 138 
HIS CB  HB3  sing N N 139 
HIS CG  ND1  sing Y N 140 
HIS CG  CD2  doub Y N 141 
HIS ND1 CE1  doub Y N 142 
HIS ND1 HD1  sing N N 143 
HIS CD2 NE2  sing Y N 144 
HIS CD2 HD2  sing N N 145 
HIS CE1 NE2  sing Y N 146 
HIS CE1 HE1  sing N N 147 
HIS NE2 HE2  sing N N 148 
HIS OXT HXT  sing N N 149 
HOH O   H1   sing N N 150 
HOH O   H2   sing N N 151 
ILE N   CA   sing N N 152 
ILE N   H    sing N N 153 
ILE N   H2   sing N N 154 
ILE CA  C    sing N N 155 
ILE CA  CB   sing N N 156 
ILE CA  HA   sing N N 157 
ILE C   O    doub N N 158 
ILE C   OXT  sing N N 159 
ILE CB  CG1  sing N N 160 
ILE CB  CG2  sing N N 161 
ILE CB  HB   sing N N 162 
ILE CG1 CD1  sing N N 163 
ILE CG1 HG12 sing N N 164 
ILE CG1 HG13 sing N N 165 
ILE CG2 HG21 sing N N 166 
ILE CG2 HG22 sing N N 167 
ILE CG2 HG23 sing N N 168 
ILE CD1 HD11 sing N N 169 
ILE CD1 HD12 sing N N 170 
ILE CD1 HD13 sing N N 171 
ILE OXT HXT  sing N N 172 
LEU N   CA   sing N N 173 
LEU N   H    sing N N 174 
LEU N   H2   sing N N 175 
LEU CA  C    sing N N 176 
LEU CA  CB   sing N N 177 
LEU CA  HA   sing N N 178 
LEU C   O    doub N N 179 
LEU C   OXT  sing N N 180 
LEU CB  CG   sing N N 181 
LEU CB  HB2  sing N N 182 
LEU CB  HB3  sing N N 183 
LEU CG  CD1  sing N N 184 
LEU CG  CD2  sing N N 185 
LEU CG  HG   sing N N 186 
LEU CD1 HD11 sing N N 187 
LEU CD1 HD12 sing N N 188 
LEU CD1 HD13 sing N N 189 
LEU CD2 HD21 sing N N 190 
LEU CD2 HD22 sing N N 191 
LEU CD2 HD23 sing N N 192 
LEU OXT HXT  sing N N 193 
LYS N   CA   sing N N 194 
LYS N   H    sing N N 195 
LYS N   H2   sing N N 196 
LYS CA  C    sing N N 197 
LYS CA  CB   sing N N 198 
LYS CA  HA   sing N N 199 
LYS C   O    doub N N 200 
LYS C   OXT  sing N N 201 
LYS CB  CG   sing N N 202 
LYS CB  HB2  sing N N 203 
LYS CB  HB3  sing N N 204 
LYS CG  CD   sing N N 205 
LYS CG  HG2  sing N N 206 
LYS CG  HG3  sing N N 207 
LYS CD  CE   sing N N 208 
LYS CD  HD2  sing N N 209 
LYS CD  HD3  sing N N 210 
LYS CE  NZ   sing N N 211 
LYS CE  HE2  sing N N 212 
LYS CE  HE3  sing N N 213 
LYS NZ  HZ1  sing N N 214 
LYS NZ  HZ2  sing N N 215 
LYS NZ  HZ3  sing N N 216 
LYS OXT HXT  sing N N 217 
MET N   CA   sing N N 218 
MET N   H    sing N N 219 
MET N   H2   sing N N 220 
MET CA  C    sing N N 221 
MET CA  CB   sing N N 222 
MET CA  HA   sing N N 223 
MET C   O    doub N N 224 
MET C   OXT  sing N N 225 
MET CB  CG   sing N N 226 
MET CB  HB2  sing N N 227 
MET CB  HB3  sing N N 228 
MET CG  SD   sing N N 229 
MET CG  HG2  sing N N 230 
MET CG  HG3  sing N N 231 
MET SD  CE   sing N N 232 
MET CE  HE1  sing N N 233 
MET CE  HE2  sing N N 234 
MET CE  HE3  sing N N 235 
MET OXT HXT  sing N N 236 
PHE N   CA   sing N N 237 
PHE N   H    sing N N 238 
PHE N   H2   sing N N 239 
PHE CA  C    sing N N 240 
PHE CA  CB   sing N N 241 
PHE CA  HA   sing N N 242 
PHE C   O    doub N N 243 
PHE C   OXT  sing N N 244 
PHE CB  CG   sing N N 245 
PHE CB  HB2  sing N N 246 
PHE CB  HB3  sing N N 247 
PHE CG  CD1  doub Y N 248 
PHE CG  CD2  sing Y N 249 
PHE CD1 CE1  sing Y N 250 
PHE CD1 HD1  sing N N 251 
PHE CD2 CE2  doub Y N 252 
PHE CD2 HD2  sing N N 253 
PHE CE1 CZ   doub Y N 254 
PHE CE1 HE1  sing N N 255 
PHE CE2 CZ   sing Y N 256 
PHE CE2 HE2  sing N N 257 
PHE CZ  HZ   sing N N 258 
PHE OXT HXT  sing N N 259 
PRO N   CA   sing N N 260 
PRO N   CD   sing N N 261 
PRO N   H    sing N N 262 
PRO CA  C    sing N N 263 
PRO CA  CB   sing N N 264 
PRO CA  HA   sing N N 265 
PRO C   O    doub N N 266 
PRO C   OXT  sing N N 267 
PRO CB  CG   sing N N 268 
PRO CB  HB2  sing N N 269 
PRO CB  HB3  sing N N 270 
PRO CG  CD   sing N N 271 
PRO CG  HG2  sing N N 272 
PRO CG  HG3  sing N N 273 
PRO CD  HD2  sing N N 274 
PRO CD  HD3  sing N N 275 
PRO OXT HXT  sing N N 276 
SER N   CA   sing N N 277 
SER N   H    sing N N 278 
SER N   H2   sing N N 279 
SER CA  C    sing N N 280 
SER CA  CB   sing N N 281 
SER CA  HA   sing N N 282 
SER C   O    doub N N 283 
SER C   OXT  sing N N 284 
SER CB  OG   sing N N 285 
SER CB  HB2  sing N N 286 
SER CB  HB3  sing N N 287 
SER OG  HG   sing N N 288 
SER OXT HXT  sing N N 289 
THR N   CA   sing N N 290 
THR N   H    sing N N 291 
THR N   H2   sing N N 292 
THR CA  C    sing N N 293 
THR CA  CB   sing N N 294 
THR CA  HA   sing N N 295 
THR C   O    doub N N 296 
THR C   OXT  sing N N 297 
THR CB  OG1  sing N N 298 
THR CB  CG2  sing N N 299 
THR CB  HB   sing N N 300 
THR OG1 HG1  sing N N 301 
THR CG2 HG21 sing N N 302 
THR CG2 HG22 sing N N 303 
THR CG2 HG23 sing N N 304 
THR OXT HXT  sing N N 305 
TRP N   CA   sing N N 306 
TRP N   H    sing N N 307 
TRP N   H2   sing N N 308 
TRP CA  C    sing N N 309 
TRP CA  CB   sing N N 310 
TRP CA  HA   sing N N 311 
TRP C   O    doub N N 312 
TRP C   OXT  sing N N 313 
TRP CB  CG   sing N N 314 
TRP CB  HB2  sing N N 315 
TRP CB  HB3  sing N N 316 
TRP CG  CD1  doub Y N 317 
TRP CG  CD2  sing Y N 318 
TRP CD1 NE1  sing Y N 319 
TRP CD1 HD1  sing N N 320 
TRP CD2 CE2  doub Y N 321 
TRP CD2 CE3  sing Y N 322 
TRP NE1 CE2  sing Y N 323 
TRP NE1 HE1  sing N N 324 
TRP CE2 CZ2  sing Y N 325 
TRP CE3 CZ3  doub Y N 326 
TRP CE3 HE3  sing N N 327 
TRP CZ2 CH2  doub Y N 328 
TRP CZ2 HZ2  sing N N 329 
TRP CZ3 CH2  sing Y N 330 
TRP CZ3 HZ3  sing N N 331 
TRP CH2 HH2  sing N N 332 
TRP OXT HXT  sing N N 333 
TYR N   CA   sing N N 334 
TYR N   H    sing N N 335 
TYR N   H2   sing N N 336 
TYR CA  C    sing N N 337 
TYR CA  CB   sing N N 338 
TYR CA  HA   sing N N 339 
TYR C   O    doub N N 340 
TYR C   OXT  sing N N 341 
TYR CB  CG   sing N N 342 
TYR CB  HB2  sing N N 343 
TYR CB  HB3  sing N N 344 
TYR CG  CD1  doub Y N 345 
TYR CG  CD2  sing Y N 346 
TYR CD1 CE1  sing Y N 347 
TYR CD1 HD1  sing N N 348 
TYR CD2 CE2  doub Y N 349 
TYR CD2 HD2  sing N N 350 
TYR CE1 CZ   doub Y N 351 
TYR CE1 HE1  sing N N 352 
TYR CE2 CZ   sing Y N 353 
TYR CE2 HE2  sing N N 354 
TYR CZ  OH   sing N N 355 
TYR OH  HH   sing N N 356 
TYR OXT HXT  sing N N 357 
VAL N   CA   sing N N 358 
VAL N   H    sing N N 359 
VAL N   H2   sing N N 360 
VAL CA  C    sing N N 361 
VAL CA  CB   sing N N 362 
VAL CA  HA   sing N N 363 
VAL C   O    doub N N 364 
VAL C   OXT  sing N N 365 
VAL CB  CG1  sing N N 366 
VAL CB  CG2  sing N N 367 
VAL CB  HB   sing N N 368 
VAL CG1 HG11 sing N N 369 
VAL CG1 HG12 sing N N 370 
VAL CG1 HG13 sing N N 371 
VAL CG2 HG21 sing N N 372 
VAL CG2 HG22 sing N N 373 
VAL CG2 HG23 sing N N 374 
VAL OXT HXT  sing N N 375 
# 
_atom_sites.entry_id                    3CNU 
_atom_sites.fract_transf_matrix[1][1]   0.00800680 
_atom_sites.fract_transf_matrix[1][2]   0.01435336 
_atom_sites.fract_transf_matrix[1][3]   0.00719636 
_atom_sites.fract_transf_matrix[2][1]   -0.01455025 
_atom_sites.fract_transf_matrix[2][2]   0.00920911 
_atom_sites.fract_transf_matrix[2][3]   -0.00217898 
_atom_sites.fract_transf_matrix[3][1]   -0.00456040 
_atom_sites.fract_transf_matrix[3][2]   -0.00407955 
_atom_sites.fract_transf_matrix[3][3]   0.01321077 
_atom_sites.fract_transf_vector[1]      0.140062 
_atom_sites.fract_transf_vector[2]      0.140520 
_atom_sites.fract_transf_vector[3]      0.193351 
# 
loop_
_atom_type.symbol 
C 
N 
O 
S 
# 
loop_
_atom_site.group_PDB 
_atom_site.id 
_atom_site.type_symbol 
_atom_site.label_atom_id 
_atom_site.label_alt_id 
_atom_site.label_comp_id 
_atom_site.label_asym_id 
_atom_site.label_entity_id 
_atom_site.label_seq_id 
_atom_site.pdbx_PDB_ins_code 
_atom_site.Cartn_x 
_atom_site.Cartn_y 
_atom_site.Cartn_z 
_atom_site.occupancy 
_atom_site.B_iso_or_equiv 
_atom_site.pdbx_formal_charge 
_atom_site.auth_seq_id 
_atom_site.auth_comp_id 
_atom_site.auth_asym_id 
_atom_site.auth_atom_id 
_atom_site.pdbx_PDB_model_num 
ATOM   1   N N   . MET A 1 1   ? -3.510  18.110  -2.534  1.00 34.51 ? 1   MET A N   1 
ATOM   2   C CA  . MET A 1 1   ? -3.530  16.605  -2.621  1.00 33.86 ? 1   MET A CA  1 
ATOM   3   C C   . MET A 1 1   ? -4.716  16.113  -3.447  1.00 32.91 ? 1   MET A C   1 
ATOM   4   O O   . MET A 1 1   ? -5.826  16.644  -3.338  1.00 33.17 ? 1   MET A O   1 
ATOM   5   C CB  . MET A 1 1   ? -3.643  15.975  -1.226  1.00 34.66 ? 1   MET A CB  1 
ATOM   6   C CG  . MET A 1 1   ? -2.467  16.227  -0.314  1.00 35.62 ? 1   MET A CG  1 
ATOM   7   S SD  . MET A 1 1   ? -2.578  15.239  1.196   1.00 37.38 ? 1   MET A SD  1 
ATOM   8   C CE  . MET A 1 1   ? -1.175  15.921  2.102   1.00 38.16 ? 1   MET A CE  1 
ATOM   9   N N   . SER A 1 2   ? -4.503  15.075  -4.241  1.00 30.94 ? 2   SER A N   1 
ATOM   10  C CA  . SER A 1 2   ? -5.627  14.343  -4.804  1.00 29.61 ? 2   SER A CA  1 
ATOM   11  C C   . SER A 1 2   ? -6.493  13.806  -3.669  1.00 28.73 ? 2   SER A C   1 
ATOM   12  O O   . SER A 1 2   ? -6.039  13.659  -2.520  1.00 28.44 ? 2   SER A O   1 
ATOM   13  C CB  . SER A 1 2   ? -5.156  13.193  -5.716  1.00 29.89 ? 2   SER A CB  1 
ATOM   14  O OG  . SER A 1 2   ? -4.600  12.106  -4.989  1.00 26.30 ? 2   SER A OG  1 
ATOM   15  N N   . GLU A 1 3   ? -7.754  13.555  -3.984  1.00 27.49 ? 3   GLU A N   1 
ATOM   16  C CA  . GLU A 1 3   ? -8.679  12.973  -3.027  1.00 26.75 ? 3   GLU A CA  1 
ATOM   17  C C   . GLU A 1 3   ? -8.160  11.602  -2.530  1.00 25.26 ? 3   GLU A C   1 
ATOM   18  O O   . GLU A 1 3   ? -8.292  11.278  -1.345  1.00 22.93 ? 3   GLU A O   1 
ATOM   19  C CB  . GLU A 1 3   ? -10.068 12.851  -3.678  1.00 26.76 ? 3   GLU A CB  1 
ATOM   20  C CG  . GLU A 1 3   ? -11.163 12.517  -2.715  1.00 28.61 ? 3   GLU A CG  1 
ATOM   21  C CD  . GLU A 1 3   ? -12.573 12.926  -3.180  1.00 29.83 ? 3   GLU A CD  1 
ATOM   22  O OE1 . GLU A 1 3   ? -12.706 13.689  -4.182  1.00 31.97 ? 3   GLU A OE1 1 
ATOM   23  O OE2 . GLU A 1 3   ? -13.547 12.486  -2.500  1.00 34.79 ? 3   GLU A OE2 1 
ATOM   24  N N   . ALA A 1 4   ? -7.569  10.812  -3.436  1.00 23.69 ? 4   ALA A N   1 
ATOM   25  C CA  . ALA A 1 4   ? -7.058  9.485   -3.092  1.00 23.34 ? 4   ALA A CA  1 
ATOM   26  C C   . ALA A 1 4   ? -5.953  9.604   -2.066  1.00 22.53 ? 4   ALA A C   1 
ATOM   27  O O   . ALA A 1 4   ? -5.911  8.855   -1.101  1.00 22.02 ? 4   ALA A O   1 
ATOM   28  C CB  . ALA A 1 4   ? -6.527  8.743   -4.361  1.00 22.66 ? 4   ALA A CB  1 
ATOM   29  N N   . LYS A 1 5   ? -5.042  10.542  -2.296  1.00 22.70 ? 5   LYS A N   1 
ATOM   30  C CA  . LYS A 1 5   ? -3.915  10.745  -1.393  1.00 22.70 ? 5   LYS A CA  1 
ATOM   31  C C   . LYS A 1 5   ? -4.391  11.188  -0.018  1.00 22.54 ? 5   LYS A C   1 
ATOM   32  O O   . LYS A 1 5   ? -3.922  10.685  0.995   1.00 22.18 ? 5   LYS A O   1 
ATOM   33  C CB  . LYS A 1 5   ? -2.938  11.767  -1.968  1.00 22.50 ? 5   LYS A CB  1 
ATOM   34  C CG  . LYS A 1 5   ? -1.759  12.064  -1.033  1.00 24.08 ? 5   LYS A CG  1 
ATOM   35  C CD  . LYS A 1 5   ? -0.765  12.978  -1.705  1.00 23.85 ? 5   LYS A CD  1 
ATOM   36  C CE  . LYS A 1 5   ? 0.224   13.551  -0.711  1.00 25.84 ? 5   LYS A CE  1 
ATOM   37  N NZ  . LYS A 1 5   ? 0.943   14.689  -1.341  1.00 27.75 ? 5   LYS A NZ  1 
ATOM   38  N N   . GLU A 1 6   ? -5.305  12.159  0.001   1.00 23.22 ? 6   GLU A N   1 
ATOM   39  C CA  . GLU A 1 6   ? -5.918  12.652  1.237   1.00 23.29 ? 6   GLU A CA  1 
ATOM   40  C C   . GLU A 1 6   ? -6.524  11.490  2.056   1.00 22.99 ? 6   GLU A C   1 
ATOM   41  O O   . GLU A 1 6   ? -6.339  11.391  3.284   1.00 23.41 ? 6   GLU A O   1 
ATOM   42  C CB  . GLU A 1 6   ? -6.980  13.708  0.862   1.00 23.85 ? 6   GLU A CB  1 
ATOM   43  C CG  . GLU A 1 6   ? -7.961  14.031  1.960   1.00 24.52 ? 6   GLU A CG  1 
ATOM   44  C CD  . GLU A 1 6   ? -9.086  15.016  1.566   1.00 26.79 ? 6   GLU A CD  1 
ATOM   45  O OE1 . GLU A 1 6   ? -9.140  15.522  0.420   1.00 30.36 ? 6   GLU A OE1 1 
ATOM   46  O OE2 . GLU A 1 6   ? -9.946  15.263  2.448   1.00 33.89 ? 6   GLU A OE2 1 
ATOM   47  N N   . LEU A 1 7   ? -7.234  10.609  1.360   1.00 22.76 ? 7   LEU A N   1 
ATOM   48  C CA  . LEU A 1 7   ? -7.901  9.460   1.970   1.00 22.59 ? 7   LEU A CA  1 
ATOM   49  C C   . LEU A 1 7   ? -6.912  8.411   2.500   1.00 22.09 ? 7   LEU A C   1 
ATOM   50  O O   . LEU A 1 7   ? -7.126  7.821   3.568   1.00 21.10 ? 7   LEU A O   1 
ATOM   51  C CB  . LEU A 1 7   ? -8.851  8.838   0.944   1.00 22.48 ? 7   LEU A CB  1 
ATOM   52  C CG  . LEU A 1 7   ? -9.830  7.757   1.402   1.00 24.13 ? 7   LEU A CG  1 
ATOM   53  C CD1 . LEU A 1 7   ? -10.534 8.145   2.729   1.00 25.68 ? 7   LEU A CD1 1 
ATOM   54  C CD2 . LEU A 1 7   ? -10.855 7.474   0.272   1.00 23.90 ? 7   LEU A CD2 1 
ATOM   55  N N   . ILE A 1 8   ? -5.828  8.178   1.764   1.00 22.23 ? 8   ILE A N   1 
ATOM   56  C CA  . ILE A 1 8   ? -4.768  7.278   2.246   1.00 22.51 ? 8   ILE A CA  1 
ATOM   57  C C   . ILE A 1 8   ? -4.145  7.836   3.544   1.00 22.90 ? 8   ILE A C   1 
ATOM   58  O O   . ILE A 1 8   ? -3.922  7.100   4.510   1.00 22.41 ? 8   ILE A O   1 
ATOM   59  C CB  . ILE A 1 8   ? -3.706  7.030   1.158   1.00 21.80 ? 8   ILE A CB  1 
ATOM   60  C CG1 . ILE A 1 8   ? -4.334  6.205   0.018   1.00 21.15 ? 8   ILE A CG1 1 
ATOM   61  C CG2 . ILE A 1 8   ? -2.455  6.313   1.754   1.00 22.17 ? 8   ILE A CG2 1 
ATOM   62  C CD1 . ILE A 1 8   ? -3.490  6.104   -1.291  1.00 20.63 ? 8   ILE A CD1 1 
ATOM   63  N N   . LYS A 1 9   ? -3.908  9.143   3.561   1.00 24.25 ? 9   LYS A N   1 
ATOM   64  C CA  . LYS A 1 9   ? -3.371  9.804   4.735   1.00 25.01 ? 9   LYS A CA  1 
ATOM   65  C C   . LYS A 1 9   ? -4.342  9.639   5.914   1.00 24.52 ? 9   LYS A C   1 
ATOM   66  O O   . LYS A 1 9   ? -3.910  9.305   7.009   1.00 23.90 ? 9   LYS A O   1 
ATOM   67  C CB  . LYS A 1 9   ? -3.069  11.278  4.457   1.00 25.36 ? 9   LYS A CB  1 
ATOM   68  C CG  . LYS A 1 9   ? -2.135  11.896  5.515   1.00 27.21 ? 9   LYS A CG  1 
ATOM   69  C CD  . LYS A 1 9   ? -2.282  13.410  5.637   1.00 29.68 ? 9   LYS A CD  1 
ATOM   70  C CE  . LYS A 1 9   ? -1.463  14.172  4.605   1.00 35.14 ? 9   LYS A CE  1 
ATOM   71  N NZ  . LYS A 1 9   ? -0.188  14.756  5.188   1.00 38.08 ? 9   LYS A NZ  1 
ATOM   72  N N   . LYS A 1 10  ? -5.643  9.855   5.679   1.00 25.31 ? 10  LYS A N   1 
ATOM   73  C CA  . LYS A 1 10  ? -6.696  9.639   6.707   1.00 25.19 ? 10  LYS A CA  1 
ATOM   74  C C   . LYS A 1 10  ? -6.731  8.229   7.259   1.00 24.98 ? 10  LYS A C   1 
ATOM   75  O O   . LYS A 1 10  ? -6.884  8.028   8.471   1.00 24.24 ? 10  LYS A O   1 
ATOM   76  C CB  . LYS A 1 10  ? -8.091  9.951   6.145   1.00 25.95 ? 10  LYS A CB  1 
ATOM   77  C CG  . LYS A 1 10  ? -8.293  11.435  5.822   1.00 27.78 ? 10  LYS A CG  1 
ATOM   78  C CD  . LYS A 1 10  ? -9.743  11.745  5.482   1.00 28.32 ? 10  LYS A CD  1 
ATOM   79  C CE  . LYS A 1 10  ? -9.933  13.204  5.098   1.00 30.89 ? 10  LYS A CE  1 
ATOM   80  N NZ  . LYS A 1 10  ? -11.333 13.485  4.603   1.00 33.19 ? 10  LYS A NZ  1 
ATOM   81  N N   . MET A 1 11  ? -6.608  7.248   6.364   1.00 24.10 ? 11  MET A N   1 
ATOM   82  C CA  . MET A 1 11  ? -6.566  5.846   6.750   1.00 24.43 ? 11  MET A CA  1 
ATOM   83  C C   . MET A 1 11  ? -5.349  5.548   7.651   1.00 23.64 ? 11  MET A C   1 
ATOM   84  O O   . MET A 1 11  ? -5.474  4.825   8.640   1.00 22.90 ? 11  MET A O   1 
ATOM   85  C CB  . MET A 1 11  ? -6.538  4.952   5.497   1.00 24.45 ? 11  MET A CB  1 
ATOM   86  C CG  . MET A 1 11  ? -7.860  4.874   4.718   1.00 25.66 ? 11  MET A CG  1 
ATOM   87  S SD  . MET A 1 11  ? -7.689  4.008   3.115   1.00 27.41 ? 11  MET A SD  1 
ATOM   88  C CE  . MET A 1 11  ? -7.392  5.356   2.028   1.00 32.93 ? 11  MET A CE  1 
ATOM   89  N N   . CYS A 1 12  ? -4.185  6.107   7.317   1.00 23.01 ? 12  CYS A N   1 
ATOM   90  C CA  . CYS A 1 12  ? -2.987  5.975   8.175   1.00 22.99 ? 12  CYS A CA  1 
ATOM   91  C C   . CYS A 1 12  ? -3.215  6.558   9.591   1.00 22.60 ? 12  CYS A C   1 
ATOM   92  O O   . CYS A 1 12  ? -2.796  5.947   10.591  1.00 20.52 ? 12  CYS A O   1 
ATOM   93  C CB  . CYS A 1 12  ? -1.748  6.615   7.526   1.00 22.60 ? 12  CYS A CB  1 
ATOM   94  S SG  . CYS A 1 12  ? -1.201  5.774   6.005   1.00 23.38 ? 12  CYS A SG  1 
ATOM   95  N N   . ASP A 1 13  ? -3.883  7.716   9.659   1.00 22.57 ? 13  ASP A N   1 
ATOM   96  C CA  . ASP A 1 13  ? -4.208  8.345   10.941  1.00 22.69 ? 13  ASP A CA  1 
ATOM   97  C C   . ASP A 1 13  ? -5.131  7.459   11.785  1.00 22.39 ? 13  ASP A C   1 
ATOM   98  O O   . ASP A 1 13  ? -4.925  7.309   12.991  1.00 21.57 ? 13  ASP A O   1 
ATOM   99  C CB  . ASP A 1 13  ? -4.834  9.734   10.739  1.00 22.97 ? 13  ASP A CB  1 
ATOM   100 C CG  . ASP A 1 13  ? -3.822  10.773  10.272  1.00 24.17 ? 13  ASP A CG  1 
ATOM   101 O OD1 . ASP A 1 13  ? -2.609  10.537  10.417  1.00 25.48 ? 13  ASP A OD1 1 
ATOM   102 O OD2 . ASP A 1 13  ? -4.243  11.829  9.771   1.00 25.41 ? 13  ASP A OD2 1 
ATOM   103 N N   . LEU A 1 14  ? -6.132  6.863   11.142  1.00 22.51 ? 14  LEU A N   1 
ATOM   104 C CA  . LEU A 1 14  ? -7.051  5.955   11.817  1.00 22.41 ? 14  LEU A CA  1 
ATOM   105 C C   . LEU A 1 14  ? -6.338  4.705   12.306  1.00 22.29 ? 14  LEU A C   1 
ATOM   106 O O   . LEU A 1 14  ? -6.552  4.260   13.443  1.00 20.97 ? 14  LEU A O   1 
ATOM   107 C CB  . LEU A 1 14  ? -8.191  5.546   10.881  1.00 22.73 ? 14  LEU A CB  1 
ATOM   108 C CG  . LEU A 1 14  ? -9.167  6.662   10.499  1.00 24.39 ? 14  LEU A CG  1 
ATOM   109 C CD1 . LEU A 1 14  ? -10.004 6.245   9.278   1.00 27.17 ? 14  LEU A CD1 1 
ATOM   110 C CD2 . LEU A 1 14  ? -10.042 7.059   11.690  1.00 27.33 ? 14  LEU A CD2 1 
ATOM   111 N N   . GLN A 1 15  ? -5.497  4.149   11.437  1.00 21.07 ? 15  GLN A N   1 
ATOM   112 C CA  . GLN A 1 15  ? -4.739  2.962   11.762  1.00 21.77 ? 15  GLN A CA  1 
ATOM   113 C C   . GLN A 1 15  ? -3.879  3.207   12.988  1.00 20.93 ? 15  GLN A C   1 
ATOM   114 O O   . GLN A 1 15  ? -3.894  2.398   13.894  1.00 20.53 ? 15  GLN A O   1 
ATOM   115 C CB  . GLN A 1 15  ? -3.855  2.517   10.593  1.00 21.06 ? 15  GLN A CB  1 
ATOM   116 C CG  . GLN A 1 15  ? -3.104  1.222   10.866  1.00 21.73 ? 15  GLN A CG  1 
ATOM   117 C CD  . GLN A 1 15  ? -2.301  0.699   9.665   1.00 21.88 ? 15  GLN A CD  1 
ATOM   118 O OE1 . GLN A 1 15  ? -1.289  -0.012  9.829   1.00 23.60 ? 15  GLN A OE1 1 
ATOM   119 N NE2 . GLN A 1 15  ? -2.746  1.036   8.468   1.00 20.90 ? 15  GLN A NE2 1 
ATOM   120 N N   . ASN A 1 16  ? -3.176  4.344   13.012  1.00 21.58 ? 16  ASN A N   1 
ATOM   121 C CA  . ASN A 1 16  ? -2.225  4.664   14.089  1.00 21.96 ? 16  ASN A CA  1 
ATOM   122 C C   . ASN A 1 16  ? -2.873  5.005   15.434  1.00 22.08 ? 16  ASN A C   1 
ATOM   123 O O   . ASN A 1 16  ? -2.211  5.001   16.468  1.00 21.65 ? 16  ASN A O   1 
ATOM   124 C CB  . ASN A 1 16  ? -1.270  5.783   13.652  1.00 21.61 ? 16  ASN A CB  1 
ATOM   125 C CG  . ASN A 1 16  ? -0.278  5.326   12.615  1.00 21.81 ? 16  ASN A CG  1 
ATOM   126 O OD1 . ASN A 1 16  ? 0.134   6.098   11.744  1.00 24.66 ? 16  ASN A OD1 1 
ATOM   127 N ND2 . ASN A 1 16  ? 0.121   4.072   12.697  1.00 20.95 ? 16  ASN A ND2 1 
ATOM   128 N N   . SER A 1 17  ? -4.167  5.266   15.431  1.00 22.24 ? 17  SER A N   1 
ATOM   129 C CA  . SER A 1 17  ? -4.857  5.602   16.672  1.00 23.16 ? 17  SER A CA  1 
ATOM   130 C C   . SER A 1 17  ? -5.856  4.524   17.107  1.00 23.74 ? 17  SER A C   1 
ATOM   131 O O   . SER A 1 17  ? -6.538  4.680   18.137  1.00 23.16 ? 17  SER A O   1 
ATOM   132 C CB  . SER A 1 17  ? -5.557  6.949   16.513  1.00 23.32 ? 17  SER A CB  1 
ATOM   133 O OG  . SER A 1 17  ? -6.523  6.910   15.493  1.00 23.12 ? 17  SER A OG  1 
ATOM   134 N N   . ASN A 1 18  ? -5.910  3.430   16.351  1.00 24.38 ? 18  ASN A N   1 
ATOM   135 C CA  . ASN A 1 18  ? -6.902  2.393   16.553  1.00 25.22 ? 18  ASN A CA  1 
ATOM   136 C C   . ASN A 1 18  ? -6.256  1.022   16.737  1.00 25.89 ? 18  ASN A C   1 
ATOM   137 O O   . ASN A 1 18  ? -5.805  0.382   15.768  1.00 24.15 ? 18  ASN A O   1 
ATOM   138 C CB  . ASN A 1 18  ? -7.887  2.359   15.393  1.00 25.54 ? 18  ASN A CB  1 
ATOM   139 C CG  . ASN A 1 18  ? -9.112  1.557   15.712  1.00 27.11 ? 18  ASN A CG  1 
ATOM   140 O OD1 . ASN A 1 18  ? -9.110  0.321   15.575  1.00 33.24 ? 18  ASN A OD1 1 
ATOM   141 N ND2 . ASN A 1 18  ? -10.179 2.245   16.171  1.00 29.96 ? 18  ASN A ND2 1 
ATOM   142 N N   . GLU A 1 19  ? -6.243  0.585   17.995  1.00 27.10 ? 19  GLU A N   1 
ATOM   143 C CA  . GLU A 1 19  ? -5.591  -0.666  18.414  1.00 27.57 ? 19  GLU A CA  1 
ATOM   144 C C   . GLU A 1 19  ? -6.106  -1.905  17.668  1.00 27.67 ? 19  GLU A C   1 
ATOM   145 O O   . GLU A 1 19  ? -5.330  -2.804  17.354  1.00 27.46 ? 19  GLU A O   1 
ATOM   146 C CB  . GLU A 1 19  ? -5.720  -0.809  19.949  1.00 28.06 ? 19  GLU A CB  1 
ATOM   147 C CG  . GLU A 1 19  ? -5.747  -2.238  20.501  1.00 30.76 ? 19  GLU A CG  1 
ATOM   148 C CD  . GLU A 1 19  ? -7.148  -2.881  20.462  1.00 35.86 ? 19  GLU A CD  1 
ATOM   149 O OE1 . GLU A 1 19  ? -8.137  -2.282  20.958  1.00 37.92 ? 19  GLU A OE1 1 
ATOM   150 O OE2 . GLU A 1 19  ? -7.249  -4.005  19.927  1.00 40.18 ? 19  GLU A OE2 1 
ATOM   151 N N   . GLU A 1 20  ? -7.400  -1.924  17.369  1.00 28.28 ? 20  GLU A N   1 
ATOM   152 C CA  . GLU A 1 20  ? -8.037  -3.036  16.650  1.00 28.66 ? 20  GLU A CA  1 
ATOM   153 C C   . GLU A 1 20  ? -7.544  -3.161  15.191  1.00 28.10 ? 20  GLU A C   1 
ATOM   154 O O   . GLU A 1 20  ? -7.238  -4.269  14.716  1.00 27.12 ? 20  GLU A O   1 
ATOM   155 C CB  . GLU A 1 20  ? -9.568  -2.882  16.742  1.00 29.12 ? 20  GLU A CB  1 
ATOM   156 C CG  . GLU A 1 20  ? -10.397 -3.651  15.688  1.00 30.50 ? 20  GLU A CG  1 
ATOM   157 C CD  . GLU A 1 20  ? -11.925 -3.541  15.911  1.00 33.53 ? 20  GLU A CD  1 
ATOM   158 O OE1 . GLU A 1 20  ? -12.365 -3.052  16.997  1.00 38.40 ? 20  GLU A OE1 1 
ATOM   159 O OE2 . GLU A 1 20  ? -12.690 -3.954  14.990  1.00 40.12 ? 20  GLU A OE2 1 
ATOM   160 N N   . ILE A 1 21  ? -7.439  -2.028  14.498  1.00 27.52 ? 21  ILE A N   1 
ATOM   161 C CA  . ILE A 1 21  ? -6.883  -2.021  13.141  1.00 27.30 ? 21  ILE A CA  1 
ATOM   162 C C   . ILE A 1 21  ? -5.426  -2.480  13.206  1.00 26.85 ? 21  ILE A C   1 
ATOM   163 O O   . ILE A 1 21  ? -4.982  -3.303  12.401  1.00 25.60 ? 21  ILE A O   1 
ATOM   164 C CB  . ILE A 1 21  ? -6.992  -0.636  12.459  1.00 27.51 ? 21  ILE A CB  1 
ATOM   165 C CG1 . ILE A 1 21  ? -8.466  -0.252  12.262  1.00 28.20 ? 21  ILE A CG1 1 
ATOM   166 C CG2 . ILE A 1 21  ? -6.291  -0.663  11.080  1.00 27.71 ? 21  ILE A CG2 1 
ATOM   167 C CD1 . ILE A 1 21  ? -8.694  1.157   11.717  1.00 27.80 ? 21  ILE A CD1 1 
ATOM   168 N N   . GLN A 1 22  ? -4.696  -1.976  14.196  1.00 25.99 ? 22  GLN A N   1 
ATOM   169 C CA  . GLN A 1 22  ? -3.305  -2.364  14.360  1.00 26.95 ? 22  GLN A CA  1 
ATOM   170 C C   . GLN A 1 22  ? -3.166  -3.889  14.540  1.00 27.50 ? 22  GLN A C   1 
ATOM   171 O O   . GLN A 1 22  ? -2.301  -4.516  13.914  1.00 28.03 ? 22  GLN A O   1 
ATOM   172 C CB  . GLN A 1 22  ? -2.672  -1.600  15.525  1.00 26.55 ? 22  GLN A CB  1 
ATOM   173 C CG  . GLN A 1 22  ? -2.553  -0.102  15.288  1.00 25.97 ? 22  GLN A CG  1 
ATOM   174 C CD  . GLN A 1 22  ? -2.248  0.657   16.539  1.00 26.35 ? 22  GLN A CD  1 
ATOM   175 O OE1 . GLN A 1 22  ? -1.601  0.123   17.459  1.00 23.44 ? 22  GLN A OE1 1 
ATOM   176 N NE2 . GLN A 1 22  ? -2.707  1.908   16.600  1.00 25.31 ? 22  GLN A NE2 1 
ATOM   177 N N   . LYS A 1 23  ? -4.037  -4.485  15.355  1.00 28.16 ? 23  LYS A N   1 
ATOM   178 C CA  . LYS A 1 23  ? -4.020  -5.945  15.575  1.00 29.67 ? 23  LYS A CA  1 
ATOM   179 C C   . LYS A 1 23  ? -4.201  -6.703  14.269  1.00 29.41 ? 23  LYS A C   1 
ATOM   180 O O   . LYS A 1 23  ? -3.492  -7.672  14.006  1.00 28.99 ? 23  LYS A O   1 
ATOM   181 C CB  . LYS A 1 23  ? -5.119  -6.391  16.542  1.00 29.90 ? 23  LYS A CB  1 
ATOM   182 C CG  . LYS A 1 23  ? -4.859  -6.089  17.996  1.00 33.09 ? 23  LYS A CG  1 
ATOM   183 C CD  . LYS A 1 23  ? -5.992  -6.695  18.833  1.00 32.28 ? 23  LYS A CD  1 
ATOM   184 C CE  . LYS A 1 23  ? -5.922  -6.352  20.299  1.00 34.28 ? 23  LYS A CE  1 
ATOM   185 N NZ  . LYS A 1 23  ? -7.326  -6.367  20.859  1.00 35.43 ? 23  LYS A NZ  1 
ATOM   186 N N   . GLU A 1 24  ? -5.145  -6.236  13.454  1.00 29.95 ? 24  GLU A N   1 
ATOM   187 C CA  . GLU A 1 24  ? -5.459  -6.844  12.160  1.00 30.56 ? 24  GLU A CA  1 
ATOM   188 C C   . GLU A 1 24  ? -4.336  -6.670  11.132  1.00 29.72 ? 24  GLU A C   1 
ATOM   189 O O   . GLU A 1 24  ? -4.173  -7.504  10.238  1.00 29.50 ? 24  GLU A O   1 
ATOM   190 C CB  . GLU A 1 24  ? -6.760  -6.248  11.608  1.00 31.23 ? 24  GLU A CB  1 
ATOM   191 C CG  . GLU A 1 24  ? -7.980  -6.572  12.459  1.00 32.63 ? 24  GLU A CG  1 
ATOM   192 C CD  . GLU A 1 24  ? -9.254  -5.883  11.988  1.00 34.09 ? 24  GLU A CD  1 
ATOM   193 O OE1 . GLU A 1 24  ? -9.219  -5.120  10.996  1.00 39.81 ? 24  GLU A OE1 1 
ATOM   194 O OE2 . GLU A 1 24  ? -10.308 -6.102  12.629  1.00 40.93 ? 24  GLU A OE2 1 
ATOM   195 N N   . MET A 1 25  ? -3.581  -5.581  11.261  1.00 28.92 ? 25  MET A N   1 
ATOM   196 C CA  . MET A 1 25  ? -2.498  -5.249  10.339  1.00 29.30 ? 25  MET A CA  1 
ATOM   197 C C   . MET A 1 25  ? -1.162  -5.849  10.779  1.00 29.46 ? 25  MET A C   1 
ATOM   198 O O   . MET A 1 25  ? -0.231  -5.983  9.960   1.00 30.02 ? 25  MET A O   1 
ATOM   199 C CB  . MET A 1 25  ? -2.361  -3.723  10.193  1.00 28.64 ? 25  MET A CB  1 
ATOM   200 C CG  . MET A 1 25  ? -3.515  -3.044  9.470   1.00 29.24 ? 25  MET A CG  1 
ATOM   201 S SD  . MET A 1 25  ? -3.568  -3.416  7.692   1.00 27.43 ? 25  MET A SD  1 
ATOM   202 C CE  . MET A 1 25  ? -5.071  -2.528  7.280   1.00 32.73 ? 25  MET A CE  1 
ATOM   203 N N   . ALA A 1 26  ? -1.066  -6.234  12.054  1.00 29.29 ? 26  ALA A N   1 
ATOM   204 C CA  . ALA A 1 26  ? 0.191   -6.686  12.630  1.00 29.56 ? 26  ALA A CA  1 
ATOM   205 C C   . ALA A 1 26  ? 0.668   -7.918  11.880  1.00 29.87 ? 26  ALA A C   1 
ATOM   206 O O   . ALA A 1 26  ? -0.141  -8.642  11.297  1.00 29.68 ? 26  ALA A O   1 
ATOM   207 C CB  . ALA A 1 26  ? 0.043   -6.992  14.143  1.00 29.80 ? 26  ALA A CB  1 
ATOM   208 N N   . GLY A 1 27  ? 1.980   -8.113  11.857  1.00 30.31 ? 27  GLY A N   1 
ATOM   209 C CA  . GLY A 1 27  ? 2.578   -9.322  11.290  1.00 31.15 ? 27  GLY A CA  1 
ATOM   210 C C   . GLY A 1 27  ? 3.155   -9.160  9.907   1.00 32.23 ? 27  GLY A C   1 
ATOM   211 O O   . GLY A 1 27  ? 3.774   -10.096 9.394   1.00 33.68 ? 27  GLY A O   1 
ATOM   212 N N   . TRP A 1 28  ? 2.933   -8.004  9.283   1.00 32.63 ? 28  TRP A N   1 
ATOM   213 C CA  . TRP A 1 28  ? 3.497   -7.713  7.972   1.00 32.05 ? 28  TRP A CA  1 
ATOM   214 C C   . TRP A 1 28  ? 4.202   -6.369  8.005   1.00 31.72 ? 28  TRP A C   1 
ATOM   215 O O   . TRP A 1 28  ? 3.765   -5.432  8.668   1.00 30.96 ? 28  TRP A O   1 
ATOM   216 C CB  . TRP A 1 28  ? 2.420   -7.715  6.888   1.00 33.65 ? 28  TRP A CB  1 
ATOM   217 C CG  . TRP A 1 28  ? 2.981   -7.473  5.505   1.00 34.29 ? 28  TRP A CG  1 
ATOM   218 C CD1 . TRP A 1 28  ? 3.706   -8.359  4.748   1.00 36.14 ? 28  TRP A CD1 1 
ATOM   219 C CD2 . TRP A 1 28  ? 2.888   -6.266  4.733   1.00 33.91 ? 28  TRP A CD2 1 
ATOM   220 N NE1 . TRP A 1 28  ? 4.064   -7.776  3.550   1.00 36.33 ? 28  TRP A NE1 1 
ATOM   221 C CE2 . TRP A 1 28  ? 3.562   -6.498  3.511   1.00 35.58 ? 28  TRP A CE2 1 
ATOM   222 C CE3 . TRP A 1 28  ? 2.286   -5.020  4.949   1.00 35.13 ? 28  TRP A CE3 1 
ATOM   223 C CZ2 . TRP A 1 28  ? 3.661   -5.521  2.508   1.00 34.79 ? 28  TRP A CZ2 1 
ATOM   224 C CZ3 . TRP A 1 28  ? 2.379   -4.057  3.960   1.00 35.48 ? 28  TRP A CZ3 1 
ATOM   225 C CH2 . TRP A 1 28  ? 3.061   -4.311  2.750   1.00 35.12 ? 28  TRP A CH2 1 
ATOM   226 N N   . SER A 1 29  ? 5.293   -6.300  7.258   1.00 30.91 ? 29  SER A N   1 
ATOM   227 C CA  . SER A 1 29  ? 6.140   -5.124  7.192   1.00 30.20 ? 29  SER A CA  1 
ATOM   228 C C   . SER A 1 29  ? 6.436   -4.841  5.714   1.00 29.11 ? 29  SER A C   1 
ATOM   229 O O   . SER A 1 29  ? 6.738   -5.766  4.954   1.00 29.02 ? 29  SER A O   1 
ATOM   230 C CB  . SER A 1 29  ? 7.442   -5.426  7.926   1.00 30.43 ? 29  SER A CB  1 
ATOM   231 O OG  . SER A 1 29  ? 8.017   -4.233  8.383   1.00 35.28 ? 29  SER A OG  1 
ATOM   232 N N   . GLY A 1 30  ? 6.357   -3.580  5.308   1.00 27.31 ? 30  GLY A N   1 
ATOM   233 C CA  . GLY A 1 30  ? 6.651   -3.186  3.933   1.00 26.67 ? 30  GLY A CA  1 
ATOM   234 C C   . GLY A 1 30  ? 6.517   -1.679  3.709   1.00 25.87 ? 30  GLY A C   1 
ATOM   235 O O   . GLY A 1 30  ? 6.046   -0.961  4.588   1.00 25.76 ? 30  GLY A O   1 
ATOM   236 N N   . VAL A 1 31  ? 7.002   -1.199  2.565   1.00 24.00 ? 31  VAL A N   1 
ATOM   237 C CA  . VAL A 1 31  ? 6.748   0.171   2.133   1.00 23.28 ? 31  VAL A CA  1 
ATOM   238 C C   . VAL A 1 31  ? 5.970   0.082   0.807   1.00 22.55 ? 31  VAL A C   1 
ATOM   239 O O   . VAL A 1 31  ? 6.414   -0.579  -0.156  1.00 21.76 ? 31  VAL A O   1 
ATOM   240 C CB  . VAL A 1 31  ? 8.053   0.962   1.983   1.00 23.55 ? 31  VAL A CB  1 
ATOM   241 C CG1 . VAL A 1 31  ? 7.799   2.355   1.426   1.00 23.69 ? 31  VAL A CG1 1 
ATOM   242 C CG2 . VAL A 1 31  ? 8.799   1.047   3.349   1.00 23.56 ? 31  VAL A CG2 1 
ATOM   243 N N   . VAL A 1 32  ? 4.806   0.725   0.769   1.00 20.87 ? 32  VAL A N   1 
ATOM   244 C CA  . VAL A 1 32  ? 4.022   0.806   -0.449  1.00 20.85 ? 32  VAL A CA  1 
ATOM   245 C C   . VAL A 1 32  ? 4.189   2.215   -0.984  1.00 20.60 ? 32  VAL A C   1 
ATOM   246 O O   . VAL A 1 32  ? 3.802   3.192   -0.315  1.00 19.21 ? 32  VAL A O   1 
ATOM   247 C CB  . VAL A 1 32  ? 2.530   0.479   -0.194  1.00 21.15 ? 32  VAL A CB  1 
ATOM   248 C CG1 . VAL A 1 32  ? 1.686   0.639   -1.491  1.00 21.27 ? 32  VAL A CG1 1 
ATOM   249 C CG2 . VAL A 1 32  ? 2.397   -0.921  0.397   1.00 21.33 ? 32  VAL A CG2 1 
ATOM   250 N N   . GLN A 1 33  ? 4.833   2.308   -2.151  1.00 19.47 ? 33  GLN A N   1 
ATOM   251 C CA  . GLN A 1 33  ? 4.990   3.552   -2.892  1.00 19.53 ? 33  GLN A CA  1 
ATOM   252 C C   . GLN A 1 33  ? 3.789   3.770   -3.803  1.00 19.04 ? 33  GLN A C   1 
ATOM   253 O O   . GLN A 1 33  ? 3.364   2.869   -4.510  1.00 19.62 ? 33  GLN A O   1 
ATOM   254 C CB  . GLN A 1 33  ? 6.278   3.550   -3.731  1.00 19.91 ? 33  GLN A CB  1 
ATOM   255 C CG  . GLN A 1 33  ? 6.518   4.855   -4.542  1.00 19.53 ? 33  GLN A CG  1 
ATOM   256 C CD  . GLN A 1 33  ? 6.824   6.063   -3.657  1.00 20.15 ? 33  GLN A CD  1 
ATOM   257 O OE1 . GLN A 1 33  ? 6.275   7.186   -3.840  1.00 24.00 ? 33  GLN A OE1 1 
ATOM   258 N NE2 . GLN A 1 33  ? 7.689   5.851   -2.695  1.00 19.04 ? 33  GLN A NE2 1 
ATOM   259 N N   . TYR A 1 34  ? 3.252   4.985   -3.777  1.00 19.43 ? 34  TYR A N   1 
ATOM   260 C CA  . TYR A 1 34  ? 2.197   5.400   -4.689  1.00 19.92 ? 34  TYR A CA  1 
ATOM   261 C C   . TYR A 1 34  ? 2.759   6.402   -5.692  1.00 20.63 ? 34  TYR A C   1 
ATOM   262 O O   . TYR A 1 34  ? 3.585   7.243   -5.344  1.00 20.57 ? 34  TYR A O   1 
ATOM   263 C CB  . TYR A 1 34  ? 1.006   5.994   -3.914  1.00 20.02 ? 34  TYR A CB  1 
ATOM   264 C CG  . TYR A 1 34  ? 0.278   4.954   -3.067  1.00 20.44 ? 34  TYR A CG  1 
ATOM   265 C CD1 . TYR A 1 34  ? -0.680  4.137   -3.626  1.00 20.54 ? 34  TYR A CD1 1 
ATOM   266 C CD2 . TYR A 1 34  ? 0.579   4.787   -1.708  1.00 21.51 ? 34  TYR A CD2 1 
ATOM   267 C CE1 . TYR A 1 34  ? -1.350  3.181   -2.872  1.00 21.39 ? 34  TYR A CE1 1 
ATOM   268 C CE2 . TYR A 1 34  ? -0.098  3.865   -0.937  1.00 20.62 ? 34  TYR A CE2 1 
ATOM   269 C CZ  . TYR A 1 34  ? -1.053  3.049   -1.540  1.00 20.49 ? 34  TYR A CZ  1 
ATOM   270 O OH  . TYR A 1 34  ? -1.695  2.103   -0.833  1.00 23.09 ? 34  TYR A OH  1 
ATOM   271 N N   . LYS A 1 35  ? 2.304   6.288   -6.942  1.00 20.56 ? 35  LYS A N   1 
ATOM   272 C CA  . LYS A 1 35  ? 2.577   7.261   -7.988  1.00 20.70 ? 35  LYS A CA  1 
ATOM   273 C C   . LYS A 1 35  ? 1.275   7.431   -8.764  1.00 20.58 ? 35  LYS A C   1 
ATOM   274 O O   . LYS A 1 35  ? 0.906   6.572   -9.563  1.00 21.03 ? 35  LYS A O   1 
ATOM   275 C CB  . LYS A 1 35  ? 3.692   6.757   -8.917  1.00 20.93 ? 35  LYS A CB  1 
ATOM   276 C CG  . LYS A 1 35  ? 4.289   7.786   -9.896  1.00 21.53 ? 35  LYS A CG  1 
ATOM   277 C CD  . LYS A 1 35  ? 5.036   7.120   -11.084 1.00 22.54 ? 35  LYS A CD  1 
ATOM   278 C CE  . LYS A 1 35  ? 6.083   6.073   -10.682 1.00 22.31 ? 35  LYS A CE  1 
ATOM   279 N NZ  . LYS A 1 35  ? 6.397   5.057   -11.825 1.00 23.10 ? 35  LYS A NZ  1 
ATOM   280 N N   . LEU A 1 36  ? 0.565   8.512   -8.480  1.00 20.18 ? 36  LEU A N   1 
ATOM   281 C CA  . LEU A 1 36  ? -0.748  8.765   -9.044  1.00 20.63 ? 36  LEU A CA  1 
ATOM   282 C C   . LEU A 1 36  ? -0.645  9.984   -9.955  1.00 21.24 ? 36  LEU A C   1 
ATOM   283 O O   . LEU A 1 36  ? -0.611  11.119  -9.474  1.00 20.97 ? 36  LEU A O   1 
ATOM   284 C CB  . LEU A 1 36  ? -1.770  9.009   -7.937  1.00 19.88 ? 36  LEU A CB  1 
ATOM   285 C CG  . LEU A 1 36  ? -1.872  7.986   -6.805  1.00 20.26 ? 36  LEU A CG  1 
ATOM   286 C CD1 . LEU A 1 36  ? -2.962  8.400   -5.773  1.00 19.95 ? 36  LEU A CD1 1 
ATOM   287 C CD2 . LEU A 1 36  ? -2.093  6.567   -7.305  1.00 20.59 ? 36  LEU A CD2 1 
ATOM   288 N N   . ASP A 1 37  ? -0.566  9.743   -11.268 1.00 21.76 ? 37  ASP A N   1 
ATOM   289 C CA  . ASP A 1 37  ? -0.257  10.830  -12.229 1.00 22.11 ? 37  ASP A CA  1 
ATOM   290 C C   . ASP A 1 37  ? 0.933   11.680  -11.720 1.00 22.05 ? 37  ASP A C   1 
ATOM   291 O O   . ASP A 1 37  ? 0.850   12.906  -11.562 1.00 22.53 ? 37  ASP A O   1 
ATOM   292 C CB  . ASP A 1 37  ? -1.510  11.690  -12.470 1.00 22.44 ? 37  ASP A CB  1 
ATOM   293 C CG  . ASP A 1 37  ? -2.568  10.991  -13.344 1.00 24.53 ? 37  ASP A CG  1 
ATOM   294 O OD1 . ASP A 1 37  ? -2.376  9.831   -13.779 1.00 27.51 ? 37  ASP A OD1 1 
ATOM   295 O OD2 . ASP A 1 37  ? -3.606  11.646  -13.632 1.00 27.83 ? 37  ASP A OD2 1 
ATOM   296 N N   . GLY A 1 38  ? 2.024   10.998  -11.395 1.00 23.25 ? 38  GLY A N   1 
ATOM   297 C CA  . GLY A 1 38  ? 3.251   11.650  -10.899 1.00 23.87 ? 38  GLY A CA  1 
ATOM   298 C C   . GLY A 1 38  ? 3.259   12.143  -9.447  1.00 24.31 ? 38  GLY A C   1 
ATOM   299 O O   . GLY A 1 38  ? 4.319   12.520  -8.936  1.00 25.11 ? 38  GLY A O   1 
ATOM   300 N N   . GLU A 1 39  ? 2.089   12.190  -8.795  1.00 24.39 ? 39  GLU A N   1 
ATOM   301 C CA  . GLU A 1 39  ? 1.975   12.507  -7.370  1.00 23.93 ? 39  GLU A CA  1 
ATOM   302 C C   . GLU A 1 39  ? 2.629   11.343  -6.599  1.00 23.00 ? 39  GLU A C   1 
ATOM   303 O O   . GLU A 1 39  ? 2.174   10.216  -6.677  1.00 23.01 ? 39  GLU A O   1 
ATOM   304 C CB  . GLU A 1 39  ? 0.487   12.649  -7.000  1.00 24.25 ? 39  GLU A CB  1 
ATOM   305 C CG  . GLU A 1 39  ? 0.172   13.269  -5.648  1.00 25.54 ? 39  GLU A CG  1 
ATOM   306 C CD  . GLU A 1 39  ? -1.344  13.280  -5.321  1.00 25.61 ? 39  GLU A CD  1 
ATOM   307 O OE1 . GLU A 1 39  ? -2.031  12.279  -5.600  1.00 25.04 ? 39  GLU A OE1 1 
ATOM   308 O OE2 . GLU A 1 39  ? -1.834  14.306  -4.779  1.00 30.62 ? 39  GLU A OE2 1 
ATOM   309 N N   . GLU A 1 40  ? 3.668   11.624  -5.836  1.00 22.57 ? 40  GLU A N   1 
ATOM   310 C CA  . GLU A 1 40  ? 4.460   10.593  -5.165  1.00 22.29 ? 40  GLU A CA  1 
ATOM   311 C C   . GLU A 1 40  ? 4.304   10.654  -3.668  1.00 21.55 ? 40  GLU A C   1 
ATOM   312 O O   . GLU A 1 40  ? 4.529   11.698  -3.053  1.00 20.11 ? 40  GLU A O   1 
ATOM   313 C CB  . GLU A 1 40  ? 5.947   10.787  -5.465  1.00 23.21 ? 40  GLU A CB  1 
ATOM   314 C CG  . GLU A 1 40  ? 6.331   10.800  -6.921  1.00 26.01 ? 40  GLU A CG  1 
ATOM   315 C CD  . GLU A 1 40  ? 6.530   9.442   -7.497  1.00 29.66 ? 40  GLU A CD  1 
ATOM   316 O OE1 . GLU A 1 40  ? 6.195   8.447   -6.820  1.00 32.61 ? 40  GLU A OE1 1 
ATOM   317 O OE2 . GLU A 1 40  ? 7.055   9.376   -8.632  1.00 32.08 ? 40  GLU A OE2 1 
ATOM   318 N N   . PHE A 1 41  ? 3.941   9.528   -3.063  1.00 20.96 ? 41  PHE A N   1 
ATOM   319 C CA  . PHE A 1 41  ? 3.894   9.415   -1.605  1.00 20.95 ? 41  PHE A CA  1 
ATOM   320 C C   . PHE A 1 41  ? 3.914   7.945   -1.253  1.00 20.82 ? 41  PHE A C   1 
ATOM   321 O O   . PHE A 1 41  ? 3.612   7.081   -2.107  1.00 20.27 ? 41  PHE A O   1 
ATOM   322 C CB  . PHE A 1 41  ? 2.644   10.105  -0.999  1.00 20.83 ? 41  PHE A CB  1 
ATOM   323 C CG  . PHE A 1 41  ? 1.333   9.592   -1.563  1.00 21.12 ? 41  PHE A CG  1 
ATOM   324 C CD1 . PHE A 1 41  ? 0.620   8.606   -0.904  1.00 19.02 ? 41  PHE A CD1 1 
ATOM   325 C CD2 . PHE A 1 41  ? 0.844   10.075  -2.777  1.00 21.62 ? 41  PHE A CD2 1 
ATOM   326 C CE1 . PHE A 1 41  ? -0.560  8.114   -1.439  1.00 19.71 ? 41  PHE A CE1 1 
ATOM   327 C CE2 . PHE A 1 41  ? -0.346  9.574   -3.325  1.00 20.63 ? 41  PHE A CE2 1 
ATOM   328 C CZ  . PHE A 1 41  ? -1.042  8.610   -2.655  1.00 21.16 ? 41  PHE A CZ  1 
ATOM   329 N N   . TYR A 1 42  ? 4.268   7.647   -0.014  1.00 20.18 ? 42  TYR A N   1 
ATOM   330 C CA  . TYR A 1 42  ? 4.348   6.255   0.412   1.00 20.85 ? 42  TYR A CA  1 
ATOM   331 C C   . TYR A 1 42  ? 3.926   6.047   1.849   1.00 20.83 ? 42  TYR A C   1 
ATOM   332 O O   . TYR A 1 42  ? 3.834   6.998   2.639   1.00 19.71 ? 42  TYR A O   1 
ATOM   333 C CB  . TYR A 1 42  ? 5.751   5.695   0.174   1.00 22.19 ? 42  TYR A CB  1 
ATOM   334 C CG  . TYR A 1 42  ? 6.839   6.380   0.938   1.00 23.65 ? 42  TYR A CG  1 
ATOM   335 C CD1 . TYR A 1 42  ? 7.253   5.891   2.190   1.00 26.14 ? 42  TYR A CD1 1 
ATOM   336 C CD2 . TYR A 1 42  ? 7.477   7.514   0.422   1.00 25.13 ? 42  TYR A CD2 1 
ATOM   337 C CE1 . TYR A 1 42  ? 8.257   6.499   2.886   1.00 24.64 ? 42  TYR A CE1 1 
ATOM   338 C CE2 . TYR A 1 42  ? 8.493   8.138   1.124   1.00 24.70 ? 42  TYR A CE2 1 
ATOM   339 C CZ  . TYR A 1 42  ? 8.872   7.618   2.360   1.00 25.48 ? 42  TYR A CZ  1 
ATOM   340 O OH  . TYR A 1 42  ? 9.875   8.221   3.096   1.00 27.71 ? 42  TYR A OH  1 
ATOM   341 N N   . VAL A 1 43  ? 3.617   4.785   2.155   1.00 20.58 ? 43  VAL A N   1 
ATOM   342 C CA  . VAL A 1 43  ? 3.201   4.373   3.463   1.00 20.90 ? 43  VAL A CA  1 
ATOM   343 C C   . VAL A 1 43  ? 4.148   3.261   3.893   1.00 21.27 ? 43  VAL A C   1 
ATOM   344 O O   . VAL A 1 43  ? 4.282   2.261   3.184   1.00 20.06 ? 43  VAL A O   1 
ATOM   345 C CB  . VAL A 1 43  ? 1.716   3.913   3.463   1.00 21.13 ? 43  VAL A CB  1 
ATOM   346 C CG1 . VAL A 1 43  ? 1.284   3.423   4.863   1.00 20.96 ? 43  VAL A CG1 1 
ATOM   347 C CG2 . VAL A 1 43  ? 0.797   5.081   3.002   1.00 18.75 ? 43  VAL A CG2 1 
ATOM   348 N N   . GLU A 1 44  ? 4.830   3.482   5.025   1.00 22.03 ? 44  GLU A N   1 
ATOM   349 C CA  . GLU A 1 44  ? 5.649   2.462   5.683   1.00 23.03 ? 44  GLU A CA  1 
ATOM   350 C C   . GLU A 1 44  ? 4.732   1.677   6.608   1.00 23.20 ? 44  GLU A C   1 
ATOM   351 O O   . GLU A 1 44  ? 4.084   2.260   7.487   1.00 22.95 ? 44  GLU A O   1 
ATOM   352 C CB  . GLU A 1 44  ? 6.795   3.107   6.464   1.00 23.42 ? 44  GLU A CB  1 
ATOM   353 C CG  . GLU A 1 44  ? 7.624   4.075   5.615   1.00 24.91 ? 44  GLU A CG  1 
ATOM   354 C CD  . GLU A 1 44  ? 8.780   4.745   6.348   1.00 26.08 ? 44  GLU A CD  1 
ATOM   355 O OE1 . GLU A 1 44  ? 8.701   5.002   7.568   1.00 30.79 ? 44  GLU A OE1 1 
ATOM   356 O OE2 . GLU A 1 44  ? 9.781   5.052   5.680   1.00 31.94 ? 44  GLU A OE2 1 
ATOM   357 N N   . TYR A 1 45  ? 4.656   0.369   6.391   1.00 23.09 ? 45  TYR A N   1 
ATOM   358 C CA  . TYR A 1 45  ? 3.887   -0.516  7.250   1.00 24.06 ? 45  TYR A CA  1 
ATOM   359 C C   . TYR A 1 45  ? 4.825   -1.295  8.144   1.00 24.95 ? 45  TYR A C   1 
ATOM   360 O O   . TYR A 1 45  ? 5.737   -1.970  7.651   1.00 24.95 ? 45  TYR A O   1 
ATOM   361 C CB  . TYR A 1 45  ? 3.059   -1.477  6.415   1.00 24.63 ? 45  TYR A CB  1 
ATOM   362 C CG  . TYR A 1 45  ? 1.916   -0.803  5.735   1.00 23.63 ? 45  TYR A CG  1 
ATOM   363 C CD1 . TYR A 1 45  ? 0.726   -0.529  6.435   1.00 24.93 ? 45  TYR A CD1 1 
ATOM   364 C CD2 . TYR A 1 45  ? 2.013   -0.400  4.404   1.00 24.28 ? 45  TYR A CD2 1 
ATOM   365 C CE1 . TYR A 1 45  ? -0.340  0.107   5.814   1.00 23.61 ? 45  TYR A CE1 1 
ATOM   366 C CE2 . TYR A 1 45  ? 0.959   0.217   3.772   1.00 22.65 ? 45  TYR A CE2 1 
ATOM   367 C CZ  . TYR A 1 45  ? -0.213  0.492   4.489   1.00 24.28 ? 45  TYR A CZ  1 
ATOM   368 O OH  . TYR A 1 45  ? -1.264  1.127   3.867   1.00 24.79 ? 45  TYR A OH  1 
ATOM   369 N N   . LYS A 1 46  ? 4.598   -1.186  9.453   1.00 25.67 ? 46  LYS A N   1 
ATOM   370 C CA  . LYS A 1 46  ? 5.425   -1.840  10.472  1.00 27.00 ? 46  LYS A CA  1 
ATOM   371 C C   . LYS A 1 46  ? 4.703   -3.062  11.029  1.00 26.80 ? 46  LYS A C   1 
ATOM   372 O O   . LYS A 1 46  ? 3.455   -3.129  11.034  1.00 25.49 ? 46  LYS A O   1 
ATOM   373 C CB  . LYS A 1 46  ? 5.755   -0.871  11.606  1.00 27.63 ? 46  LYS A CB  1 
ATOM   374 C CG  . LYS A 1 46  ? 6.555   0.365   11.180  1.00 29.59 ? 46  LYS A CG  1 
ATOM   375 C CD  . LYS A 1 46  ? 6.416   1.487   12.223  1.00 30.73 ? 46  LYS A CD  1 
ATOM   376 C CE  . LYS A 1 46  ? 7.650   2.409   12.270  1.00 33.26 ? 46  LYS A CE  1 
ATOM   377 N NZ  . LYS A 1 46  ? 7.661   3.353   13.459  1.00 34.20 ? 46  LYS A NZ  1 
ATOM   378 N N   . SER A 1 47  ? 5.507   -4.028  11.481  1.00 26.87 ? 47  SER A N   1 
ATOM   379 C CA  . SER A 1 47  ? 5.019   -5.324  11.982  1.00 27.62 ? 47  SER A CA  1 
ATOM   380 C C   . SER A 1 47  ? 4.074   -5.234  13.174  1.00 27.47 ? 47  SER A C   1 
ATOM   381 O O   . SER A 1 47  ? 3.241   -6.126  13.380  1.00 28.80 ? 47  SER A O   1 
ATOM   382 C CB  . SER A 1 47  ? 6.197   -6.232  12.365  1.00 28.12 ? 47  SER A CB  1 
ATOM   383 O OG  . SER A 1 47  ? 6.505   -7.061  11.258  1.00 32.08 ? 47  SER A OG  1 
ATOM   384 N N   . ASP A 1 48  ? 4.198   -4.174  13.953  1.00 27.31 ? 48  ASP A N   1 
ATOM   385 C CA  . ASP A 1 48  ? 3.303   -3.953  15.086  1.00 26.73 ? 48  ASP A CA  1 
ATOM   386 C C   . ASP A 1 48  ? 1.948   -3.393  14.659  1.00 26.62 ? 48  ASP A C   1 
ATOM   387 O O   . ASP A 1 48  ? 1.107   -3.099  15.498  1.00 27.23 ? 48  ASP A O   1 
ATOM   388 C CB  . ASP A 1 48  ? 3.962   -3.047  16.128  1.00 27.17 ? 48  ASP A CB  1 
ATOM   389 C CG  . ASP A 1 48  ? 4.172   -1.617  15.641  1.00 28.18 ? 48  ASP A CG  1 
ATOM   390 O OD1 . ASP A 1 48  ? 3.847   -1.292  14.468  1.00 27.11 ? 48  ASP A OD1 1 
ATOM   391 O OD2 . ASP A 1 48  ? 4.686   -0.818  16.446  1.00 25.30 ? 48  ASP A OD2 1 
ATOM   392 N N   . GLY A 1 49  ? 1.728   -3.219  13.361  1.00 25.17 ? 49  GLY A N   1 
ATOM   393 C CA  . GLY A 1 49  ? 0.428   -2.784  12.902  1.00 24.36 ? 49  GLY A CA  1 
ATOM   394 C C   . GLY A 1 49  ? 0.270   -1.282  12.837  1.00 23.59 ? 49  GLY A C   1 
ATOM   395 O O   . GLY A 1 49  ? -0.810  -0.809  12.492  1.00 23.57 ? 49  GLY A O   1 
ATOM   396 N N   . THR A 1 50  ? 1.316   -0.522  13.169  1.00 22.41 ? 50  THR A N   1 
ATOM   397 C CA  . THR A 1 50  ? 1.295   0.920   12.956  1.00 22.99 ? 50  THR A CA  1 
ATOM   398 C C   . THR A 1 50  ? 1.903   1.219   11.577  1.00 22.44 ? 50  THR A C   1 
ATOM   399 O O   . THR A 1 50  ? 2.465   0.325   10.917  1.00 23.10 ? 50  THR A O   1 
ATOM   400 C CB  . THR A 1 50  ? 2.060   1.679   14.049  1.00 22.81 ? 50  THR A CB  1 
ATOM   401 O OG1 . THR A 1 50  ? 3.448   1.347   13.974  1.00 25.08 ? 50  THR A OG1 1 
ATOM   402 C CG2 . THR A 1 50  ? 1.515   1.341   15.446  1.00 21.89 ? 50  THR A CG2 1 
ATOM   403 N N   . CYS A 1 51  ? 1.812   2.472   11.160  1.00 22.65 ? 51  CYS A N   1 
ATOM   404 C CA  . CYS A 1 51  ? 2.292   2.901   9.842   1.00 23.08 ? 51  CYS A CA  1 
ATOM   405 C C   . CYS A 1 51  ? 2.752   4.351   9.862   1.00 23.16 ? 51  CYS A C   1 
ATOM   406 O O   . CYS A 1 51  ? 2.528   5.074   10.831  1.00 22.32 ? 51  CYS A O   1 
ATOM   407 C CB  . CYS A 1 51  ? 1.211   2.708   8.765   1.00 22.73 ? 51  CYS A CB  1 
ATOM   408 S SG  . CYS A 1 51  ? -0.233  3.792   8.922   1.00 23.58 ? 51  CYS A SG  1 
ATOM   409 N N   . GLU A 1 52  ? 3.418   4.756   8.784   1.00 23.49 ? 52  GLU A N   1 
ATOM   410 C CA  . GLU A 1 52  ? 3.822   6.122   8.581   1.00 24.88 ? 52  GLU A CA  1 
ATOM   411 C C   . GLU A 1 52  ? 3.568   6.558   7.143   1.00 24.16 ? 52  GLU A C   1 
ATOM   412 O O   . GLU A 1 52  ? 4.081   5.968   6.211   1.00 23.86 ? 52  GLU A O   1 
ATOM   413 C CB  . GLU A 1 52  ? 5.305   6.297   8.905   1.00 25.21 ? 52  GLU A CB  1 
ATOM   414 C CG  . GLU A 1 52  ? 5.676   6.034   10.333  1.00 28.57 ? 52  GLU A CG  1 
ATOM   415 C CD  . GLU A 1 52  ? 7.150   6.314   10.587  1.00 30.15 ? 52  GLU A CD  1 
ATOM   416 O OE1 . GLU A 1 52  ? 7.563   7.496   10.420  1.00 37.29 ? 52  GLU A OE1 1 
ATOM   417 O OE2 . GLU A 1 52  ? 7.892   5.359   10.915  1.00 36.56 ? 52  GLU A OE2 1 
ATOM   418 N N   . PHE A 1 53  ? 2.772   7.606   6.985   1.00 24.65 ? 53  PHE A N   1 
ATOM   419 C CA  . PHE A 1 53  ? 2.521   8.230   5.701   1.00 24.92 ? 53  PHE A CA  1 
ATOM   420 C C   . PHE A 1 53  ? 3.593   9.273   5.450   1.00 24.95 ? 53  PHE A C   1 
ATOM   421 O O   . PHE A 1 53  ? 3.821   10.142  6.293   1.00 23.05 ? 53  PHE A O   1 
ATOM   422 C CB  . PHE A 1 53  ? 1.160   8.912   5.723   1.00 24.78 ? 53  PHE A CB  1 
ATOM   423 C CG  . PHE A 1 53  ? 0.786   9.619   4.439   1.00 24.59 ? 53  PHE A CG  1 
ATOM   424 C CD1 . PHE A 1 53  ? -0.025  8.997   3.496   1.00 24.35 ? 53  PHE A CD1 1 
ATOM   425 C CD2 . PHE A 1 53  ? 1.189   10.931  4.205   1.00 24.79 ? 53  PHE A CD2 1 
ATOM   426 C CE1 . PHE A 1 53  ? -0.401  9.670   2.324   1.00 24.03 ? 53  PHE A CE1 1 
ATOM   427 C CE2 . PHE A 1 53  ? 0.841   11.594  3.031   1.00 25.21 ? 53  PHE A CE2 1 
ATOM   428 C CZ  . PHE A 1 53  ? 0.032   10.959  2.090   1.00 24.12 ? 53  PHE A CZ  1 
ATOM   429 N N   . LYS A 1 54  ? 4.243   9.182   4.297   1.00 24.83 ? 54  LYS A N   1 
ATOM   430 C CA  . LYS A 1 54  ? 5.307   10.126  3.917   1.00 26.21 ? 54  LYS A CA  1 
ATOM   431 C C   . LYS A 1 54  ? 5.117   10.658  2.516   1.00 26.18 ? 54  LYS A C   1 
ATOM   432 O O   . LYS A 1 54  ? 4.630   9.954   1.637   1.00 25.57 ? 54  LYS A O   1 
ATOM   433 C CB  . LYS A 1 54  ? 6.670   9.440   3.942   1.00 27.38 ? 54  LYS A CB  1 
ATOM   434 C CG  . LYS A 1 54  ? 6.994   8.676   5.225   1.00 29.22 ? 54  LYS A CG  1 
ATOM   435 C CD  . LYS A 1 54  ? 7.236   9.605   6.333   1.00 31.75 ? 54  LYS A CD  1 
ATOM   436 C CE  . LYS A 1 54  ? 7.883   8.906   7.511   1.00 33.52 ? 54  LYS A CE  1 
ATOM   437 N NZ  . LYS A 1 54  ? 7.651   9.707   8.757   1.00 37.41 ? 54  LYS A NZ  1 
ATOM   438 N N   . GLU A 1 55  ? 5.538   11.903  2.325   1.00 26.36 ? 55  GLU A N   1 
ATOM   439 C CA  . GLU A 1 55  ? 5.606   12.549  1.016   1.00 26.70 ? 55  GLU A CA  1 
ATOM   440 C C   . GLU A 1 55  ? 6.828   12.141  0.256   1.00 25.98 ? 55  GLU A C   1 
ATOM   441 O O   . GLU A 1 55  ? 7.871   11.944  0.847   1.00 25.09 ? 55  GLU A O   1 
ATOM   442 C CB  . GLU A 1 55  ? 5.702   14.062  1.203   1.00 27.52 ? 55  GLU A CB  1 
ATOM   443 C CG  . GLU A 1 55  ? 4.487   14.674  1.826   1.00 30.60 ? 55  GLU A CG  1 
ATOM   444 C CD  . GLU A 1 55  ? 3.322   14.628  0.907   1.00 34.84 ? 55  GLU A CD  1 
ATOM   445 O OE1 . GLU A 1 55  ? 3.505   14.191  -0.246  1.00 40.04 ? 55  GLU A OE1 1 
ATOM   446 O OE2 . GLU A 1 55  ? 2.227   15.027  1.328   1.00 40.11 ? 55  GLU A OE2 1 
ATOM   447 N N   . GLY A 1 56  ? 6.705   12.053  -1.064  1.00 25.56 ? 56  GLY A N   1 
ATOM   448 C CA  . GLY A 1 56  ? 7.848   11.771  -1.917  1.00 25.76 ? 56  GLY A CA  1 
ATOM   449 C C   . GLY A 1 56  ? 8.037   10.300  -2.235  1.00 25.27 ? 56  GLY A C   1 
ATOM   450 O O   . GLY A 1 56  ? 7.076   9.506   -2.222  1.00 23.46 ? 56  GLY A O   1 
ATOM   451 N N   . VAL A 1 57  ? 9.285   9.954   -2.551  1.00 26.31 ? 57  VAL A N   1 
ATOM   452 C CA  . VAL A 1 57  ? 9.656   8.637   -3.058  1.00 26.97 ? 57  VAL A CA  1 
ATOM   453 C C   . VAL A 1 57  ? 10.601  7.933   -2.080  1.00 27.61 ? 57  VAL A C   1 
ATOM   454 O O   . VAL A 1 57  ? 11.656  8.450   -1.774  1.00 27.10 ? 57  VAL A O   1 
ATOM   455 C CB  . VAL A 1 57  ? 10.409  8.747   -4.420  1.00 27.05 ? 57  VAL A CB  1 
ATOM   456 C CG1 . VAL A 1 57  ? 10.786  7.332   -4.943  1.00 27.22 ? 57  VAL A CG1 1 
ATOM   457 C CG2 . VAL A 1 57  ? 9.602   9.525   -5.432  1.00 28.00 ? 57  VAL A CG2 1 
ATOM   458 N N   . HIS A 1 58  ? 10.232  6.745   -1.625  1.00 27.84 ? 58  HIS A N   1 
ATOM   459 C CA  . HIS A 1 58  ? 11.064  5.955   -0.745  1.00 29.00 ? 58  HIS A CA  1 
ATOM   460 C C   . HIS A 1 58  ? 12.069  5.204   -1.609  1.00 30.25 ? 58  HIS A C   1 
ATOM   461 O O   . HIS A 1 58  ? 11.736  4.760   -2.710  1.00 29.91 ? 58  HIS A O   1 
ATOM   462 C CB  . HIS A 1 58  ? 10.210  4.981   0.066   1.00 29.21 ? 58  HIS A CB  1 
ATOM   463 C CG  . HIS A 1 58  ? 10.974  4.214   1.108   1.00 28.91 ? 58  HIS A CG  1 
ATOM   464 N ND1 . HIS A 1 58  ? 11.793  3.148   0.799   1.00 29.70 ? 58  HIS A ND1 1 
ATOM   465 C CD2 . HIS A 1 58  ? 11.036  4.355   2.453   1.00 31.21 ? 58  HIS A CD2 1 
ATOM   466 C CE1 . HIS A 1 58  ? 12.335  2.672   1.905   1.00 30.63 ? 58  HIS A CE1 1 
ATOM   467 N NE2 . HIS A 1 58  ? 11.880  3.377   2.926   1.00 30.05 ? 58  HIS A NE2 1 
ATOM   468 N N   . SER A 1 59  ? 13.284  5.053   -1.087  1.00 31.27 ? 59  SER A N   1 
ATOM   469 C CA  . SER A 1 59  ? 14.421  4.572   -1.866  1.00 32.06 ? 59  SER A CA  1 
ATOM   470 C C   . SER A 1 59  ? 14.305  3.139   -2.354  1.00 32.88 ? 59  SER A C   1 
ATOM   471 O O   . SER A 1 59  ? 14.883  2.796   -3.408  1.00 35.07 ? 59  SER A O   1 
ATOM   472 C CB  . SER A 1 59  ? 15.717  4.720   -1.047  1.00 33.05 ? 59  SER A CB  1 
ATOM   473 O OG  . SER A 1 59  ? 15.640  3.999   0.182   1.00 35.42 ? 59  SER A OG  1 
ATOM   474 N N   . SER A 1 60  ? 13.616  2.277   -1.611  1.00 31.84 ? 60  SER A N   1 
ATOM   475 C CA  . SER A 1 60  ? 13.503  0.874   -2.053  1.00 30.71 ? 60  SER A CA  1 
ATOM   476 C C   . SER A 1 60  ? 12.168  0.265   -1.623  1.00 29.50 ? 60  SER A C   1 
ATOM   477 O O   . SER A 1 60  ? 12.108  -0.560  -0.719  1.00 28.86 ? 60  SER A O   1 
ATOM   478 C CB  . SER A 1 60  ? 14.680  0.033   -1.526  1.00 31.62 ? 60  SER A CB  1 
ATOM   479 O OG  . SER A 1 60  ? 15.768  0.086   -2.430  1.00 35.06 ? 60  SER A OG  1 
ATOM   480 N N   . PRO A 1 61  ? 11.080  0.660   -2.301  1.00 27.02 ? 61  PRO A N   1 
ATOM   481 C CA  . PRO A 1 61  ? 9.798   0.209   -1.784  1.00 26.22 ? 61  PRO A CA  1 
ATOM   482 C C   . PRO A 1 61  ? 9.604   -1.289  -2.005  1.00 24.82 ? 61  PRO A C   1 
ATOM   483 O O   . PRO A 1 61  ? 10.230  -1.875  -2.890  1.00 23.84 ? 61  PRO A O   1 
ATOM   484 C CB  . PRO A 1 61  ? 8.778   1.018   -2.609  1.00 26.02 ? 61  PRO A CB  1 
ATOM   485 C CG  . PRO A 1 61  ? 9.441   1.278   -3.867  1.00 26.26 ? 61  PRO A CG  1 
ATOM   486 C CD  . PRO A 1 61  ? 10.934  1.466   -3.521  1.00 27.59 ? 61  PRO A CD  1 
ATOM   487 N N   . THR A 1 62  ? 8.742   -1.893  -1.205  1.00 23.15 ? 62  THR A N   1 
ATOM   488 C CA  . THR A 1 62  ? 8.321   -3.265  -1.443  1.00 22.60 ? 62  THR A CA  1 
ATOM   489 C C   . THR A 1 62  ? 7.684   -3.363  -2.826  1.00 21.45 ? 62  THR A C   1 
ATOM   490 O O   . THR A 1 62  ? 8.007   -4.248  -3.617  1.00 20.21 ? 62  THR A O   1 
ATOM   491 C CB  . THR A 1 62  ? 7.361   -3.750  -0.338  1.00 22.58 ? 62  THR A CB  1 
ATOM   492 O OG1 . THR A 1 62  ? 7.943   -3.482  0.937   1.00 24.92 ? 62  THR A OG1 1 
ATOM   493 C CG2 . THR A 1 62  ? 7.079   -5.230  -0.449  1.00 22.44 ? 62  THR A CG2 1 
ATOM   494 N N   . PHE A 1 63  ? 6.765   -2.441  -3.107  1.00 20.92 ? 63  PHE A N   1 
ATOM   495 C CA  . PHE A 1 63  ? 6.230   -2.305  -4.449  1.00 20.14 ? 63  PHE A CA  1 
ATOM   496 C C   . PHE A 1 63  ? 5.688   -0.899  -4.647  1.00 19.55 ? 63  PHE A C   1 
ATOM   497 O O   . PHE A 1 63  ? 5.468   -0.147  -3.678  1.00 19.21 ? 63  PHE A O   1 
ATOM   498 C CB  . PHE A 1 63  ? 5.173   -3.382  -4.770  1.00 19.89 ? 63  PHE A CB  1 
ATOM   499 C CG  . PHE A 1 63  ? 3.972   -3.368  -3.866  1.00 19.42 ? 63  PHE A CG  1 
ATOM   500 C CD1 . PHE A 1 63  ? 2.838   -2.646  -4.207  1.00 20.06 ? 63  PHE A CD1 1 
ATOM   501 C CD2 . PHE A 1 63  ? 3.951   -4.102  -2.685  1.00 21.15 ? 63  PHE A CD2 1 
ATOM   502 C CE1 . PHE A 1 63  ? 1.722   -2.653  -3.380  1.00 20.71 ? 63  PHE A CE1 1 
ATOM   503 C CE2 . PHE A 1 63  ? 2.844   -4.100  -1.849  1.00 20.76 ? 63  PHE A CE2 1 
ATOM   504 C CZ  . PHE A 1 63  ? 1.718   -3.391  -2.207  1.00 21.63 ? 63  PHE A CZ  1 
ATOM   505 N N   . THR A 1 64  ? 5.483   -0.552  -5.908  1.00 19.84 ? 64  THR A N   1 
ATOM   506 C CA  . THR A 1 64  ? 4.929   0.742   -6.291  1.00 19.53 ? 64  THR A CA  1 
ATOM   507 C C   . THR A 1 64  ? 3.605   0.509   -7.027  1.00 19.48 ? 64  THR A C   1 
ATOM   508 O O   . THR A 1 64  ? 3.501   -0.352  -7.926  1.00 19.50 ? 64  THR A O   1 
ATOM   509 C CB  . THR A 1 64  ? 5.910   1.510   -7.179  1.00 20.02 ? 64  THR A CB  1 
ATOM   510 O OG1 . THR A 1 64  ? 7.139   1.689   -6.461  1.00 20.37 ? 64  THR A OG1 1 
ATOM   511 C CG2 . THR A 1 64  ? 5.355   2.866   -7.621  1.00 20.05 ? 64  THR A CG2 1 
ATOM   512 N N   . VAL A 1 65  ? 2.606   1.286   -6.618  1.00 18.47 ? 65  VAL A N   1 
ATOM   513 C CA  . VAL A 1 65  ? 1.292   1.287   -7.217  1.00 18.75 ? 65  VAL A CA  1 
ATOM   514 C C   . VAL A 1 65  ? 1.266   2.485   -8.177  1.00 18.68 ? 65  VAL A C   1 
ATOM   515 O O   . VAL A 1 65  ? 1.361   3.641   -7.744  1.00 19.00 ? 65  VAL A O   1 
ATOM   516 C CB  . VAL A 1 65  ? 0.217   1.463   -6.157  1.00 17.82 ? 65  VAL A CB  1 
ATOM   517 C CG1 . VAL A 1 65  ? -1.194  1.601   -6.808  1.00 18.81 ? 65  VAL A CG1 1 
ATOM   518 C CG2 . VAL A 1 65  ? 0.280   0.294   -5.115  1.00 19.30 ? 65  VAL A CG2 1 
ATOM   519 N N   . VAL A 1 66  ? 1.133   2.211   -9.459  1.00 18.19 ? 66  VAL A N   1 
ATOM   520 C CA  . VAL A 1 66  ? 1.093   3.257   -10.462 1.00 18.46 ? 66  VAL A CA  1 
ATOM   521 C C   . VAL A 1 66  ? -0.332  3.255   -10.984 1.00 18.56 ? 66  VAL A C   1 
ATOM   522 O O   . VAL A 1 66  ? -0.710  2.411   -11.786 1.00 17.93 ? 66  VAL A O   1 
ATOM   523 C CB  . VAL A 1 66  ? 2.113   3.027   -11.625 1.00 18.92 ? 66  VAL A CB  1 
ATOM   524 C CG1 . VAL A 1 66  ? 2.012   4.224   -12.640 1.00 18.37 ? 66  VAL A CG1 1 
ATOM   525 C CG2 . VAL A 1 66  ? 3.530   2.818   -11.114 1.00 18.46 ? 66  VAL A CG2 1 
ATOM   526 N N   . ALA A 1 67  ? -1.121  4.221   -10.529 1.00 18.15 ? 67  ALA A N   1 
ATOM   527 C CA  . ALA A 1 67  ? -2.547  4.204   -10.776 1.00 18.58 ? 67  ALA A CA  1 
ATOM   528 C C   . ALA A 1 67  ? -3.050  5.600   -11.078 1.00 19.16 ? 67  ALA A C   1 
ATOM   529 O O   . ALA A 1 67  ? -2.599  6.576   -10.468 1.00 19.65 ? 67  ALA A O   1 
ATOM   530 C CB  . ALA A 1 67  ? -3.313  3.615   -9.567  1.00 17.29 ? 67  ALA A CB  1 
ATOM   531 N N   . PRO A 1 68  ? -3.992  5.707   -12.017 1.00 19.09 ? 68  PRO A N   1 
ATOM   532 C CA  . PRO A 1 68  ? -4.673  6.991   -12.188 1.00 19.25 ? 68  PRO A CA  1 
ATOM   533 C C   . PRO A 1 68  ? -5.452  7.360   -10.901 1.00 19.06 ? 68  PRO A C   1 
ATOM   534 O O   . PRO A 1 68  ? -6.080  6.499   -10.284 1.00 17.74 ? 68  PRO A O   1 
ATOM   535 C CB  . PRO A 1 68  ? -5.609  6.742   -13.380 1.00 19.25 ? 68  PRO A CB  1 
ATOM   536 C CG  . PRO A 1 68  ? -5.120  5.457   -14.023 1.00 20.15 ? 68  PRO A CG  1 
ATOM   537 C CD  . PRO A 1 68  ? -4.456  4.676   -12.969 1.00 19.88 ? 68  PRO A CD  1 
ATOM   538 N N   . PRO A 1 69  ? -5.342  8.618   -10.455 1.00 19.76 ? 69  PRO A N   1 
ATOM   539 C CA  . PRO A 1 69  ? -5.930  9.015   -9.166  1.00 20.55 ? 69  PRO A CA  1 
ATOM   540 C C   . PRO A 1 69  ? -7.438  8.834   -9.028  1.00 20.87 ? 69  PRO A C   1 
ATOM   541 O O   . PRO A 1 69  ? -7.946  8.540   -7.934  1.00 21.35 ? 69  PRO A O   1 
ATOM   542 C CB  . PRO A 1 69  ? -5.542  10.493  -9.026  1.00 20.30 ? 69  PRO A CB  1 
ATOM   543 C CG  . PRO A 1 69  ? -4.975  10.908  -10.296 1.00 21.75 ? 69  PRO A CG  1 
ATOM   544 C CD  . PRO A 1 69  ? -4.584  9.705   -11.087 1.00 20.74 ? 69  PRO A CD  1 
ATOM   545 N N   . ASP A 1 70  ? -8.175  9.020   -10.104 1.00 21.90 ? 70  ASP A N   1 
ATOM   546 C CA  . ASP A 1 70  ? -9.627  8.885   -9.986  1.00 22.65 ? 70  ASP A CA  1 
ATOM   547 C C   . ASP A 1 70  ? -10.007 7.418   -9.856  1.00 22.49 ? 70  ASP A C   1 
ATOM   548 O O   . ASP A 1 70  ? -10.903 7.072   -9.081  1.00 22.51 ? 70  ASP A O   1 
ATOM   549 C CB  . ASP A 1 70  ? -10.330 9.590   -11.133 1.00 24.03 ? 70  ASP A CB  1 
ATOM   550 C CG  . ASP A 1 70  ? -10.138 11.090  -11.071 1.00 28.09 ? 70  ASP A CG  1 
ATOM   551 O OD1 . ASP A 1 70  ? -10.620 11.704  -10.112 1.00 35.43 ? 70  ASP A OD1 1 
ATOM   552 O OD2 . ASP A 1 70  ? -9.472  11.658  -11.968 1.00 37.84 ? 70  ASP A OD2 1 
ATOM   553 N N   . PHE A 1 71  ? -9.262  6.545   -10.534 1.00 22.07 ? 71  PHE A N   1 
ATOM   554 C CA  . PHE A 1 71  ? -9.471  5.122   -10.365 1.00 21.65 ? 71  PHE A CA  1 
ATOM   555 C C   . PHE A 1 71  ? -9.114  4.704   -8.939  1.00 21.33 ? 71  PHE A C   1 
ATOM   556 O O   . PHE A 1 71  ? -9.865  3.980   -8.302  1.00 20.46 ? 71  PHE A O   1 
ATOM   557 C CB  . PHE A 1 71  ? -8.693  4.278   -11.405 1.00 21.90 ? 71  PHE A CB  1 
ATOM   558 C CG  . PHE A 1 71  ? -8.745  2.833   -11.118 1.00 21.76 ? 71  PHE A CG  1 
ATOM   559 C CD1 . PHE A 1 71  ? -9.889  2.103   -11.396 1.00 23.35 ? 71  PHE A CD1 1 
ATOM   560 C CD2 . PHE A 1 71  ? -7.691  2.208   -10.488 1.00 21.31 ? 71  PHE A CD2 1 
ATOM   561 C CE1 . PHE A 1 71  ? -9.953  0.741   -11.064 1.00 23.89 ? 71  PHE A CE1 1 
ATOM   562 C CE2 . PHE A 1 71  ? -7.747  0.876   -10.170 1.00 23.45 ? 71  PHE A CE2 1 
ATOM   563 C CZ  . PHE A 1 71  ? -8.885  0.133   -10.456 1.00 22.73 ? 71  PHE A CZ  1 
ATOM   564 N N   . TRP A 1 72  ? -7.974  5.161   -8.434  1.00 20.77 ? 72  TRP A N   1 
ATOM   565 C CA  . TRP A 1 72  ? -7.578  4.753   -7.104  1.00 21.11 ? 72  TRP A CA  1 
ATOM   566 C C   . TRP A 1 72  ? -8.554  5.216   -6.019  1.00 20.88 ? 72  TRP A C   1 
ATOM   567 O O   . TRP A 1 72  ? -8.812  4.488   -5.069  1.00 20.90 ? 72  TRP A O   1 
ATOM   568 C CB  . TRP A 1 72  ? -6.130  5.129   -6.779  1.00 20.68 ? 72  TRP A CB  1 
ATOM   569 C CG  . TRP A 1 72  ? -5.625  4.179   -5.741  1.00 21.41 ? 72  TRP A CG  1 
ATOM   570 C CD1 . TRP A 1 72  ? -5.363  4.437   -4.441  1.00 21.48 ? 72  TRP A CD1 1 
ATOM   571 C CD2 . TRP A 1 72  ? -5.411  2.776   -5.929  1.00 21.73 ? 72  TRP A CD2 1 
ATOM   572 N NE1 . TRP A 1 72  ? -4.966  3.273   -3.798  1.00 22.48 ? 72  TRP A NE1 1 
ATOM   573 C CE2 . TRP A 1 72  ? -4.996  2.241   -4.693  1.00 21.59 ? 72  TRP A CE2 1 
ATOM   574 C CE3 . TRP A 1 72  ? -5.518  1.927   -7.028  1.00 20.32 ? 72  TRP A CE3 1 
ATOM   575 C CZ2 . TRP A 1 72  ? -4.693  0.886   -4.530  1.00 22.47 ? 72  TRP A CZ2 1 
ATOM   576 C CZ3 . TRP A 1 72  ? -5.246  0.596   -6.863  1.00 20.89 ? 72  TRP A CZ3 1 
ATOM   577 C CH2 . TRP A 1 72  ? -4.831  0.082   -5.631  1.00 22.14 ? 72  TRP A CH2 1 
ATOM   578 N N   . LEU A 1 73  ? -9.125  6.398   -6.195  1.00 21.79 ? 73  LEU A N   1 
ATOM   579 C CA  . LEU A 1 73  ? -10.147 6.908   -5.292  1.00 22.36 ? 73  LEU A CA  1 
ATOM   580 C C   . LEU A 1 73  ? -11.337 5.961   -5.264  1.00 22.88 ? 73  LEU A C   1 
ATOM   581 O O   . LEU A 1 73  ? -11.826 5.594   -4.183  1.00 23.30 ? 73  LEU A O   1 
ATOM   582 C CB  . LEU A 1 73  ? -10.607 8.312   -5.720  1.00 22.19 ? 73  LEU A CB  1 
ATOM   583 C CG  . LEU A 1 73  ? -11.676 8.922   -4.810  1.00 22.43 ? 73  LEU A CG  1 
ATOM   584 C CD1 . LEU A 1 73  ? -11.124 9.045   -3.377  1.00 21.74 ? 73  LEU A CD1 1 
ATOM   585 C CD2 . LEU A 1 73  ? -12.151 10.267  -5.364  1.00 22.62 ? 73  LEU A CD2 1 
ATOM   586 N N   . ALA A 1 74  ? -11.790 5.575   -6.452  1.00 23.75 ? 74  ALA A N   1 
ATOM   587 C CA  . ALA A 1 74  ? -12.903 4.639   -6.604  1.00 24.00 ? 74  ALA A CA  1 
ATOM   588 C C   . ALA A 1 74  ? -12.602 3.323   -5.914  1.00 24.92 ? 74  ALA A C   1 
ATOM   589 O O   . ALA A 1 74  ? -13.482 2.733   -5.269  1.00 24.92 ? 74  ALA A O   1 
ATOM   590 C CB  . ALA A 1 74  ? -13.231 4.426   -8.096  1.00 24.06 ? 74  ALA A CB  1 
ATOM   591 N N   . VAL A 1 75  ? -11.351 2.867   -6.028  1.00 24.61 ? 75  VAL A N   1 
ATOM   592 C CA  . VAL A 1 75  ? -10.894 1.690   -5.292  1.00 24.75 ? 75  VAL A CA  1 
ATOM   593 C C   . VAL A 1 75  ? -10.987 1.876   -3.768  1.00 25.33 ? 75  VAL A C   1 
ATOM   594 O O   . VAL A 1 75  ? -11.557 1.020   -3.054  1.00 25.17 ? 75  VAL A O   1 
ATOM   595 C CB  . VAL A 1 75  ? -9.415  1.320   -5.635  1.00 23.62 ? 75  VAL A CB  1 
ATOM   596 C CG1 . VAL A 1 75  ? -8.860  0.335   -4.612  1.00 24.48 ? 75  VAL A CG1 1 
ATOM   597 C CG2 . VAL A 1 75  ? -9.316  0.757   -7.055  1.00 23.62 ? 75  VAL A CG2 1 
ATOM   598 N N   . LEU A 1 76  ? -10.408 2.971   -3.285  1.00 25.48 ? 76  LEU A N   1 
ATOM   599 C CA  . LEU A 1 76  ? -10.415 3.291   -1.853  1.00 27.06 ? 76  LEU A CA  1 
ATOM   600 C C   . LEU A 1 76  ? -11.839 3.374   -1.284  1.00 28.24 ? 76  LEU A C   1 
ATOM   601 O O   . LEU A 1 76  ? -12.064 2.990   -0.136  1.00 29.01 ? 76  LEU A O   1 
ATOM   602 C CB  . LEU A 1 76  ? -9.677  4.590   -1.582  1.00 26.41 ? 76  LEU A CB  1 
ATOM   603 C CG  . LEU A 1 76  ? -8.165  4.562   -1.782  1.00 25.14 ? 76  LEU A CG  1 
ATOM   604 C CD1 . LEU A 1 76  ? -7.638  5.950   -1.793  1.00 22.28 ? 76  LEU A CD1 1 
ATOM   605 C CD2 . LEU A 1 76  ? -7.463  3.707   -0.724  1.00 26.08 ? 76  LEU A CD2 1 
ATOM   606 N N   . LYS A 1 77  ? -12.787 3.851   -2.085  1.00 29.39 ? 77  LYS A N   1 
ATOM   607 C CA  . LYS A 1 77  ? -14.188 3.935   -1.657  1.00 30.45 ? 77  LYS A CA  1 
ATOM   608 C C   . LYS A 1 77  ? -14.967 2.635   -1.838  1.00 31.06 ? 77  LYS A C   1 
ATOM   609 O O   . LYS A 1 77  ? -16.133 2.543   -1.456  1.00 31.42 ? 77  LYS A O   1 
ATOM   610 C CB  . LYS A 1 77  ? -14.888 5.089   -2.383  1.00 30.79 ? 77  LYS A CB  1 
ATOM   611 C CG  . LYS A 1 77  ? -14.333 6.423   -1.959  1.00 31.55 ? 77  LYS A CG  1 
ATOM   612 C CD  . LYS A 1 77  ? -15.049 7.581   -2.607  1.00 32.86 ? 77  LYS A CD  1 
ATOM   613 C CE  . LYS A 1 77  ? -14.814 8.869   -1.805  1.00 34.71 ? 77  LYS A CE  1 
ATOM   614 N NZ  . LYS A 1 77  ? -15.505 10.073  -2.407  1.00 36.44 ? 77  LYS A NZ  1 
ATOM   615 N N   . GLY A 1 78  ? -14.333 1.611   -2.392  1.00 31.48 ? 78  GLY A N   1 
ATOM   616 C CA  . GLY A 1 78  ? -15.007 0.333   -2.606  1.00 31.82 ? 78  GLY A CA  1 
ATOM   617 C C   . GLY A 1 78  ? -15.898 0.321   -3.834  1.00 32.34 ? 78  GLY A C   1 
ATOM   618 O O   . GLY A 1 78  ? -16.713 -0.589  -3.997  1.00 33.69 ? 78  GLY A O   1 
ATOM   619 N N   . GLN A 1 79  ? -15.759 1.317   -4.706  1.00 32.41 ? 79  GLN A N   1 
ATOM   620 C CA  . GLN A 1 79  ? -16.471 1.323   -5.974  1.00 32.61 ? 79  GLN A CA  1 
ATOM   621 C C   . GLN A 1 79  ? -15.779 0.462   -7.049  1.00 32.76 ? 79  GLN A C   1 
ATOM   622 O O   . GLN A 1 79  ? -16.439 -0.014  -7.985  1.00 32.67 ? 79  GLN A O   1 
ATOM   623 C CB  . GLN A 1 79  ? -16.624 2.758   -6.485  1.00 33.26 ? 79  GLN A CB  1 
ATOM   624 C CG  . GLN A 1 79  ? -17.338 3.728   -5.511  1.00 34.21 ? 79  GLN A CG  1 
ATOM   625 C CD  . GLN A 1 79  ? -17.158 5.206   -5.881  1.00 34.11 ? 79  GLN A CD  1 
ATOM   626 O OE1 . GLN A 1 79  ? -16.272 5.567   -6.655  1.00 37.09 ? 79  GLN A OE1 1 
ATOM   627 N NE2 . GLN A 1 79  ? -18.004 6.070   -5.304  1.00 36.21 ? 79  GLN A NE2 1 
ATOM   628 N N   . GLU A 1 80  ? -14.452 0.318   -6.951  1.00 31.98 ? 80  GLU A N   1 
ATOM   629 C CA  . GLU A 1 80  ? -13.687 -0.666  -7.743  1.00 31.89 ? 80  GLU A CA  1 
ATOM   630 C C   . GLU A 1 80  ? -12.882 -1.574  -6.814  1.00 31.30 ? 80  GLU A C   1 
ATOM   631 O O   . GLU A 1 80  ? -12.693 -1.238  -5.675  1.00 31.03 ? 80  GLU A O   1 
ATOM   632 C CB  . GLU A 1 80  ? -12.726 0.038   -8.704  1.00 31.87 ? 80  GLU A CB  1 
ATOM   633 C CG  . GLU A 1 80  ? -13.394 0.976   -9.683  1.00 34.15 ? 80  GLU A CG  1 
ATOM   634 C CD  . GLU A 1 80  ? -14.014 0.283   -10.893 1.00 36.76 ? 80  GLU A CD  1 
ATOM   635 O OE1 . GLU A 1 80  ? -13.765 -0.932  -11.132 1.00 35.96 ? 80  GLU A OE1 1 
ATOM   636 O OE2 . GLU A 1 80  ? -14.746 0.985   -11.621 1.00 38.45 ? 80  GLU A OE2 1 
ATOM   637 N N   . ASP A 1 81  ? -12.387 -2.701  -7.327  1.00 31.15 ? 81  ASP A N   1 
ATOM   638 C CA  . ASP A 1 81  ? -11.702 -3.740  -6.532  1.00 30.62 ? 81  ASP A CA  1 
ATOM   639 C C   . ASP A 1 81  ? -10.240 -3.778  -6.989  1.00 29.60 ? 81  ASP A C   1 
ATOM   640 O O   . ASP A 1 81  ? -9.968  -3.792  -8.184  1.00 30.20 ? 81  ASP A O   1 
ATOM   641 C CB  . ASP A 1 81  ? -12.447 -5.108  -6.678  1.00 30.80 ? 81  ASP A CB  1 
ATOM   642 C CG  . ASP A 1 81  ? -11.530 -6.352  -6.514  1.00 33.08 ? 81  ASP A CG  1 
ATOM   643 O OD1 . ASP A 1 81  ? -10.744 -6.496  -5.545  1.00 40.51 ? 81  ASP A OD1 1 
ATOM   644 O OD2 . ASP A 1 81  ? -11.628 -7.264  -7.362  1.00 41.13 ? 81  ASP A OD2 1 
ATOM   645 N N   . PRO A 1 82  ? -9.281  -3.746  -6.048  1.00 28.49 ? 82  PRO A N   1 
ATOM   646 C CA  . PRO A 1 82  ? -7.902  -3.844  -6.506  1.00 27.24 ? 82  PRO A CA  1 
ATOM   647 C C   . PRO A 1 82  ? -7.549  -5.123  -7.275  1.00 25.34 ? 82  PRO A C   1 
ATOM   648 O O   . PRO A 1 82  ? -6.643  -5.099  -8.079  1.00 24.40 ? 82  PRO A O   1 
ATOM   649 C CB  . PRO A 1 82  ? -7.085  -3.794  -5.206  1.00 27.63 ? 82  PRO A CB  1 
ATOM   650 C CG  . PRO A 1 82  ? -7.980  -3.183  -4.232  1.00 28.68 ? 82  PRO A CG  1 
ATOM   651 C CD  . PRO A 1 82  ? -9.345  -3.633  -4.578  1.00 28.88 ? 82  PRO A CD  1 
ATOM   652 N N   . VAL A 1 83  ? -8.212  -6.239  -6.985  1.00 24.23 ? 83  VAL A N   1 
ATOM   653 C CA  . VAL A 1 83  ? -7.844  -7.506  -7.592  1.00 22.74 ? 83  VAL A CA  1 
ATOM   654 C C   . VAL A 1 83  ? -8.395  -7.601  -9.026  1.00 22.18 ? 83  VAL A C   1 
ATOM   655 O O   . VAL A 1 83  ? -7.618  -7.795  -9.965  1.00 20.30 ? 83  VAL A O   1 
ATOM   656 C CB  . VAL A 1 83  ? -8.255  -8.713  -6.744  1.00 22.69 ? 83  VAL A CB  1 
ATOM   657 C CG1 . VAL A 1 83  ? -7.967  -9.987  -7.501  1.00 22.00 ? 83  VAL A CG1 1 
ATOM   658 C CG2 . VAL A 1 83  ? -7.502  -8.706  -5.419  1.00 23.46 ? 83  VAL A CG2 1 
ATOM   659 N N   . SER A 1 84  ? -9.713  -7.437  -9.185  1.00 20.85 ? 84  SER A N   1 
ATOM   660 C CA  . SER A 1 84  ? -10.304 -7.433  -10.522 1.00 20.74 ? 84  SER A CA  1 
ATOM   661 C C   . SER A 1 84  ? -9.755  -6.260  -11.335 1.00 20.21 ? 84  SER A C   1 
ATOM   662 O O   . SER A 1 84  ? -9.486  -6.410  -12.530 1.00 19.84 ? 84  SER A O   1 
ATOM   663 C CB  . SER A 1 84  ? -11.846 -7.465  -10.487 1.00 20.62 ? 84  SER A CB  1 
ATOM   664 O OG  . SER A 1 84  ? -12.415 -6.279  -9.956  1.00 20.63 ? 84  SER A OG  1 
ATOM   665 N N   . GLY A 1 85  ? -9.552  -5.112  -10.694 1.00 19.76 ? 85  GLY A N   1 
ATOM   666 C CA  . GLY A 1 85  ? -8.959  -3.953  -11.381 1.00 19.76 ? 85  GLY A CA  1 
ATOM   667 C C   . GLY A 1 85  ? -7.572  -4.254  -11.938 1.00 20.16 ? 85  GLY A C   1 
ATOM   668 O O   . GLY A 1 85  ? -7.258  -3.859  -13.055 1.00 19.27 ? 85  GLY A O   1 
ATOM   669 N N   . PHE A 1 86  ? -6.736  -4.948  -11.145 1.00 19.71 ? 86  PHE A N   1 
ATOM   670 C CA  . PHE A 1 86  ? -5.418  -5.349  -11.583 1.00 19.46 ? 86  PHE A CA  1 
ATOM   671 C C   . PHE A 1 86  ? -5.454  -6.375  -12.729 1.00 19.49 ? 86  PHE A C   1 
ATOM   672 O O   . PHE A 1 86  ? -4.724  -6.242  -13.713 1.00 18.67 ? 86  PHE A O   1 
ATOM   673 C CB  . PHE A 1 86  ? -4.566  -5.872  -10.418 1.00 19.77 ? 86  PHE A CB  1 
ATOM   674 C CG  . PHE A 1 86  ? -3.166  -6.213  -10.831 1.00 20.45 ? 86  PHE A CG  1 
ATOM   675 C CD1 . PHE A 1 86  ? -2.223  -5.196  -11.006 1.00 21.32 ? 86  PHE A CD1 1 
ATOM   676 C CD2 . PHE A 1 86  ? -2.820  -7.506  -11.147 1.00 21.48 ? 86  PHE A CD2 1 
ATOM   677 C CE1 . PHE A 1 86  ? -0.961  -5.499  -11.439 1.00 20.47 ? 86  PHE A CE1 1 
ATOM   678 C CE2 . PHE A 1 86  ? -1.538  -7.825  -11.571 1.00 21.86 ? 86  PHE A CE2 1 
ATOM   679 C CZ  . PHE A 1 86  ? -0.612  -6.837  -11.713 1.00 20.85 ? 86  PHE A CZ  1 
ATOM   680 N N   . MET A 1 87  ? -6.344  -7.358  -12.609 1.00 19.67 ? 87  MET A N   1 
ATOM   681 C CA  . MET A 1 87  ? -6.577  -8.363  -13.648 1.00 20.08 ? 87  MET A CA  1 
ATOM   682 C C   . MET A 1 87  ? -6.978  -7.703  -14.981 1.00 19.69 ? 87  MET A C   1 
ATOM   683 O O   . MET A 1 87  ? -6.571  -8.168  -16.030 1.00 18.63 ? 87  MET A O   1 
ATOM   684 C CB  . MET A 1 87  ? -7.688  -9.332  -13.210 1.00 20.85 ? 87  MET A CB  1 
ATOM   685 C CG  . MET A 1 87  ? -7.338  -10.246 -12.043 1.00 22.19 ? 87  MET A CG  1 
ATOM   686 S SD  . MET A 1 87  ? -8.762  -11.196 -11.345 1.00 20.76 ? 87  MET A SD  1 
ATOM   687 C CE  . MET A 1 87  ? -7.806  -12.313 -10.341 1.00 26.17 ? 87  MET A CE  1 
ATOM   688 N N   . MET A 1 88  ? -7.738  -6.609  -14.911 1.00 18.70 ? 88  MET A N   1 
ATOM   689 C CA  . MET A 1 88  ? -8.134  -5.836  -16.121 1.00 19.37 ? 88  MET A CA  1 
ATOM   690 C C   . MET A 1 88  ? -7.085  -4.861  -16.670 1.00 18.69 ? 88  MET A C   1 
ATOM   691 O O   . MET A 1 88  ? -7.234  -4.357  -17.794 1.00 18.48 ? 88  MET A O   1 
ATOM   692 C CB  . MET A 1 88  ? -9.428  -5.048  -15.870 1.00 18.31 ? 88  MET A CB  1 
ATOM   693 C CG  . MET A 1 88  ? -10.675 -5.919  -15.773 1.00 21.54 ? 88  MET A CG  1 
ATOM   694 S SD  . MET A 1 88  ? -12.202 -4.931  -15.578 1.00 21.56 ? 88  MET A SD  1 
ATOM   695 C CE  . MET A 1 88  ? -12.326 -4.896  -13.777 1.00 23.91 ? 88  MET A CE  1 
ATOM   696 N N   . GLY A 1 89  ? -6.054  -4.576  -15.886 1.00 18.35 ? 89  GLY A N   1 
ATOM   697 C CA  . GLY A 1 89  ? -5.044  -3.596  -16.257 1.00 18.76 ? 89  GLY A CA  1 
ATOM   698 C C   . GLY A 1 89  ? -5.470  -2.167  -16.022 1.00 18.71 ? 89  GLY A C   1 
ATOM   699 O O   . GLY A 1 89  ? -5.023  -1.268  -16.731 1.00 19.33 ? 89  GLY A O   1 
ATOM   700 N N   . LYS A 1 90  ? -6.318  -1.940  -15.023 1.00 18.90 ? 90  LYS A N   1 
ATOM   701 C CA  . LYS A 1 90  ? -6.781  -0.590  -14.676 1.00 19.78 ? 90  LYS A CA  1 
ATOM   702 C C   . LYS A 1 90  ? -5.752  0.201   -13.848 1.00 18.95 ? 90  LYS A C   1 
ATOM   703 O O   . LYS A 1 90  ? -5.879  1.414   -13.645 1.00 18.33 ? 90  LYS A O   1 
ATOM   704 C CB  . LYS A 1 90  ? -8.136  -0.630  -13.961 1.00 20.69 ? 90  LYS A CB  1 
ATOM   705 C CG  . LYS A 1 90  ? -9.327  -0.988  -14.881 1.00 21.95 ? 90  LYS A CG  1 
ATOM   706 C CD  . LYS A 1 90  ? -10.604 -0.649  -14.197 1.00 22.75 ? 90  LYS A CD  1 
ATOM   707 C CE  . LYS A 1 90  ? -11.855 -1.260  -14.847 1.00 27.64 ? 90  LYS A CE  1 
ATOM   708 N NZ  . LYS A 1 90  ? -11.859 -0.953  -16.265 1.00 30.90 ? 90  LYS A NZ  1 
ATOM   709 N N   . TYR A 1 91  ? -4.727  -0.493  -13.402 1.00 18.48 ? 91  TYR A N   1 
ATOM   710 C CA  . TYR A 1 91  ? -3.542  0.129   -12.811 1.00 19.43 ? 91  TYR A CA  1 
ATOM   711 C C   . TYR A 1 91  ? -2.411  -0.872  -12.922 1.00 19.42 ? 91  TYR A C   1 
ATOM   712 O O   . TYR A 1 91  ? -2.622  -2.024  -13.314 1.00 19.28 ? 91  TYR A O   1 
ATOM   713 C CB  . TYR A 1 91  ? -3.764  0.533   -11.351 1.00 18.93 ? 91  TYR A CB  1 
ATOM   714 C CG  . TYR A 1 91  ? -3.915  -0.606  -10.339 1.00 19.39 ? 91  TYR A CG  1 
ATOM   715 C CD1 . TYR A 1 91  ? -2.901  -0.916  -9.429  1.00 16.79 ? 91  TYR A CD1 1 
ATOM   716 C CD2 . TYR A 1 91  ? -5.082  -1.361  -10.290 1.00 19.31 ? 91  TYR A CD2 1 
ATOM   717 C CE1 . TYR A 1 91  ? -3.067  -1.960  -8.485  1.00 18.72 ? 91  TYR A CE1 1 
ATOM   718 C CE2 . TYR A 1 91  ? -5.241  -2.401  -9.369  1.00 18.52 ? 91  TYR A CE2 1 
ATOM   719 C CZ  . TYR A 1 91  ? -4.243  -2.689  -8.460  1.00 20.12 ? 91  TYR A CZ  1 
ATOM   720 O OH  . TYR A 1 91  ? -4.420  -3.721  -7.542  1.00 20.05 ? 91  TYR A OH  1 
ATOM   721 N N   . ARG A 1 92  ? -1.209  -0.453  -12.549 1.00 20.48 ? 92  ARG A N   1 
ATOM   722 C CA  . ARG A 1 92  ? -0.104  -1.378  -12.520 1.00 20.86 ? 92  ARG A CA  1 
ATOM   723 C C   . ARG A 1 92  ? 0.738   -1.306  -11.264 1.00 20.60 ? 92  ARG A C   1 
ATOM   724 O O   . ARG A 1 92  ? 0.593   -0.407  -10.430 1.00 18.29 ? 92  ARG A O   1 
ATOM   725 C CB  . ARG A 1 92  ? 0.753   -1.251  -13.758 1.00 22.60 ? 92  ARG A CB  1 
ATOM   726 C CG  . ARG A 1 92  ? 1.317   0.035   -14.015 1.00 21.65 ? 92  ARG A CG  1 
ATOM   727 C CD  . ARG A 1 92  ? 1.834   0.064   -15.423 1.00 22.04 ? 92  ARG A CD  1 
ATOM   728 N NE  . ARG A 1 92  ? 2.561   1.291   -15.608 1.00 22.69 ? 92  ARG A NE  1 
ATOM   729 C CZ  . ARG A 1 92  ? 3.781   1.533   -15.155 1.00 22.64 ? 92  ARG A CZ  1 
ATOM   730 N NH1 . ARG A 1 92  ? 4.470   0.599   -14.544 1.00 24.45 ? 92  ARG A NH1 1 
ATOM   731 N NH2 . ARG A 1 92  ? 4.316   2.740   -15.324 1.00 20.24 ? 92  ARG A NH2 1 
ATOM   732 N N   . ILE A 1 93  ? 1.571   -2.332  -11.126 1.00 20.49 ? 93  ILE A N   1 
ATOM   733 C CA  . ILE A 1 93  ? 2.340   -2.573  -9.923  1.00 20.88 ? 93  ILE A CA  1 
ATOM   734 C C   . ILE A 1 93  ? 3.775   -2.903  -10.356 1.00 20.92 ? 93  ILE A C   1 
ATOM   735 O O   . ILE A 1 93  ? 4.009   -3.690  -11.280 1.00 22.49 ? 93  ILE A O   1 
ATOM   736 C CB  . ILE A 1 93  ? 1.720   -3.726  -9.042  1.00 21.15 ? 93  ILE A CB  1 
ATOM   737 C CG1 . ILE A 1 93  ? 0.367   -3.308  -8.459  1.00 21.75 ? 93  ILE A CG1 1 
ATOM   738 C CG2 . ILE A 1 93  ? 2.669   -4.159  -7.899  1.00 19.47 ? 93  ILE A CG2 1 
ATOM   739 C CD1 . ILE A 1 93  ? -0.444  -4.459  -7.904  1.00 21.71 ? 93  ILE A CD1 1 
ATOM   740 N N   . GLU A 1 94  ? 4.733   -2.259  -9.709  1.00 20.79 ? 94  GLU A N   1 
ATOM   741 C CA  . GLU A 1 94  ? 6.142   -2.508  -9.932  1.00 21.66 ? 94  GLU A CA  1 
ATOM   742 C C   . GLU A 1 94  ? 6.787   -3.064  -8.667  1.00 20.46 ? 94  GLU A C   1 
ATOM   743 O O   . GLU A 1 94  ? 6.686   -2.457  -7.604  1.00 21.55 ? 94  GLU A O   1 
ATOM   744 C CB  . GLU A 1 94  ? 6.844   -1.211  -10.319 1.00 21.75 ? 94  GLU A CB  1 
ATOM   745 C CG  . GLU A 1 94  ? 6.312   -0.546  -11.574 1.00 24.10 ? 94  GLU A CG  1 
ATOM   746 C CD  . GLU A 1 94  ? 7.055   0.750   -11.904 1.00 25.66 ? 94  GLU A CD  1 
ATOM   747 O OE1 . GLU A 1 94  ? 8.020   1.098   -11.173 1.00 31.01 ? 94  GLU A OE1 1 
ATOM   748 O OE2 . GLU A 1 94  ? 6.672   1.426   -12.884 1.00 29.29 ? 94  GLU A OE2 1 
ATOM   749 N N   . GLY A 1 95  ? 7.506   -4.182  -8.802  1.00 21.42 ? 95  GLY A N   1 
ATOM   750 C CA  . GLY A 1 95  ? 8.329   -4.733  -7.724  1.00 21.45 ? 95  GLY A CA  1 
ATOM   751 C C   . GLY A 1 95  ? 7.862   -6.127  -7.339  1.00 21.58 ? 95  GLY A C   1 
ATOM   752 O O   . GLY A 1 95  ? 6.659   -6.403  -7.294  1.00 22.02 ? 95  GLY A O   1 
ATOM   753 N N   . ASN A 1 96  ? 8.824   -7.009  -7.074  1.00 20.92 ? 96  ASN A N   1 
ATOM   754 C CA  . ASN A 1 96  ? 8.558   -8.410  -6.724  1.00 21.47 ? 96  ASN A CA  1 
ATOM   755 C C   . ASN A 1 96  ? 9.304   -8.888  -5.468  1.00 21.39 ? 96  ASN A C   1 
ATOM   756 O O   . ASN A 1 96  ? 9.389   -10.090 -5.230  1.00 21.62 ? 96  ASN A O   1 
ATOM   757 C CB  . ASN A 1 96  ? 8.955   -9.332  -7.885  1.00 21.89 ? 96  ASN A CB  1 
ATOM   758 C CG  . ASN A 1 96  ? 8.041   -9.200  -9.084  1.00 22.24 ? 96  ASN A CG  1 
ATOM   759 O OD1 . ASN A 1 96  ? 8.447   -8.673  -10.092 1.00 29.63 ? 96  ASN A OD1 1 
ATOM   760 N ND2 . ASN A 1 96  ? 6.812   -9.662  -8.958  1.00 24.03 ? 96  ASN A ND2 1 
ATOM   761 N N   . ILE A 1 97  ? 9.844   -7.977  -4.655  1.00 21.21 ? 97  ILE A N   1 
ATOM   762 C CA  . ILE A 1 97  ? 10.593  -8.415  -3.475  1.00 20.99 ? 97  ILE A CA  1 
ATOM   763 C C   . ILE A 1 97  ? 9.669   -9.151  -2.499  1.00 21.51 ? 97  ILE A C   1 
ATOM   764 O O   . ILE A 1 97  ? 10.107  -10.075 -1.816  1.00 20.40 ? 97  ILE A O   1 
ATOM   765 C CB  . ILE A 1 97  ? 11.368  -7.266  -2.772  1.00 21.43 ? 97  ILE A CB  1 
ATOM   766 C CG1 . ILE A 1 97  ? 12.541  -7.827  -1.946  1.00 22.74 ? 97  ILE A CG1 1 
ATOM   767 C CG2 . ILE A 1 97  ? 10.451  -6.497  -1.859  1.00 20.36 ? 97  ILE A CG2 1 
ATOM   768 C CD1 . ILE A 1 97  ? 13.744  -8.259  -2.759  1.00 25.50 ? 97  ILE A CD1 1 
ATOM   769 N N   . MET A 1 98  ? 8.386   -8.784  -2.468  1.00 21.82 ? 98  MET A N   1 
ATOM   770 C CA  . MET A 1 98  ? 7.412   -9.463  -1.597  1.00 22.63 ? 98  MET A CA  1 
ATOM   771 C C   . MET A 1 98  ? 7.306   -10.956 -1.930  1.00 20.87 ? 98  MET A C   1 
ATOM   772 O O   . MET A 1 98  ? 7.181   -11.783 -1.029  1.00 19.11 ? 98  MET A O   1 
ATOM   773 C CB  . MET A 1 98  ? 6.018   -8.808  -1.710  1.00 22.69 ? 98  MET A CB  1 
ATOM   774 C CG  . MET A 1 98  ? 5.099   -9.074  -0.555  1.00 25.24 ? 98  MET A CG  1 
ATOM   775 S SD  . MET A 1 98  ? 3.551   -8.080  -0.606  1.00 29.07 ? 98  MET A SD  1 
ATOM   776 C CE  . MET A 1 98  ? 2.586   -9.069  -1.707  1.00 28.62 ? 98  MET A CE  1 
ATOM   777 N N   . GLU A 1 99  ? 7.371   -11.294 -3.218  1.00 19.44 ? 99  GLU A N   1 
ATOM   778 C CA  . GLU A 1 99  ? 7.391   -12.699 -3.609  1.00 20.36 ? 99  GLU A CA  1 
ATOM   779 C C   . GLU A 1 99  ? 8.679   -13.407 -3.147  1.00 18.80 ? 99  GLU A C   1 
ATOM   780 O O   . GLU A 1 99  ? 8.634   -14.552 -2.687  1.00 18.97 ? 99  GLU A O   1 
ATOM   781 C CB  . GLU A 1 99  ? 7.221   -12.875 -5.121  1.00 20.46 ? 99  GLU A CB  1 
ATOM   782 C CG  . GLU A 1 99  ? 5.793   -12.658 -5.645  1.00 23.99 ? 99  GLU A CG  1 
ATOM   783 C CD  . GLU A 1 99  ? 5.311   -11.215 -5.549  1.00 29.20 ? 99  GLU A CD  1 
ATOM   784 O OE1 . GLU A 1 99  ? 6.046   -10.282 -5.871  1.00 28.18 ? 99  GLU A OE1 1 
ATOM   785 O OE2 . GLU A 1 99  ? 4.177   -11.015 -5.119  1.00 36.67 ? 99  GLU A OE2 1 
ATOM   786 N N   . ALA A 1 100 ? 9.815   -12.744 -3.319  1.00 18.47 ? 100 ALA A N   1 
ATOM   787 C CA  . ALA A 1 100 ? 11.102  -13.242 -2.827  1.00 19.35 ? 100 ALA A CA  1 
ATOM   788 C C   . ALA A 1 100 ? 11.008  -13.507 -1.324  1.00 19.27 ? 100 ALA A C   1 
ATOM   789 O O   . ALA A 1 100 ? 11.449  -14.546 -0.855  1.00 19.46 ? 100 ALA A O   1 
ATOM   790 C CB  . ALA A 1 100 ? 12.268  -12.236 -3.151  1.00 17.86 ? 100 ALA A CB  1 
ATOM   791 N N   . GLN A 1 101 ? 10.423  -12.563 -0.596  1.00 20.06 ? 101 GLN A N   1 
ATOM   792 C CA  . GLN A 1 101 ? 10.228  -12.689 0.864   1.00 22.14 ? 101 GLN A CA  1 
ATOM   793 C C   . GLN A 1 101 ? 9.330   -13.892 1.226   1.00 21.82 ? 101 GLN A C   1 
ATOM   794 O O   . GLN A 1 101 ? 9.651   -14.666 2.110   1.00 22.67 ? 101 GLN A O   1 
ATOM   795 C CB  . GLN A 1 101 ? 9.706   -11.361 1.447   1.00 22.07 ? 101 GLN A CB  1 
ATOM   796 C CG  . GLN A 1 101 ? 10.768  -10.275 1.562   1.00 24.44 ? 101 GLN A CG  1 
ATOM   797 C CD  . GLN A 1 101 ? 10.197  -8.862  1.712   1.00 26.73 ? 101 GLN A CD  1 
ATOM   798 O OE1 . GLN A 1 101 ? 8.981   -8.641  1.617   1.00 33.84 ? 101 GLN A OE1 1 
ATOM   799 N NE2 . GLN A 1 101 ? 11.075  -7.895  1.923   1.00 30.40 ? 101 GLN A NE2 1 
ATOM   800 N N   . ARG A 1 102 ? 8.252   -14.084 0.472   1.00 23.24 ? 102 ARG A N   1 
ATOM   801 C CA  . ARG A 1 102 ? 7.368   -15.254 0.625   1.00 22.29 ? 102 ARG A CA  1 
ATOM   802 C C   . ARG A 1 102 ? 8.082   -16.583 0.393   1.00 21.85 ? 102 ARG A C   1 
ATOM   803 O O   . ARG A 1 102 ? 7.927   -17.515 1.187   1.00 20.50 ? 102 ARG A O   1 
ATOM   804 C CB  . ARG A 1 102 ? 6.163   -15.099 -0.308  1.00 22.77 ? 102 ARG A CB  1 
ATOM   805 C CG  . ARG A 1 102 ? 5.206   -16.295 -0.390  1.00 25.31 ? 102 ARG A CG  1 
ATOM   806 C CD  . ARG A 1 102 ? 4.377   -16.437 0.843   1.00 31.50 ? 102 ARG A CD  1 
ATOM   807 N NE  . ARG A 1 102 ? 3.395   -15.354 0.954   1.00 34.65 ? 102 ARG A NE  1 
ATOM   808 C CZ  . ARG A 1 102 ? 2.710   -15.073 2.056   1.00 37.35 ? 102 ARG A CZ  1 
ATOM   809 N NH1 . ARG A 1 102 ? 2.866   -15.810 3.153   1.00 39.95 ? 102 ARG A NH1 1 
ATOM   810 N NH2 . ARG A 1 102 ? 1.851   -14.057 2.059   1.00 38.75 ? 102 ARG A NH2 1 
ATOM   811 N N   . LEU A 1 103 ? 8.857   -16.678 -0.687  1.00 21.25 ? 103 LEU A N   1 
ATOM   812 C CA  . LEU A 1 103 ? 9.662   -17.861 -0.958  1.00 21.73 ? 103 LEU A CA  1 
ATOM   813 C C   . LEU A 1 103 ? 10.628  -18.156 0.197   1.00 21.93 ? 103 LEU A C   1 
ATOM   814 O O   . LEU A 1 103 ? 10.803  -19.317 0.590   1.00 21.17 ? 103 LEU A O   1 
ATOM   815 C CB  . LEU A 1 103 ? 10.438  -17.720 -2.275  1.00 22.08 ? 103 LEU A CB  1 
ATOM   816 C CG  . LEU A 1 103 ? 9.598   -17.640 -3.556  1.00 21.17 ? 103 LEU A CG  1 
ATOM   817 C CD1 . LEU A 1 103 ? 10.439  -17.039 -4.734  1.00 22.08 ? 103 LEU A CD1 1 
ATOM   818 C CD2 . LEU A 1 103 ? 9.079   -19.031 -3.913  1.00 20.90 ? 103 LEU A CD2 1 
ATOM   819 N N   . ALA A 1 104 ? 11.243  -17.106 0.733   1.00 23.04 ? 104 ALA A N   1 
ATOM   820 C CA  . ALA A 1 104 ? 12.233  -17.242 1.808   1.00 23.79 ? 104 ALA A CA  1 
ATOM   821 C C   . ALA A 1 104 ? 11.576  -17.817 3.075   1.00 24.26 ? 104 ALA A C   1 
ATOM   822 O O   . ALA A 1 104 ? 12.096  -18.767 3.695   1.00 24.02 ? 104 ALA A O   1 
ATOM   823 C CB  . ALA A 1 104 ? 12.889  -15.865 2.113   1.00 24.00 ? 104 ALA A CB  1 
ATOM   824 N N   . GLY A 1 105 ? 10.427  -17.252 3.405   1.00 25.00 ? 105 GLY A N   1 
ATOM   825 C CA  . GLY A 1 105 ? 9.597   -17.715 4.512   1.00 25.74 ? 105 GLY A CA  1 
ATOM   826 C C   . GLY A 1 105 ? 9.175   -19.169 4.407   1.00 26.20 ? 105 GLY A C   1 
ATOM   827 O O   . GLY A 1 105 ? 9.289   -19.903 5.385   1.00 26.20 ? 105 GLY A O   1 
ATOM   828 N N   . VAL A 1 106 ? 8.704   -19.605 3.232   1.00 26.64 ? 106 VAL A N   1 
ATOM   829 C CA  . VAL A 1 106 ? 8.356   -21.023 3.031   1.00 26.69 ? 106 VAL A CA  1 
ATOM   830 C C   . VAL A 1 106 ? 9.567   -21.964 3.249   1.00 27.35 ? 106 VAL A C   1 
ATOM   831 O O   . VAL A 1 106 ? 9.503   -22.950 4.013   1.00 25.43 ? 106 VAL A O   1 
ATOM   832 C CB  . VAL A 1 106 ? 7.716   -21.277 1.625   1.00 26.53 ? 106 VAL A CB  1 
ATOM   833 C CG1 . VAL A 1 106 ? 7.451   -22.782 1.407   1.00 25.86 ? 106 VAL A CG1 1 
ATOM   834 C CG2 . VAL A 1 106 ? 6.433   -20.439 1.438   1.00 25.67 ? 106 VAL A CG2 1 
ATOM   835 N N   . ILE A 1 107 ? 10.672  -21.648 2.586   1.00 28.12 ? 107 ILE A N   1 
ATOM   836 C CA  . ILE A 1 107 ? 11.865  -22.468 2.649   1.00 29.87 ? 107 ILE A CA  1 
ATOM   837 C C   . ILE A 1 107 ? 12.458  -22.495 4.054   1.00 31.25 ? 107 ILE A C   1 
ATOM   838 O O   . ILE A 1 107 ? 12.983  -23.534 4.476   1.00 31.76 ? 107 ILE A O   1 
ATOM   839 C CB  . ILE A 1 107 ? 12.957  -21.985 1.647   1.00 30.04 ? 107 ILE A CB  1 
ATOM   840 C CG1 . ILE A 1 107 ? 12.493  -22.147 0.193   1.00 31.15 ? 107 ILE A CG1 1 
ATOM   841 C CG2 . ILE A 1 107 ? 14.270  -22.721 1.877   1.00 28.95 ? 107 ILE A CG2 1 
ATOM   842 C CD1 . ILE A 1 107 ? 11.249  -22.999 0.002   1.00 33.44 ? 107 ILE A CD1 1 
ATOM   843 N N   . LYS A 1 108 ? 12.371  -21.361 4.759   1.00 32.93 ? 108 LYS A N   1 
ATOM   844 C CA  . LYS A 1 108 ? 12.850  -21.230 6.148   1.00 33.72 ? 108 LYS A CA  1 
ATOM   845 C C   . LYS A 1 108 ? 12.261  -22.358 7.013   1.00 34.52 ? 108 LYS A C   1 
ATOM   846 O O   . LYS A 1 108 ? 12.968  -22.988 7.803   1.00 34.42 ? 108 LYS A O   1 
ATOM   847 C CB  . LYS A 1 108 ? 12.432  -19.857 6.698   1.00 34.31 ? 108 LYS A CB  1 
ATOM   848 C CG  . LYS A 1 108 ? 12.873  -19.504 8.129   1.00 34.78 ? 108 LYS A CG  1 
ATOM   849 C CD  . LYS A 1 108 ? 12.498  -18.031 8.475   1.00 35.83 ? 108 LYS A CD  1 
ATOM   850 C CE  . LYS A 1 108 ? 13.001  -17.577 9.873   1.00 37.60 ? 108 LYS A CE  1 
ATOM   851 N NZ  . LYS A 1 108 ? 14.385  -16.969 9.836   1.00 39.46 ? 108 LYS A NZ  1 
ATOM   852 N N   . LYS A 1 109 ? 10.967  -22.619 6.816   1.00 35.03 ? 109 LYS A N   1 
ATOM   853 C CA  . LYS A 1 109 ? 10.209  -23.589 7.615   1.00 35.14 ? 109 LYS A CA  1 
ATOM   854 C C   . LYS A 1 109 ? 10.658  -25.033 7.419   1.00 34.98 ? 109 LYS A C   1 
ATOM   855 O O   . LYS A 1 109 ? 10.452  -25.859 8.292   1.00 35.61 ? 109 LYS A O   1 
ATOM   856 C CB  . LYS A 1 109 ? 8.709   -23.419 7.349   1.00 35.34 ? 109 LYS A CB  1 
ATOM   857 C CG  . LYS A 1 109 ? 8.203   -22.112 7.907   1.00 35.76 ? 109 LYS A CG  1 
ATOM   858 C CD  . LYS A 1 109 ? 6.915   -21.648 7.305   1.00 36.12 ? 109 LYS A CD  1 
ATOM   859 C CE  . LYS A 1 109 ? 6.481   -20.361 7.976   1.00 37.12 ? 109 LYS A CE  1 
ATOM   860 N NZ  . LYS A 1 109 ? 5.450   -19.585 7.214   1.00 40.75 ? 109 LYS A NZ  1 
ATOM   861 N N   . PHE A 1 110 ? 11.297  -25.336 6.294   1.00 34.65 ? 110 PHE A N   1 
ATOM   862 C CA  . PHE A 1 110 ? 11.981  -26.621 6.122   1.00 34.42 ? 110 PHE A CA  1 
ATOM   863 C C   . PHE A 1 110 ? 13.467  -26.418 6.404   1.00 34.81 ? 110 PHE A C   1 
ATOM   864 O O   . PHE A 1 110 ? 14.285  -27.310 6.170   1.00 35.43 ? 110 PHE A O   1 
ATOM   865 C CB  . PHE A 1 110 ? 11.754  -27.188 4.708   1.00 33.75 ? 110 PHE A CB  1 
ATOM   866 C CG  . PHE A 1 110 ? 10.303  -27.220 4.306   1.00 33.78 ? 110 PHE A CG  1 
ATOM   867 C CD1 . PHE A 1 110 ? 9.540   -28.368 4.480   1.00 34.03 ? 110 PHE A CD1 1 
ATOM   868 C CD2 . PHE A 1 110 ? 9.690   -26.088 3.801   1.00 31.61 ? 110 PHE A CD2 1 
ATOM   869 C CE1 . PHE A 1 110 ? 8.199   -28.385 4.125   1.00 33.41 ? 110 PHE A CE1 1 
ATOM   870 C CE2 . PHE A 1 110 ? 8.355   -26.096 3.466   1.00 32.10 ? 110 PHE A CE2 1 
ATOM   871 C CZ  . PHE A 1 110 ? 7.606   -27.244 3.617   1.00 32.59 ? 110 PHE A CZ  1 
HETATM 872 O O   . HOH B 2 .   ? 6.934   -6.814  -4.098  1.00 24.72 ? 117 HOH A O   1 
HETATM 873 O O   . HOH B 2 .   ? -12.018 -1.512  -2.943  1.00 29.22 ? 118 HOH A O   1 
HETATM 874 O O   . HOH B 2 .   ? -8.725  14.344  -6.659  1.00 31.36 ? 119 HOH A O   1 
HETATM 875 O O   . HOH B 2 .   ? -7.685  2.898   -14.997 1.00 18.64 ? 120 HOH A O   1 
HETATM 876 O O   . HOH B 2 .   ? -0.028  7.116   -12.184 1.00 20.26 ? 121 HOH A O   1 
HETATM 877 O O   . HOH B 2 .   ? 2.071   -4.303  -13.246 1.00 24.73 ? 122 HOH A O   1 
HETATM 878 O O   . HOH B 2 .   ? 11.404  -6.229  -8.065  1.00 27.26 ? 123 HOH A O   1 
HETATM 879 O O   . HOH B 2 .   ? 13.864  6.435   1.609   1.00 29.75 ? 124 HOH A O   1 
HETATM 880 O O   . HOH B 2 .   ? 10.323  -5.032  -5.119  1.00 22.07 ? 125 HOH A O   1 
HETATM 881 O O   . HOH B 2 .   ? -4.418  2.140   -1.089  1.00 27.46 ? 126 HOH A O   1 
HETATM 882 O O   . HOH B 2 .   ? 7.562   6.335   -7.853  1.00 28.48 ? 127 HOH A O   1 
HETATM 883 O O   . HOH B 2 .   ? 8.659   -0.453  -6.866  1.00 22.24 ? 128 HOH A O   1 
HETATM 884 O O   . HOH B 2 .   ? -7.614  9.783   -12.971 1.00 24.16 ? 129 HOH A O   1 
HETATM 885 O O   . HOH B 2 .   ? -5.196  -10.349 -16.051 1.00 20.62 ? 130 HOH A O   1 
HETATM 886 O O   . HOH B 2 .   ? -2.833  2.724   6.249   1.00 26.31 ? 131 HOH A O   1 
HETATM 887 O O   . HOH B 2 .   ? 2.370   8.304   -12.636 1.00 22.70 ? 132 HOH A O   1 
HETATM 888 O O   . HOH B 2 .   ? 0.894   -1.839  9.595   1.00 25.49 ? 133 HOH A O   1 
HETATM 889 O O   . HOH B 2 .   ? 8.232   -3.612  11.268  1.00 29.10 ? 134 HOH A O   1 
HETATM 890 O O   . HOH B 2 .   ? 6.740   4.843   -16.624 1.00 25.36 ? 135 HOH A O   1 
HETATM 891 O O   . HOH B 2 .   ? 1.252   8.705   9.281   1.00 29.29 ? 136 HOH A O   1 
HETATM 892 O O   . HOH B 2 .   ? -12.478 16.241  -3.518  1.00 33.62 ? 137 HOH A O   1 
HETATM 893 O O   . HOH B 2 .   ? 9.847   0.226   -9.364  1.00 27.43 ? 138 HOH A O   1 
HETATM 894 O O   . HOH B 2 .   ? 7.073   -6.190  -10.922 1.00 29.73 ? 139 HOH A O   1 
HETATM 895 O O   . HOH B 2 .   ? -2.697  3.298   18.906  1.00 26.94 ? 140 HOH A O   1 
HETATM 896 O O   . HOH B 2 .   ? 8.777   3.837   -7.104  1.00 28.08 ? 141 HOH A O   1 
HETATM 897 O O   . HOH B 2 .   ? -2.564  14.043  9.289   1.00 34.58 ? 142 HOH A O   1 
HETATM 898 O O   . HOH B 2 .   ? 1.239   -4.248  8.493   1.00 27.41 ? 143 HOH A O   1 
HETATM 899 O O   . HOH B 2 .   ? 15.033  -19.263 2.820   1.00 33.78 ? 144 HOH A O   1 
HETATM 900 O O   . HOH B 2 .   ? 6.299   13.490  4.813   1.00 29.42 ? 145 HOH A O   1 
HETATM 901 O O   . HOH B 2 .   ? -5.574  10.254  -14.904 1.00 34.18 ? 146 HOH A O   1 
HETATM 902 O O   . HOH B 2 .   ? -6.983  12.258  9.256   1.00 34.69 ? 147 HOH A O   1 
HETATM 903 O O   . HOH B 2 .   ? -13.056 8.270   -8.670  1.00 23.38 ? 148 HOH A O   1 
HETATM 904 O O   . HOH B 2 .   ? 3.234   5.178   13.399  1.00 35.14 ? 149 HOH A O   1 
HETATM 905 O O   . HOH B 2 .   ? 12.896  -4.253  -4.260  1.00 40.14 ? 150 HOH A O   1 
HETATM 906 O O   . HOH B 2 .   ? 0.706   -1.529  17.722  1.00 27.97 ? 151 HOH A O   1 
HETATM 907 O O   . HOH B 2 .   ? -8.136  10.997  -6.421  1.00 23.81 ? 152 HOH A O   1 
HETATM 908 O O   . HOH B 2 .   ? -9.327  7.330   15.360  1.00 31.48 ? 153 HOH A O   1 
HETATM 909 O O   . HOH B 2 .   ? 2.727   13.892  -3.370  1.00 35.23 ? 154 HOH A O   1 
HETATM 910 O O   . HOH B 2 .   ? 10.756  -6.569  -10.624 1.00 43.99 ? 155 HOH A O   1 
HETATM 911 O O   . HOH B 2 .   ? -17.125 5.770   -0.079  1.00 52.99 ? 156 HOH A O   1 
HETATM 912 O O   . HOH B 2 .   ? -8.289  9.902   10.025  1.00 33.42 ? 157 HOH A O   1 
HETATM 913 O O   . HOH B 2 .   ? -10.136 12.410  0.334   1.00 37.70 ? 158 HOH A O   1 
HETATM 914 O O   . HOH B 2 .   ? 10.681  -13.373 4.467   1.00 38.17 ? 159 HOH A O   1 
HETATM 915 O O   . HOH B 2 .   ? -0.682  9.275   11.921  1.00 26.65 ? 160 HOH A O   1 
HETATM 916 O O   . HOH B 2 .   ? -4.973  2.965   1.882   1.00 35.10 ? 161 HOH A O   1 
HETATM 917 O O   . HOH B 2 .   ? 10.856  -4.048  1.213   1.00 35.27 ? 162 HOH A O   1 
HETATM 918 O O   . HOH B 2 .   ? -8.873  6.687   18.099  1.00 27.91 ? 163 HOH A O   1 
HETATM 919 O O   . HOH B 2 .   ? 7.578   3.086   -14.724 1.00 34.95 ? 164 HOH A O   1 
HETATM 920 O O   . HOH B 2 .   ? -2.702  12.485  -8.322  1.00 30.99 ? 165 HOH A O   1 
HETATM 921 O O   . HOH B 2 .   ? 6.402   -9.107  6.544   1.00 40.06 ? 166 HOH A O   1 
HETATM 922 O O   . HOH B 2 .   ? 5.999   -12.005 1.439   1.00 42.11 ? 167 HOH A O   1 
HETATM 923 O O   . HOH B 2 .   ? 3.515   -18.696 3.043   1.00 53.20 ? 168 HOH A O   1 
HETATM 924 O O   . HOH B 2 .   ? 11.475  12.185  -2.381  1.00 30.30 ? 169 HOH A O   1 
HETATM 925 O O   . HOH B 2 .   ? 6.562   -9.634  2.167   1.00 55.32 ? 170 HOH A O   1 
HETATM 926 O O   . HOH B 2 .   ? 8.044   -0.824  7.236   1.00 32.10 ? 171 HOH A O   1 
HETATM 927 O O   . HOH B 2 .   ? -12.029 -2.781  -10.594 1.00 30.40 ? 172 HOH A O   1 
HETATM 928 O O   . HOH B 2 .   ? -1.778  2.630   1.850   1.00 33.31 ? 173 HOH A O   1 
HETATM 929 O O   . HOH B 2 .   ? 4.982   14.382  -5.966  1.00 30.86 ? 174 HOH A O   1 
HETATM 930 O O   . HOH B 2 .   ? 12.726  -3.289  -1.212  1.00 39.94 ? 175 HOH A O   1 
HETATM 931 O O   . HOH B 2 .   ? 11.248  -1.219  -5.619  1.00 39.53 ? 176 HOH A O   1 
HETATM 932 O O   . HOH B 2 .   ? 3.503   -11.738 1.168   1.00 68.49 ? 177 HOH A O   1 
HETATM 933 O O   . HOH B 2 .   ? -0.932  10.355  8.306   1.00 37.48 ? 178 HOH A O   1 
HETATM 934 O O   . HOH B 2 .   ? -8.967  7.523   -13.376 1.00 40.43 ? 179 HOH A O   1 
HETATM 935 O O   . HOH B 2 .   ? -9.362  -0.202  18.708  1.00 31.76 ? 180 HOH A O   1 
HETATM 936 O O   . HOH B 2 .   ? 9.808   -4.043  -11.360 1.00 37.26 ? 181 HOH A O   1 
HETATM 937 O O   . HOH B 2 .   ? 12.959  -12.448 4.548   1.00 43.47 ? 182 HOH A O   1 
HETATM 938 O O   . HOH B 2 .   ? 6.341   -16.877 4.027   1.00 52.96 ? 183 HOH A O   1 
HETATM 939 O O   . HOH B 2 .   ? 9.563   7.774   -9.395  1.00 40.27 ? 184 HOH A O   1 
HETATM 940 O O   . HOH B 2 .   ? -1.199  -7.803  8.010   1.00 42.26 ? 185 HOH A O   1 
HETATM 941 O O   . HOH B 2 .   ? -10.498 2.651   -15.019 1.00 32.37 ? 186 HOH A O   1 
HETATM 942 O O   . HOH B 2 .   ? 11.666  6.234   -8.723  1.00 37.44 ? 187 HOH A O   1 
HETATM 943 O O   . HOH B 2 .   ? -9.913  12.279  -7.973  1.00 31.55 ? 188 HOH A O   1 
HETATM 944 O O   . HOH B 2 .   ? -8.478  5.569   -15.359 1.00 30.95 ? 189 HOH A O   1 
HETATM 945 O O   . HOH B 2 .   ? -4.445  14.233  -9.250  1.00 33.53 ? 190 HOH A O   1 
HETATM 946 O O   . HOH B 2 .   ? 10.382  -0.449  -13.122 1.00 39.63 ? 191 HOH A O   1 
HETATM 947 O O   . HOH B 2 .   ? -0.127  16.209  -3.925  1.00 39.86 ? 192 HOH A O   1 
HETATM 948 O O   . HOH B 2 .   ? -14.157 -3.614  -3.538  1.00 44.08 ? 193 HOH A O   1 
HETATM 949 O O   . HOH B 2 .   ? 6.311   -13.535 3.690   1.00 40.45 ? 194 HOH A O   1 
HETATM 950 O O   . HOH B 2 .   ? 17.496  -1.885  -1.132  1.00 45.46 ? 195 HOH A O   1 
HETATM 951 O O   . HOH B 2 .   ? 5.947   -5.109  -12.928 1.00 39.87 ? 196 HOH A O   1 
HETATM 952 O O   . HOH B 2 .   ? 4.410   -2.151  -14.251 1.00 25.79 ? 197 HOH A O   1 
HETATM 953 O O   . HOH B 2 .   ? -13.838 14.484  5.450   1.00 38.00 ? 198 HOH A O   1 
HETATM 954 O O   . HOH B 2 .   ? 15.037  -26.409 9.107   1.00 54.55 ? 199 HOH A O   1 
HETATM 955 O O   . HOH B 2 .   ? 6.578   11.355  -10.257 1.00 39.99 ? 200 HOH A O   1 
HETATM 956 O O   . HOH B 2 .   ? -14.713 7.740   -6.489  1.00 33.18 ? 201 HOH A O   1 
HETATM 957 O O   . HOH B 2 .   ? -5.976  13.763  5.216   1.00 37.94 ? 202 HOH A O   1 
HETATM 958 O O   . HOH B 2 .   ? -13.117 1.606   -14.226 1.00 38.48 ? 203 HOH A O   1 
HETATM 959 O O   . HOH B 2 .   ? -11.276 12.117  2.659   1.00 38.20 ? 204 HOH A O   1 
HETATM 960 O O   . HOH B 2 .   ? -9.482  -6.617  15.418  1.00 48.22 ? 205 HOH A O   1 
# 
